data_9QX1
#
_entry.id   9QX1
#
_cell.length_a   1.00
_cell.length_b   1.00
_cell.length_c   1.00
_cell.angle_alpha   90.00
_cell.angle_beta   90.00
_cell.angle_gamma   90.00
#
_symmetry.space_group_name_H-M   'P 1'
#
loop_
_entity.id
_entity.type
_entity.pdbx_description
1 polymer 'UBR-type domain-containing protein'
2 polymer KCMF1
3 non-polymer 'ZINC ION'
#
loop_
_entity_poly.entity_id
_entity_poly.type
_entity_poly.pdbx_seq_one_letter_code
_entity_poly.pdbx_strand_id
1 'polypeptide(L)'
;MDPRETAIGLVRYVTENAAKDFDGESIAAIIYRLRVVENYVSSDVDIICEAMRILIKKLVNLPPITFSPDVWMPIMTSIT
EGAIEPQWRIMMESIDISKFSSTSSNFVHMDSITASSTKCSEQITSICKGFALEFGLTRRLFSAIWNTDLEETARKMMNQ
EWDSVKIDSSPDSAKQAAGLIEKSIFDLFSEMKDHETFANELYYAALARILNNSRRLQENKKPAIQDSEDISFYESSLHI
YDELIKKLWPHLSKKDPNVKKNTLIIFEKLISLSPTDVLVQRITEKFIDSCEWLKISGEEICTSMEPRLWKIVGSLVSRI
LDLKKTIPYEIVSYAIAVHITQEVTLASPEVSDCGPDSFDSTCDQPSNMKERFLRHMVDSYFQTRSSLLSIIQFLRTAKS
SEEIVQFMRVFYPELVFGNETLITHAAIEMLRESASHHSIKADDFISIVLSVIDAPAIVRIIDVISCIKDEKVRKEAVEK
TIIRMANDLEDEDQKREGYVNHLHENGSFWNDIAKYADASILDKAGKRFVEVSVDSMDIRSSVLATDIFLTILKLKLTSE
AEREPESCVICNVSYSNIKIDLEKWNKMGNILVECNMVKRSKSEALPLFTIHQLENIDLPMRDLVYVVTQMKFLDTKEGM
ELHRKFYDGLPGVNVIFEKFMSKSHKIELCMKLLDEFAKIIAINEKSLIFSLDHENILDWLEEIGVLDSPQITEKLVDIC
FSIEVWDVLTLLQLDGPECHYWDLQMFGRFWKTSLMDLLDEKMMKKVNEKMGSILKEQYDKQSHVAKATREKRSNGKFPN
RPKVADWEEQLLLMHNRIAGHLTKKKVEDFADESTQKFTWLLGVCSGQMSYKKEVAVDAEKILSRLYPDAEKRNEVLYHF
GVSSILKGLDRPRGKLSLHILFMQIYLDLVQIDSKSWKIDDSVQKLSRRLGGFNEWLMIVDEEKREDDGGFRIYIVLNLS
HYFWELLEGCKASQVVDAHAILKIRKFAEVLASILDKITFWPNPKLHAYYYIAQFLEPLETIFHFPEIAEQNRKVIESFF
KQLFDKLLEQKYQEGLLQDTKLIIQKTDKYLSSSLNLFNEYNTQEPSKIYPVNEIFSLFCRYGSENVHLYCLKMIKKSLQ
TLASNILEHEHILKGEVCIETELQKRLVCDAVLLTEFFGYFSCIYAQVSENQPSEHDDVAKAFMLLDSDIHLKTKSRKRS
TQNSVAVGSHRHQTAENMDLNFCTYKSTGRAYVTQHWYNCYTCNMMESEGVCSVCAINCHRGHDLAYSKKGSFFCDCGEK
KCGAMQGIYHLPNSMYSLRGQLPEKNGDKTLPKIRNVFEHRFENLNSNCCDELKSALNDVQEEFKEVQDDLEQILEAVDF
ANQKALQVTEERLAVLESFNDMDDVIISEKEKFIEPLESGHFLPTRRDDLPVQELRVASSQHKIRELSDIIKLDDGTELL
VLIPESIQTCLQLHYMDTRTNLIQGMHALRTETEQIPFNARSLHVSGNRLVVCGQYEFFALRFSPQGDVIDRAHIKLLEN
GASSSMNNNPVVRAKFCREIESDKRRRQLIAVATMQYIRIYDLTLHETNFVEEMVLPAGNVEDVEIINQEDGNVRILVLS
SSGYLYEHNISVFNAENNSIFLTNVVNTPGMDMNGDGVSLHYSSTFNLLFVSLENGAFVAQLPEPTGNSTAPIYDWKHLN
IKNPVDAWKETSGIIACLSTNCNHQVNYFHPTVGKILLQKTSVKRSIMTYFLMTSAKNQSVYSVLIYPNVPTCEIWETSW
NNVHDLWIDDVPTERYAVEVVEQKSTQIPIDRDELVLLAEQCEQIRTVDWNCREIGMFYTHEELNNRLSSSDSLPITLIQ
QTHFKLSARITNFRQIVRMIRVEVEGNTGPEYLKIGTTRYSISSRGPKTFDLRLSREESLALDHRDITIEVIPRSNQNRV
TLKSLRLLGCDRSAMDEIQPRYERQPILTNSNKLVYSILEFATLSGLEWAGNMAKKHLSRKLNHPAVCSVSTRAIVKCHP
SVDEELFKIIDGAYLQEWKALIDWTESEGFGEMRLHHVEQLLDRMEAVRTRWPYFVKSLKREFGTVTSFVELMRNEMKRM
PLHRCQMMAQAIVKIVFGLLSNGTNEAEQLIHVFLNIFTDQDTYHLANDMRSAVQETISRFENALKEEKKLMVEHENMDK
ESVLRIKNYGFSPFYGAPRIIAKTPESMLIAKIAETIPIDSEENFKWLEQLISMILEKLTRSNSTVTWQNLSDSPSYNLS
RVLASCLAICDPVIIRNHFSRLIHIIKYDVEKIFPMSEKSYSNYSLLRSVELLLFVCLEKRGDESKENQEMLDSIVHDLQ
AVGIRNLCLKILEKVIPHWKDRGPSTFSRNSAESRKVWLPHVPLVSSSANPPNTSIMNWPSTSEDSYIIACTDLILLIPQ
HLQELDRRKSVPRDDQWIQKLCQLASLSSGCSAYRQCKKLLLAMCHNDENKYKIMRDKYKMQDLLQQLVKKYLDVSKEVG
GHQQLTEIVDVLASITKLALIRPDMWRDVCSTHTTWLLRLACYTTDVVASQVVELLIVAVRDSSVGGQLSIQLADSIVEA
ENGEFIEKIIKRFLIGRDEQLRWTLHGMLRSVIQLASRQNQCILVKKLYNTIYPLAANLGVQGAQLVDLIATYAPRVFSS
TELVAMTQSEISTIEKIRNTLNGDGYQGMYKLMSDLGLGWKSINFDRNPCLVCFTSKGSHDVVKMTSIKSDIRYSANTII
YKLISNYEVSKVTIKLTELKKSKSIKKVSLYYSAKSVESVDLKLHPELWRKCAMVTVAENETVINLSLAVPVVTSSLIVE
FEEVVDHRGSSQLHCPRCTVPVRTHSGVCESCGENAFQCAKCRAINYVEKEPFLCQSCGFCKYAQISLFVVCRALPGAQH
ITCDAERGQCVQEITQLLIKMETTKTKLTGYRAACESLYLRNRPLPPYKLHVENNHTSEFFDANGTMNIEQLPFQSITMP
MNNLAVAIRTLHSELCQQTQQLMYLHEELNRYDHASEVSVVFHKPQNISYYSTGQSCFGCLCNQLLHSVALLHSSCDDEN
ALNLILSSDSLIEKLGVLAQTYETLREEVEELLVRLMFDRLDVTTKVEKLIHTGDINLSVMVKSLMYAADPTWQQKLKLL
IRLAMDKRDENCCLQALMVLSKYLEATKSVTLDERKKIKLTPNKNITKWLTTDEEWKDCFSVASTSTAPTKSLPSNPYQW
ITDCLFSQWMSVRSAANQLLVNLSRQQFHEPVALLILCENMSKLSDVPSSVCDQFMCSAHTIIDSSVNTKARLFVQQFHV
YLIKRIHEECAKLHEQSVNLLSDNMFGERLRCFVELLSLLLSGSNVENVLLKAGADDLLIFLLHSTIFLKRIMTRRTRAT
DSSRIALEKLLKRVSCRDGTKLMSVCVESLKLVKDTSTLGIIVGVMMEIMDPQQETEESFLIQIEKDIAQEDFLQGRMTH
NPYNSSDPGMGPLMRDIKNKICRDTEMIALMEDDNGMELLVNGNIISLSLSVRDVYDRLWKRSNNGSPMLIVYRMRGLMG
DAVETFIENFGVADNSEADDEEDEQLVRMTHCLMECGGIDKLMDLLTTNVDSSSGRFLLCYLRKIFERIVKIPIGRKILV
QRRMVERMMSVIRTCCADPTNESKVLIGMELYKVVEFVVSDKHVQDILGGIREDDAMWWFDLFEKRGNEEGSVTELHRKT
AQILDQMTMSIGNIVLGNDASEGVLVKMYEKVLKWEQIDSGAPPSGATDHQNRSRITKKDQIMLMTEQLATITSNIISSA
HGIRLKQKILDSGVISSTCNYLTKDLPNLYQPTESPEWKVFLARPSLKLILTLLAGLARGHQASQKEIAKTTLKLMHRLE
QVASDNSIGTLAENVIEALNEDEEVRNQIKLVRDETEKKKKQMAMLNREKQLTKMRMKVGTGGQIKVSSRTLHNEPSIDD
SDSLPCCICRESVISGDKSAGVYAFAAIDPDSGKTSTVSMMVMVHFNCHKDAIRGGGGRAADEWTRSKLHNAGAKCNVIT
PISMGVVIGDAWIDALHRFENDVGRVSGLAHGVVNRNFVFVDICNLIDRFIYKRSFSNQSEGGGRESNMQYLAILHLLGI
TLPADAELEISAPNHRLIAFLFTELTADSWNDQRNDVLRAGINDAQTNGAPATWDGFKPTLMTWAFVDAYFNKVIKITGE
DRLEWLREHLVETINKTRGFVDDFDSNILPCEDVAEFCDVTGAPIDDVNLFLAGGPPQGSLEVLFQGPAEAAAKEAAAKE
AAAKEAAAKALEAEAAAKEAAAKEAAAKEAAAKAHHHHHHHHHH
;
A,B
2 'polypeptide(L)'
;MVTPLTGTHEGVSCDGCAFTAFAGNRYKCLRCSDYDLCFSCFTTKNYGDQQTIADIPIHDESHPMQLILSSVDFDLVYQG
DPTRHYDERKIVSFTCPYCNITGLTERQFGTHVLSQHPEAPGYSVICPLCIGNTEMEHIQSKETENLSVHWTEIHLHTME
NLFRSTEPITTRPVQRRPMLARRGNRAGVSRTAAQGRPLQDEIEMMTVPLLPGIRSSQRLMTSTGDRPTVVVESAVTHQD
PNVQQVIRPLATIPIYPPTSDESGDETPQPAADSADESEDDNDIQELDDMQPIVEDEALKKDEFWKTLKTRISEEDVDLI
LETMKSTAKVKEDIDDKMPVWTQRPLKRLANAAQVTTTSDSEGDPGWLPLSFETTPIRSTGCGGYWSDKRFLRPRKMQRE
QSVASSNAEIMEKAEIALALIRASCLHEPVFTDPTKPDIALKEALQHLRLGEKPAKMMEYQAAEELVNMPERDPITTGEM
EVEIPDFTARGYGQIVDGNIPLGVVPEADEAITNSEDEEIVGGETSGDDEDEQEDDENDSQDSSVPEEINIDSAWSHPQF
EK
;
C,D
#
loop_
_chem_comp.id
_chem_comp.type
_chem_comp.name
_chem_comp.formula
ZN non-polymer 'ZINC ION' 'Zn 2'
#
# COMPACT_ATOMS: atom_id res chain seq x y z
N ASN A 2450 -43.55 -58.30 -15.78
CA ASN A 2450 -42.45 -57.33 -15.73
C ASN A 2450 -41.09 -58.03 -15.92
N LYS A 2451 -41.05 -59.34 -15.65
CA LYS A 2451 -39.82 -60.09 -15.83
C LYS A 2451 -39.40 -60.12 -17.29
N TYR A 2452 -40.36 -60.18 -18.21
CA TYR A 2452 -40.05 -60.16 -19.63
C TYR A 2452 -39.34 -58.86 -20.02
N LYS A 2453 -39.83 -57.73 -19.51
CA LYS A 2453 -39.19 -56.46 -19.78
C LYS A 2453 -37.78 -56.40 -19.19
N ILE A 2454 -37.59 -56.97 -17.99
CA ILE A 2454 -36.27 -56.99 -17.37
C ILE A 2454 -35.31 -57.81 -18.21
N MET A 2455 -35.74 -58.97 -18.68
CA MET A 2455 -34.88 -59.79 -19.53
C MET A 2455 -34.55 -59.08 -20.84
N ARG A 2456 -35.54 -58.37 -21.40
CA ARG A 2456 -35.30 -57.61 -22.62
C ARG A 2456 -34.27 -56.52 -22.39
N ASP A 2457 -34.36 -55.82 -21.25
CA ASP A 2457 -33.38 -54.79 -20.93
C ASP A 2457 -31.98 -55.40 -20.74
N LYS A 2458 -31.91 -56.56 -20.10
CA LYS A 2458 -30.62 -57.24 -19.95
C LYS A 2458 -30.00 -57.54 -21.30
N TYR A 2459 -30.78 -58.14 -22.20
CA TYR A 2459 -30.26 -58.45 -23.53
C TYR A 2459 -29.86 -57.18 -24.26
N LYS A 2460 -30.65 -56.12 -24.10
CA LYS A 2460 -30.34 -54.86 -24.78
C LYS A 2460 -29.01 -54.30 -24.31
N MET A 2461 -28.75 -54.27 -23.00
CA MET A 2461 -27.48 -53.73 -22.53
C MET A 2461 -26.32 -54.61 -22.96
N GLN A 2462 -26.50 -55.94 -22.89
CA GLN A 2462 -25.40 -56.82 -23.27
C GLN A 2462 -25.08 -56.68 -24.75
N ASP A 2463 -26.10 -56.56 -25.60
CA ASP A 2463 -25.87 -56.32 -27.02
C ASP A 2463 -25.23 -54.95 -27.26
N LEU A 2464 -25.64 -53.93 -26.49
CA LEU A 2464 -25.03 -52.62 -26.64
C LEU A 2464 -23.55 -52.65 -26.28
N LEU A 2465 -23.19 -53.38 -25.23
CA LEU A 2465 -21.78 -53.45 -24.84
C LEU A 2465 -20.98 -54.30 -25.82
N GLN A 2466 -21.61 -55.36 -26.37
CA GLN A 2466 -21.02 -56.06 -27.51
C GLN A 2466 -20.68 -55.09 -28.63
N GLN A 2467 -21.65 -54.24 -28.99
CA GLN A 2467 -21.46 -53.28 -30.07
C GLN A 2467 -20.33 -52.31 -29.73
N LEU A 2468 -20.31 -51.82 -28.49
CA LEU A 2468 -19.28 -50.87 -28.09
C LEU A 2468 -17.90 -51.47 -28.22
N VAL A 2469 -17.72 -52.69 -27.71
CA VAL A 2469 -16.40 -53.32 -27.77
C VAL A 2469 -16.00 -53.59 -29.22
N LYS A 2470 -16.94 -54.11 -30.02
CA LYS A 2470 -16.63 -54.45 -31.41
C LYS A 2470 -16.24 -53.20 -32.20
N LYS A 2471 -17.00 -52.11 -32.04
CA LYS A 2471 -16.70 -50.89 -32.77
C LYS A 2471 -15.41 -50.24 -32.29
N TYR A 2472 -15.13 -50.31 -30.99
CA TYR A 2472 -13.86 -49.78 -30.49
C TYR A 2472 -12.69 -50.53 -31.11
N LEU A 2473 -12.78 -51.86 -31.15
CA LEU A 2473 -11.71 -52.65 -31.75
C LEU A 2473 -11.57 -52.34 -33.24
N ASP A 2474 -12.70 -52.25 -33.95
CA ASP A 2474 -12.66 -51.99 -35.37
C ASP A 2474 -12.04 -50.63 -35.67
N VAL A 2475 -12.38 -49.62 -34.88
CA VAL A 2475 -11.81 -48.30 -35.06
C VAL A 2475 -10.31 -48.32 -34.76
N SER A 2476 -9.91 -49.03 -33.69
CA SER A 2476 -8.50 -49.12 -33.36
C SER A 2476 -7.69 -49.89 -34.40
N LYS A 2477 -8.35 -50.71 -35.22
CA LYS A 2477 -7.62 -51.45 -36.25
C LYS A 2477 -6.92 -50.52 -37.23
N GLU A 2478 -7.62 -49.51 -37.73
CA GLU A 2478 -7.11 -48.59 -38.73
C GLU A 2478 -7.05 -47.18 -38.17
N VAL A 2479 -6.64 -46.23 -39.02
CA VAL A 2479 -6.63 -44.83 -38.64
C VAL A 2479 -8.05 -44.29 -38.78
N GLY A 2480 -8.63 -43.82 -37.68
CA GLY A 2480 -9.99 -43.37 -37.68
C GLY A 2480 -10.14 -41.90 -38.04
N GLY A 2481 -11.40 -41.46 -38.05
CA GLY A 2481 -11.72 -40.07 -38.31
C GLY A 2481 -12.82 -39.56 -37.41
N HIS A 2482 -13.46 -38.45 -37.82
CA HIS A 2482 -14.57 -37.92 -37.03
C HIS A 2482 -15.70 -38.94 -36.90
N GLN A 2483 -16.11 -39.53 -38.02
CA GLN A 2483 -17.24 -40.46 -38.01
C GLN A 2483 -16.93 -41.73 -37.24
N GLN A 2484 -15.65 -42.11 -37.11
CA GLN A 2484 -15.31 -43.40 -36.52
C GLN A 2484 -15.72 -43.48 -35.05
N LEU A 2485 -15.53 -42.41 -34.29
CA LEU A 2485 -15.85 -42.42 -32.87
C LEU A 2485 -17.22 -41.81 -32.55
N THR A 2486 -17.91 -41.27 -33.56
CA THR A 2486 -19.22 -40.68 -33.31
C THR A 2486 -20.22 -41.74 -32.86
N GLU A 2487 -20.32 -42.85 -33.58
CA GLU A 2487 -21.27 -43.88 -33.17
C GLU A 2487 -20.86 -44.50 -31.84
N ILE A 2488 -19.57 -44.49 -31.52
CA ILE A 2488 -19.14 -44.91 -30.19
C ILE A 2488 -19.73 -43.98 -29.14
N VAL A 2489 -19.69 -42.67 -29.41
CA VAL A 2489 -20.26 -41.71 -28.46
C VAL A 2489 -21.76 -41.91 -28.31
N ASP A 2490 -22.48 -42.10 -29.41
CA ASP A 2490 -23.92 -42.35 -29.30
C ASP A 2490 -24.22 -43.66 -28.58
N VAL A 2491 -23.42 -44.70 -28.81
CA VAL A 2491 -23.62 -45.95 -28.09
C VAL A 2491 -23.42 -45.75 -26.59
N LEU A 2492 -22.37 -45.01 -26.21
CA LEU A 2492 -22.10 -44.75 -24.80
C LEU A 2492 -23.23 -43.93 -24.18
N ALA A 2493 -23.73 -42.93 -24.90
CA ALA A 2493 -24.85 -42.14 -24.39
C ALA A 2493 -26.10 -43.00 -24.24
N SER A 2494 -26.32 -43.93 -25.18
CA SER A 2494 -27.49 -44.81 -25.11
C SER A 2494 -27.41 -45.71 -23.88
N ILE A 2495 -26.25 -46.31 -23.63
CA ILE A 2495 -26.14 -47.16 -22.44
C ILE A 2495 -26.22 -46.32 -21.18
N THR A 2496 -25.75 -45.07 -21.23
CA THR A 2496 -25.89 -44.17 -20.09
C THR A 2496 -27.36 -43.90 -19.79
N LYS A 2497 -28.15 -43.66 -20.83
CA LYS A 2497 -29.54 -43.24 -20.65
C LYS A 2497 -30.37 -44.33 -19.97
N LEU A 2498 -30.20 -45.59 -20.34
CA LEU A 2498 -31.01 -46.67 -19.81
C LEU A 2498 -30.38 -47.34 -18.59
N ALA A 2499 -29.12 -47.03 -18.28
CA ALA A 2499 -28.46 -47.60 -17.12
C ALA A 2499 -29.00 -47.09 -15.80
N LEU A 2500 -29.39 -45.81 -15.72
CA LEU A 2500 -29.91 -45.29 -14.47
C LEU A 2500 -31.36 -45.68 -14.24
N ILE A 2501 -31.98 -46.34 -15.23
CA ILE A 2501 -33.28 -46.98 -14.97
C ILE A 2501 -33.12 -48.13 -13.99
N ARG A 2502 -32.13 -48.98 -14.20
CA ARG A 2502 -31.93 -50.16 -13.35
C ARG A 2502 -30.46 -50.24 -12.95
N PRO A 2503 -30.06 -49.45 -11.95
CA PRO A 2503 -28.64 -49.40 -11.57
C PRO A 2503 -28.09 -50.68 -10.98
N ASP A 2504 -28.89 -51.49 -10.28
CA ASP A 2504 -28.38 -52.73 -9.71
C ASP A 2504 -28.00 -53.73 -10.81
N MET A 2505 -28.86 -53.88 -11.80
CA MET A 2505 -28.57 -54.78 -12.91
C MET A 2505 -27.40 -54.29 -13.74
N TRP A 2506 -27.27 -52.97 -13.91
CA TRP A 2506 -26.07 -52.42 -14.55
C TRP A 2506 -24.82 -52.70 -13.71
N ARG A 2507 -24.94 -52.66 -12.38
CA ARG A 2507 -23.81 -53.01 -11.53
C ARG A 2507 -23.39 -54.46 -11.75
N ASP A 2508 -24.37 -55.36 -11.86
CA ASP A 2508 -24.05 -56.76 -12.14
C ASP A 2508 -23.32 -56.91 -13.47
N VAL A 2509 -23.82 -56.23 -14.52
CA VAL A 2509 -23.19 -56.32 -15.83
C VAL A 2509 -21.76 -55.76 -15.78
N CYS A 2510 -21.58 -54.63 -15.10
CA CYS A 2510 -20.24 -54.05 -14.98
C CYS A 2510 -19.29 -54.97 -14.23
N SER A 2511 -19.77 -55.58 -13.15
CA SER A 2511 -18.91 -56.47 -12.37
C SER A 2511 -18.54 -57.72 -13.16
N THR A 2512 -19.40 -58.16 -14.07
CA THR A 2512 -19.06 -59.32 -14.89
C THR A 2512 -17.89 -59.02 -15.82
N HIS A 2513 -17.85 -57.83 -16.41
CA HIS A 2513 -16.83 -57.49 -17.41
C HIS A 2513 -16.06 -56.22 -17.06
N THR A 2514 -15.55 -56.16 -15.83
CA THR A 2514 -14.91 -54.93 -15.35
C THR A 2514 -13.65 -54.58 -16.15
N THR A 2515 -12.88 -55.59 -16.54
CA THR A 2515 -11.57 -55.33 -17.17
C THR A 2515 -11.73 -54.57 -18.48
N TRP A 2516 -12.73 -54.94 -19.28
CA TRP A 2516 -12.93 -54.27 -20.56
C TRP A 2516 -13.28 -52.80 -20.38
N LEU A 2517 -14.17 -52.49 -19.43
CA LEU A 2517 -14.52 -51.10 -19.18
C LEU A 2517 -13.33 -50.32 -18.63
N LEU A 2518 -12.54 -50.94 -17.76
CA LEU A 2518 -11.36 -50.27 -17.23
C LEU A 2518 -10.37 -49.96 -18.34
N ARG A 2519 -10.15 -50.91 -19.25
CA ARG A 2519 -9.26 -50.69 -20.38
C ARG A 2519 -9.78 -49.56 -21.28
N LEU A 2520 -11.08 -49.56 -21.55
CA LEU A 2520 -11.67 -48.52 -22.37
C LEU A 2520 -11.47 -47.15 -21.74
N ALA A 2521 -11.70 -47.04 -20.43
CA ALA A 2521 -11.49 -45.78 -19.74
C ALA A 2521 -10.03 -45.37 -19.74
N CYS A 2522 -9.12 -46.34 -19.66
CA CYS A 2522 -7.70 -46.02 -19.54
C CYS A 2522 -7.12 -45.54 -20.86
N TYR A 2523 -7.53 -46.13 -21.98
CA TYR A 2523 -6.78 -45.94 -23.21
C TYR A 2523 -7.43 -44.97 -24.21
N THR A 2524 -8.75 -44.82 -24.21
CA THR A 2524 -9.40 -44.03 -25.25
C THR A 2524 -9.21 -42.53 -24.99
N THR A 2525 -9.78 -41.71 -25.87
CA THR A 2525 -9.66 -40.27 -25.74
C THR A 2525 -10.51 -39.77 -24.57
N ASP A 2526 -10.50 -38.45 -24.38
CA ASP A 2526 -11.17 -37.86 -23.22
C ASP A 2526 -12.67 -38.07 -23.26
N VAL A 2527 -13.29 -37.93 -24.44
CA VAL A 2527 -14.74 -38.00 -24.53
C VAL A 2527 -15.25 -39.38 -24.15
N VAL A 2528 -14.58 -40.43 -24.64
CA VAL A 2528 -14.99 -41.79 -24.29
C VAL A 2528 -14.65 -42.10 -22.84
N ALA A 2529 -13.44 -41.71 -22.40
CA ALA A 2529 -12.97 -42.08 -21.08
C ALA A 2529 -13.82 -41.44 -19.98
N SER A 2530 -14.23 -40.19 -20.17
CA SER A 2530 -15.06 -39.53 -19.18
C SER A 2530 -16.38 -40.26 -18.98
N GLN A 2531 -17.03 -40.64 -20.08
CA GLN A 2531 -18.30 -41.34 -19.97
C GLN A 2531 -18.12 -42.73 -19.37
N VAL A 2532 -17.03 -43.42 -19.70
CA VAL A 2532 -16.80 -44.73 -19.10
C VAL A 2532 -16.55 -44.61 -17.60
N VAL A 2533 -15.82 -43.57 -17.19
CA VAL A 2533 -15.59 -43.35 -15.76
C VAL A 2533 -16.91 -43.05 -15.04
N GLU A 2534 -17.76 -42.24 -15.66
CA GLU A 2534 -19.08 -41.98 -15.08
C GLU A 2534 -19.90 -43.25 -14.99
N LEU A 2535 -19.80 -44.14 -15.99
CA LEU A 2535 -20.49 -45.42 -15.92
C LEU A 2535 -19.99 -46.25 -14.75
N LEU A 2536 -18.68 -46.30 -14.54
CA LEU A 2536 -18.14 -47.04 -13.41
C LEU A 2536 -18.63 -46.45 -12.08
N ILE A 2537 -18.68 -45.12 -11.98
CA ILE A 2537 -19.17 -44.48 -10.76
C ILE A 2537 -20.63 -44.82 -10.52
N VAL A 2538 -21.44 -44.78 -11.58
CA VAL A 2538 -22.86 -45.12 -11.45
C VAL A 2538 -23.01 -46.57 -11.01
N ALA A 2539 -22.19 -47.46 -11.56
CA ALA A 2539 -22.25 -48.86 -11.15
C ALA A 2539 -21.89 -49.03 -9.68
N VAL A 2540 -20.90 -48.27 -9.20
CA VAL A 2540 -20.41 -48.47 -7.84
C VAL A 2540 -21.32 -47.83 -6.81
N ARG A 2541 -21.55 -46.52 -6.92
CA ARG A 2541 -22.17 -45.80 -5.82
C ARG A 2541 -23.69 -45.96 -5.79
N ASP A 2542 -24.32 -46.13 -6.96
CA ASP A 2542 -25.78 -46.10 -7.02
C ASP A 2542 -26.46 -47.33 -6.44
N SER A 2543 -25.70 -48.39 -6.12
CA SER A 2543 -26.31 -49.56 -5.51
C SER A 2543 -26.70 -49.27 -4.06
N SER A 2544 -27.62 -50.07 -3.55
CA SER A 2544 -28.13 -49.94 -2.20
C SER A 2544 -27.37 -50.79 -1.20
N VAL A 2545 -26.26 -51.41 -1.62
CA VAL A 2545 -25.36 -52.25 -0.83
C VAL A 2545 -26.20 -53.21 0.01
N GLY A 2546 -27.19 -53.83 -0.63
CA GLY A 2546 -27.99 -54.83 0.06
C GLY A 2546 -27.18 -56.06 0.45
N GLY A 2547 -26.25 -56.45 -0.39
CA GLY A 2547 -25.39 -57.59 -0.15
C GLY A 2547 -23.93 -57.19 -0.26
N GLN A 2548 -23.13 -58.11 -0.80
CA GLN A 2548 -21.70 -57.90 -0.97
C GLN A 2548 -21.31 -57.59 -2.41
N LEU A 2549 -22.28 -57.40 -3.32
CA LEU A 2549 -21.96 -57.27 -4.73
C LEU A 2549 -21.11 -56.04 -5.01
N SER A 2550 -21.45 -54.90 -4.40
CA SER A 2550 -20.64 -53.70 -4.58
C SER A 2550 -19.24 -53.89 -4.02
N ILE A 2551 -19.11 -54.66 -2.94
CA ILE A 2551 -17.80 -54.96 -2.38
C ILE A 2551 -16.96 -55.74 -3.40
N GLN A 2552 -17.58 -56.74 -4.05
CA GLN A 2552 -16.87 -57.51 -5.06
C GLN A 2552 -16.49 -56.63 -6.24
N LEU A 2553 -17.38 -55.72 -6.64
CA LEU A 2553 -17.06 -54.82 -7.75
C LEU A 2553 -15.87 -53.92 -7.42
N ALA A 2554 -15.86 -53.35 -6.21
CA ALA A 2554 -14.74 -52.51 -5.80
C ALA A 2554 -13.45 -53.31 -5.73
N ASP A 2555 -13.52 -54.54 -5.19
CA ASP A 2555 -12.32 -55.37 -5.12
C ASP A 2555 -11.81 -55.71 -6.51
N SER A 2556 -12.72 -56.00 -7.45
CA SER A 2556 -12.30 -56.30 -8.81
C SER A 2556 -11.67 -55.09 -9.48
N ILE A 2557 -12.22 -53.89 -9.23
CA ILE A 2557 -11.62 -52.68 -9.79
C ILE A 2557 -10.21 -52.47 -9.25
N VAL A 2558 -10.03 -52.64 -7.94
CA VAL A 2558 -8.72 -52.42 -7.35
C VAL A 2558 -7.72 -53.47 -7.82
N GLU A 2559 -8.15 -54.74 -7.87
CA GLU A 2559 -7.23 -55.83 -8.14
C GLU A 2559 -6.91 -55.99 -9.62
N ALA A 2560 -7.75 -55.44 -10.49
CA ALA A 2560 -7.68 -55.67 -11.92
C ALA A 2560 -6.29 -55.38 -12.48
N GLU A 2561 -5.70 -56.39 -13.12
CA GLU A 2561 -4.39 -56.28 -13.76
C GLU A 2561 -3.33 -55.79 -12.79
N ASN A 2562 -3.36 -56.32 -11.56
CA ASN A 2562 -2.41 -55.94 -10.51
C ASN A 2562 -2.43 -54.44 -10.23
N GLY A 2563 -3.59 -53.82 -10.43
CA GLY A 2563 -3.75 -52.40 -10.20
C GLY A 2563 -3.17 -51.49 -11.25
N GLU A 2564 -2.74 -52.01 -12.39
CA GLU A 2564 -2.20 -51.15 -13.43
C GLU A 2564 -3.25 -50.23 -14.01
N PHE A 2565 -4.46 -50.74 -14.24
CA PHE A 2565 -5.50 -49.95 -14.87
C PHE A 2565 -5.95 -48.80 -13.97
N ILE A 2566 -6.19 -49.10 -12.70
CA ILE A 2566 -6.60 -48.04 -11.77
C ILE A 2566 -5.48 -47.04 -11.57
N GLU A 2567 -4.23 -47.51 -11.55
CA GLU A 2567 -3.10 -46.59 -11.44
C GLU A 2567 -3.04 -45.64 -12.62
N LYS A 2568 -3.24 -46.16 -13.83
CA LYS A 2568 -3.24 -45.31 -15.02
C LYS A 2568 -4.38 -44.32 -15.00
N ILE A 2569 -5.56 -44.76 -14.57
CA ILE A 2569 -6.72 -43.87 -14.51
C ILE A 2569 -6.47 -42.74 -13.52
N ILE A 2570 -5.95 -43.08 -12.34
CA ILE A 2570 -5.63 -42.07 -11.33
C ILE A 2570 -4.57 -41.11 -11.84
N LYS A 2571 -3.53 -41.64 -12.47
CA LYS A 2571 -2.45 -40.79 -12.99
C LYS A 2571 -2.95 -39.85 -14.06
N ARG A 2572 -3.94 -40.28 -14.84
CA ARG A 2572 -4.43 -39.45 -15.95
C ARG A 2572 -5.46 -38.43 -15.51
N PHE A 2573 -6.38 -38.78 -14.61
CA PHE A 2573 -7.52 -37.92 -14.31
C PHE A 2573 -7.43 -37.22 -12.95
N LEU A 2574 -6.92 -37.89 -11.91
CA LEU A 2574 -6.95 -37.30 -10.58
C LEU A 2574 -6.03 -36.09 -10.46
N ILE A 2575 -4.92 -36.08 -11.19
CA ILE A 2575 -3.97 -34.97 -11.13
C ILE A 2575 -3.86 -34.32 -12.49
N GLY A 2576 -4.95 -34.34 -13.26
CA GLY A 2576 -4.97 -33.82 -14.60
C GLY A 2576 -5.23 -32.33 -14.65
N ARG A 2577 -5.36 -31.83 -15.88
CA ARG A 2577 -5.58 -30.39 -16.10
C ARG A 2577 -7.00 -29.98 -15.74
N ASP A 2578 -7.99 -30.79 -16.12
CA ASP A 2578 -9.39 -30.44 -15.92
C ASP A 2578 -9.78 -30.64 -14.47
N GLU A 2579 -10.41 -29.63 -13.87
CA GLU A 2579 -10.78 -29.70 -12.46
C GLU A 2579 -12.01 -30.58 -12.24
N GLN A 2580 -12.97 -30.55 -13.16
CA GLN A 2580 -14.16 -31.37 -13.02
C GLN A 2580 -13.81 -32.85 -13.00
N LEU A 2581 -12.90 -33.27 -13.87
CA LEU A 2581 -12.47 -34.66 -13.86
C LEU A 2581 -11.70 -35.00 -12.59
N ARG A 2582 -10.95 -34.04 -12.04
CA ARG A 2582 -10.28 -34.27 -10.77
C ARG A 2582 -11.29 -34.52 -9.65
N TRP A 2583 -12.36 -33.71 -9.60
CA TRP A 2583 -13.40 -33.94 -8.60
C TRP A 2583 -14.12 -35.28 -8.84
N THR A 2584 -14.35 -35.62 -10.11
CA THR A 2584 -15.01 -36.87 -10.44
C THR A 2584 -14.19 -38.07 -9.94
N LEU A 2585 -12.88 -38.05 -10.21
CA LEU A 2585 -12.02 -39.12 -9.73
C LEU A 2585 -11.88 -39.10 -8.22
N HIS A 2586 -11.94 -37.92 -7.60
CA HIS A 2586 -11.94 -37.85 -6.14
C HIS A 2586 -13.15 -38.57 -5.57
N GLY A 2587 -14.32 -38.34 -6.15
CA GLY A 2587 -15.53 -39.05 -5.71
C GLY A 2587 -15.44 -40.54 -5.96
N MET A 2588 -14.95 -40.95 -7.13
CA MET A 2588 -14.81 -42.37 -7.43
C MET A 2588 -13.87 -43.06 -6.44
N LEU A 2589 -12.74 -42.42 -6.15
CA LEU A 2589 -11.80 -42.98 -5.19
C LEU A 2589 -12.40 -43.05 -3.79
N ARG A 2590 -13.16 -42.02 -3.41
CA ARG A 2590 -13.85 -42.07 -2.12
C ARG A 2590 -14.76 -43.29 -2.04
N SER A 2591 -15.59 -43.49 -3.06
CA SER A 2591 -16.51 -44.62 -3.05
C SER A 2591 -15.76 -45.96 -3.01
N VAL A 2592 -14.72 -46.09 -3.84
CA VAL A 2592 -13.99 -47.36 -3.90
C VAL A 2592 -13.32 -47.66 -2.58
N ILE A 2593 -12.67 -46.65 -1.96
CA ILE A 2593 -12.00 -46.88 -0.69
C ILE A 2593 -13.01 -47.21 0.40
N GLN A 2594 -14.14 -46.52 0.45
CA GLN A 2594 -15.14 -46.85 1.47
C GLN A 2594 -15.72 -48.25 1.27
N LEU A 2595 -15.78 -48.70 0.02
CA LEU A 2595 -16.52 -49.92 -0.32
C LEU A 2595 -15.64 -51.15 -0.48
N ALA A 2596 -14.34 -51.05 -0.23
CA ALA A 2596 -13.42 -52.16 -0.48
C ALA A 2596 -13.01 -52.83 0.83
N SER A 2597 -12.22 -53.90 0.71
CA SER A 2597 -11.73 -54.63 1.86
C SER A 2597 -10.50 -53.93 2.46
N ARG A 2598 -10.07 -54.41 3.62
CA ARG A 2598 -8.98 -53.76 4.34
C ARG A 2598 -7.67 -53.82 3.54
N GLN A 2599 -7.34 -55.00 3.01
CA GLN A 2599 -6.09 -55.14 2.26
C GLN A 2599 -6.10 -54.28 1.01
N ASN A 2600 -7.23 -54.23 0.31
CA ASN A 2600 -7.32 -53.41 -0.88
C ASN A 2600 -7.27 -51.92 -0.54
N GLN A 2601 -7.89 -51.52 0.58
CA GLN A 2601 -7.79 -50.13 1.02
C GLN A 2601 -6.33 -49.76 1.27
N CYS A 2602 -5.59 -50.64 1.97
CA CYS A 2602 -4.19 -50.37 2.23
C CYS A 2602 -3.39 -50.29 0.94
N ILE A 2603 -3.61 -51.22 0.01
CA ILE A 2603 -2.88 -51.22 -1.24
C ILE A 2603 -3.13 -49.93 -2.00
N LEU A 2604 -4.39 -49.50 -2.07
CA LEU A 2604 -4.73 -48.29 -2.81
C LEU A 2604 -4.10 -47.05 -2.17
N VAL A 2605 -4.11 -46.96 -0.83
CA VAL A 2605 -3.55 -45.78 -0.19
C VAL A 2605 -2.03 -45.74 -0.34
N LYS A 2606 -1.35 -46.88 -0.18
CA LYS A 2606 0.10 -46.89 -0.42
C LYS A 2606 0.42 -46.56 -1.87
N LYS A 2607 -0.42 -47.01 -2.80
CA LYS A 2607 -0.20 -46.66 -4.21
C LYS A 2607 -0.38 -45.16 -4.43
N LEU A 2608 -1.38 -44.56 -3.78
CA LEU A 2608 -1.61 -43.13 -3.94
C LEU A 2608 -0.44 -42.32 -3.39
N TYR A 2609 0.13 -42.74 -2.26
CA TYR A 2609 1.18 -41.94 -1.66
C TYR A 2609 2.55 -42.20 -2.27
N ASN A 2610 2.94 -43.47 -2.43
CA ASN A 2610 4.29 -43.80 -2.85
C ASN A 2610 4.53 -43.54 -4.33
N THR A 2611 3.49 -43.59 -5.16
CA THR A 2611 3.66 -43.50 -6.60
C THR A 2611 3.04 -42.25 -7.20
N ILE A 2612 1.76 -42.00 -6.96
CA ILE A 2612 1.07 -40.88 -7.61
C ILE A 2612 1.55 -39.54 -7.04
N TYR A 2613 1.77 -39.48 -5.73
CA TYR A 2613 2.13 -38.20 -5.10
C TYR A 2613 3.43 -37.59 -5.65
N PRO A 2614 4.52 -38.34 -5.85
CA PRO A 2614 5.72 -37.69 -6.39
C PRO A 2614 5.51 -37.04 -7.76
N LEU A 2615 4.58 -37.56 -8.56
CA LEU A 2615 4.37 -37.00 -9.90
C LEU A 2615 3.77 -35.61 -9.85
N ALA A 2616 2.94 -35.33 -8.84
CA ALA A 2616 2.31 -34.02 -8.70
C ALA A 2616 3.14 -33.05 -7.90
N ALA A 2617 4.45 -33.25 -7.83
CA ALA A 2617 5.31 -32.41 -6.99
C ALA A 2617 5.35 -30.97 -7.50
N ASN A 2618 5.44 -30.78 -8.81
CA ASN A 2618 5.58 -29.45 -9.39
C ASN A 2618 4.27 -28.89 -9.93
N LEU A 2619 3.14 -29.53 -9.66
CA LEU A 2619 1.83 -29.01 -10.01
C LEU A 2619 1.19 -28.47 -8.74
N GLY A 2620 0.91 -27.17 -8.72
CA GLY A 2620 0.48 -26.52 -7.50
C GLY A 2620 -0.87 -26.95 -6.98
N VAL A 2621 -1.94 -26.58 -7.69
CA VAL A 2621 -3.29 -26.87 -7.24
C VAL A 2621 -3.85 -28.15 -7.85
N GLN A 2622 -3.13 -28.77 -8.78
CA GLN A 2622 -3.61 -30.00 -9.40
C GLN A 2622 -3.47 -31.21 -8.49
N GLY A 2623 -2.68 -31.10 -7.42
CA GLY A 2623 -2.52 -32.21 -6.50
C GLY A 2623 -3.33 -32.06 -5.23
N ALA A 2624 -4.32 -31.18 -5.24
CA ALA A 2624 -5.09 -30.90 -4.03
C ALA A 2624 -5.97 -32.08 -3.65
N GLN A 2625 -6.70 -32.66 -4.61
CA GLN A 2625 -7.62 -33.74 -4.30
C GLN A 2625 -6.89 -35.00 -3.83
N LEU A 2626 -5.76 -35.30 -4.47
CA LEU A 2626 -4.96 -36.45 -4.07
C LEU A 2626 -4.43 -36.28 -2.65
N VAL A 2627 -3.93 -35.09 -2.34
CA VAL A 2627 -3.42 -34.82 -1.00
C VAL A 2627 -4.55 -34.91 0.02
N ASP A 2628 -5.74 -34.44 -0.35
CA ASP A 2628 -6.89 -34.55 0.54
C ASP A 2628 -7.22 -36.00 0.84
N LEU A 2629 -7.23 -36.85 -0.19
CA LEU A 2629 -7.51 -38.26 0.01
C LEU A 2629 -6.46 -38.92 0.90
N ILE A 2630 -5.18 -38.62 0.65
CA ILE A 2630 -4.13 -39.21 1.47
C ILE A 2630 -4.25 -38.75 2.91
N ALA A 2631 -4.46 -37.45 3.13
CA ALA A 2631 -4.59 -36.92 4.48
C ALA A 2631 -5.81 -37.47 5.21
N THR A 2632 -6.88 -37.80 4.49
CA THR A 2632 -8.04 -38.43 5.11
C THR A 2632 -7.83 -39.89 5.46
N TYR A 2633 -7.17 -40.67 4.61
CA TYR A 2633 -7.16 -42.12 4.78
C TYR A 2633 -5.85 -42.72 5.26
N ALA A 2634 -4.76 -41.97 5.29
CA ALA A 2634 -3.50 -42.52 5.78
C ALA A 2634 -3.52 -42.89 7.25
N PRO A 2635 -3.99 -42.04 8.17
CA PRO A 2635 -3.90 -42.41 9.60
C PRO A 2635 -4.69 -43.65 9.97
N ARG A 2636 -5.65 -44.07 9.16
CA ARG A 2636 -6.45 -45.26 9.46
C ARG A 2636 -5.88 -46.54 8.88
N VAL A 2637 -5.10 -46.46 7.81
CA VAL A 2637 -4.60 -47.67 7.14
C VAL A 2637 -3.08 -47.80 7.22
N PHE A 2638 -2.36 -46.77 7.66
CA PHE A 2638 -0.91 -46.83 7.74
C PHE A 2638 -0.48 -47.30 9.12
N SER A 2639 0.68 -47.95 9.16
CA SER A 2639 1.30 -48.30 10.43
C SER A 2639 2.03 -47.07 11.00
N SER A 2640 2.48 -47.19 12.24
CA SER A 2640 3.17 -46.08 12.89
C SER A 2640 4.48 -45.75 12.19
N THR A 2641 5.24 -46.77 11.79
CA THR A 2641 6.50 -46.52 11.11
C THR A 2641 6.30 -45.80 9.78
N GLU A 2642 5.27 -46.21 9.03
CA GLU A 2642 5.00 -45.57 7.75
C GLU A 2642 4.57 -44.11 7.96
N LEU A 2643 3.76 -43.84 8.97
CA LEU A 2643 3.37 -42.47 9.28
C LEU A 2643 4.57 -41.63 9.66
N VAL A 2644 5.49 -42.20 10.45
CA VAL A 2644 6.69 -41.46 10.82
C VAL A 2644 7.54 -41.15 9.59
N ALA A 2645 7.68 -42.12 8.70
CA ALA A 2645 8.46 -41.89 7.47
C ALA A 2645 7.82 -40.79 6.62
N MET A 2646 6.50 -40.82 6.49
CA MET A 2646 5.81 -39.77 5.74
C MET A 2646 6.01 -38.41 6.39
N THR A 2647 5.95 -38.35 7.72
CA THR A 2647 6.17 -37.09 8.42
C THR A 2647 7.57 -36.56 8.16
N GLN A 2648 8.57 -37.44 8.21
CA GLN A 2648 9.94 -37.02 7.93
C GLN A 2648 10.09 -36.51 6.50
N SER A 2649 9.47 -37.19 5.54
CA SER A 2649 9.53 -36.75 4.15
C SER A 2649 8.89 -35.37 3.98
N GLU A 2650 7.75 -35.14 4.64
CA GLU A 2650 7.09 -33.85 4.51
C GLU A 2650 7.88 -32.74 5.19
N ILE A 2651 8.54 -33.05 6.30
CA ILE A 2651 9.43 -32.07 6.93
C ILE A 2651 10.56 -31.71 5.98
N SER A 2652 11.15 -32.70 5.32
CA SER A 2652 12.22 -32.42 4.36
C SER A 2652 11.72 -31.55 3.22
N THR A 2653 10.52 -31.82 2.71
CA THR A 2653 9.94 -31.00 1.65
C THR A 2653 9.75 -29.55 2.13
N ILE A 2654 9.25 -29.39 3.35
CA ILE A 2654 9.04 -28.04 3.89
C ILE A 2654 10.37 -27.29 3.98
N GLU A 2655 11.42 -27.97 4.46
CA GLU A 2655 12.72 -27.32 4.56
C GLU A 2655 13.26 -26.93 3.18
N LYS A 2656 13.11 -27.81 2.19
CA LYS A 2656 13.58 -27.50 0.85
C LYS A 2656 12.86 -26.29 0.27
N ILE A 2657 11.54 -26.23 0.44
CA ILE A 2657 10.79 -25.09 -0.09
C ILE A 2657 11.15 -23.81 0.65
N ARG A 2658 11.38 -23.91 1.97
CA ARG A 2658 11.80 -22.72 2.71
C ARG A 2658 13.13 -22.20 2.20
N ASN A 2659 14.08 -23.10 1.93
CA ASN A 2659 15.36 -22.66 1.38
C ASN A 2659 15.17 -22.01 0.01
N THR A 2660 14.32 -22.61 -0.83
CA THR A 2660 14.09 -22.04 -2.16
C THR A 2660 13.47 -20.65 -2.06
N LEU A 2661 12.49 -20.47 -1.17
CA LEU A 2661 11.86 -19.17 -1.00
C LEU A 2661 12.85 -18.14 -0.46
N ASN A 2662 13.69 -18.54 0.50
CA ASN A 2662 14.64 -17.61 1.09
C ASN A 2662 15.80 -17.30 0.16
N GLY A 2663 16.04 -18.13 -0.85
CA GLY A 2663 17.22 -17.95 -1.69
C GLY A 2663 17.04 -17.11 -2.94
N ASP A 2664 15.87 -17.19 -3.57
CA ASP A 2664 15.64 -16.53 -4.86
C ASP A 2664 15.06 -15.13 -4.71
N GLY A 2665 15.07 -14.58 -3.50
CA GLY A 2665 14.60 -13.22 -3.28
C GLY A 2665 13.12 -13.03 -3.50
N TYR A 2666 12.30 -14.00 -3.10
CA TYR A 2666 10.85 -13.84 -3.21
C TYR A 2666 10.29 -12.88 -2.18
N GLN A 2667 10.96 -12.71 -1.03
CA GLN A 2667 10.42 -11.89 0.04
C GLN A 2667 10.35 -10.42 -0.35
N GLY A 2668 11.45 -9.87 -0.86
CA GLY A 2668 11.47 -8.48 -1.24
C GLY A 2668 10.50 -8.17 -2.38
N MET A 2669 10.41 -9.07 -3.35
CA MET A 2669 9.55 -8.81 -4.50
C MET A 2669 8.08 -8.96 -4.11
N TYR A 2670 7.80 -9.90 -3.20
CA TYR A 2670 6.49 -10.01 -2.59
C TYR A 2670 6.10 -8.72 -1.87
N LYS A 2671 7.02 -8.16 -1.10
CA LYS A 2671 6.75 -6.88 -0.44
C LYS A 2671 6.51 -5.78 -1.45
N LEU A 2672 7.28 -5.77 -2.54
CA LEU A 2672 7.11 -4.77 -3.58
C LEU A 2672 5.71 -4.85 -4.21
N MET A 2673 5.26 -6.06 -4.55
CA MET A 2673 3.94 -6.21 -5.15
C MET A 2673 2.81 -5.97 -4.16
N SER A 2674 3.04 -6.24 -2.87
CA SER A 2674 2.04 -5.94 -1.86
C SER A 2674 1.91 -4.46 -1.58
N ASP A 2675 3.01 -3.71 -1.63
CA ASP A 2675 2.96 -2.28 -1.37
C ASP A 2675 2.38 -1.48 -2.52
N LEU A 2676 2.52 -1.95 -3.75
CA LEU A 2676 1.95 -1.24 -4.89
C LEU A 2676 0.48 -1.58 -5.14
N GLY A 2677 -0.03 -2.63 -4.48
CA GLY A 2677 -1.41 -3.03 -4.66
C GLY A 2677 -1.69 -3.89 -5.87
N LEU A 2678 -0.65 -4.38 -6.56
CA LEU A 2678 -0.88 -5.23 -7.72
C LEU A 2678 -1.26 -6.65 -7.30
N GLY A 2679 -0.81 -7.08 -6.13
CA GLY A 2679 -1.18 -8.39 -5.60
C GLY A 2679 -0.05 -9.39 -5.67
N TRP A 2680 -0.16 -10.43 -4.85
CA TRP A 2680 0.87 -11.46 -4.79
C TRP A 2680 0.85 -12.41 -5.98
N LYS A 2681 -0.18 -12.36 -6.83
CA LYS A 2681 -0.27 -13.23 -7.98
C LYS A 2681 0.53 -12.73 -9.16
N SER A 2682 1.20 -11.58 -9.04
CA SER A 2682 2.02 -11.01 -10.10
C SER A 2682 3.46 -10.85 -9.65
N ILE A 2683 4.00 -11.89 -9.00
CA ILE A 2683 5.36 -11.81 -8.47
C ILE A 2683 6.37 -11.59 -9.60
N ASN A 2684 6.27 -12.39 -10.65
CA ASN A 2684 7.18 -12.26 -11.81
C ASN A 2684 6.31 -12.29 -13.06
N PHE A 2685 5.79 -11.14 -13.46
CA PHE A 2685 4.90 -11.10 -14.61
C PHE A 2685 5.65 -10.97 -15.94
N ASP A 2686 6.95 -10.74 -15.90
CA ASP A 2686 7.78 -10.76 -17.11
C ASP A 2686 8.37 -12.15 -17.37
N ARG A 2687 8.03 -13.12 -16.54
CA ARG A 2687 8.49 -14.50 -16.65
C ARG A 2687 7.62 -15.27 -17.63
N ASN A 2688 8.12 -16.42 -18.07
CA ASN A 2688 7.30 -17.34 -18.85
C ASN A 2688 6.10 -17.78 -18.01
N PRO A 2689 4.88 -17.64 -18.52
CA PRO A 2689 3.70 -17.87 -17.67
C PRO A 2689 3.61 -19.30 -17.17
N CYS A 2690 3.15 -19.43 -15.93
CA CYS A 2690 2.83 -20.72 -15.35
C CYS A 2690 1.49 -21.18 -15.91
N LEU A 2691 1.47 -22.37 -16.51
CA LEU A 2691 0.24 -22.87 -17.12
C LEU A 2691 -0.76 -23.37 -16.09
N VAL A 2692 -0.30 -23.81 -14.91
CA VAL A 2692 -1.23 -24.22 -13.87
C VAL A 2692 -2.03 -23.02 -13.37
N CYS A 2693 -1.36 -21.89 -13.15
CA CYS A 2693 -2.02 -20.72 -12.58
C CYS A 2693 -2.72 -19.85 -13.60
N PHE A 2694 -2.38 -19.98 -14.88
CA PHE A 2694 -3.07 -19.27 -15.96
C PHE A 2694 -3.57 -20.31 -16.94
N THR A 2695 -4.85 -20.69 -16.77
CA THR A 2695 -5.43 -21.80 -17.53
C THR A 2695 -5.90 -21.39 -18.92
N SER A 2696 -5.98 -20.09 -19.20
CA SER A 2696 -6.41 -19.59 -20.51
C SER A 2696 -7.77 -20.15 -20.93
N ALA A 2878 -3.39 -23.96 -37.52
CA ALA A 2878 -2.46 -24.39 -38.54
C ALA A 2878 -3.04 -25.52 -39.39
N GLN A 2879 -2.99 -25.35 -40.71
CA GLN A 2879 -3.51 -26.35 -41.62
C GLN A 2879 -2.76 -27.68 -41.45
N HIS A 2880 -3.50 -28.78 -41.57
CA HIS A 2880 -2.90 -30.10 -41.49
C HIS A 2880 -1.80 -30.25 -42.54
N ILE A 2881 -0.58 -30.52 -42.08
CA ILE A 2881 0.55 -30.61 -43.00
C ILE A 2881 0.37 -31.82 -43.90
N THR A 2882 0.55 -31.62 -45.20
CA THR A 2882 0.44 -32.68 -46.19
C THR A 2882 1.70 -32.84 -47.02
N CYS A 2883 2.35 -31.76 -47.40
CA CYS A 2883 3.60 -31.77 -48.14
C CYS A 2883 4.68 -31.06 -47.35
N ASP A 2884 5.89 -31.03 -47.93
CA ASP A 2884 7.01 -30.39 -47.24
C ASP A 2884 6.92 -28.86 -47.26
N ALA A 2885 6.23 -28.28 -48.24
CA ALA A 2885 6.10 -26.83 -48.29
C ALA A 2885 5.33 -26.30 -47.09
N GLU A 2886 4.24 -26.97 -46.72
CA GLU A 2886 3.49 -26.57 -45.54
C GLU A 2886 4.31 -26.75 -44.27
N ARG A 2887 5.17 -27.77 -44.22
CA ARG A 2887 6.05 -27.93 -43.07
C ARG A 2887 7.04 -26.77 -42.98
N GLY A 2888 7.59 -26.35 -44.12
CA GLY A 2888 8.45 -25.18 -44.12
C GLY A 2888 7.73 -23.93 -43.66
N GLN A 2889 6.47 -23.78 -44.09
CA GLN A 2889 5.67 -22.64 -43.63
C GLN A 2889 5.46 -22.69 -42.12
N CYS A 2890 5.20 -23.87 -41.58
CA CYS A 2890 5.04 -24.01 -40.13
C CYS A 2890 6.33 -23.66 -39.40
N VAL A 2891 7.47 -24.09 -39.94
CA VAL A 2891 8.75 -23.76 -39.32
C VAL A 2891 8.96 -22.25 -39.32
N GLN A 2892 8.64 -21.59 -40.44
CA GLN A 2892 8.78 -20.14 -40.50
C GLN A 2892 7.85 -19.45 -39.51
N GLU A 2893 6.64 -19.99 -39.34
CA GLU A 2893 5.72 -19.42 -38.36
C GLU A 2893 6.28 -19.53 -36.94
N ILE A 2894 6.88 -20.68 -36.63
CA ILE A 2894 7.52 -20.85 -35.32
C ILE A 2894 8.64 -19.82 -35.15
N THR A 2895 9.44 -19.62 -36.21
CA THR A 2895 10.54 -18.68 -36.15
C THR A 2895 10.05 -17.26 -35.85
N GLN A 2896 8.95 -16.86 -36.50
CA GLN A 2896 8.39 -15.53 -36.24
C GLN A 2896 7.81 -15.44 -34.83
N LEU A 2897 7.15 -16.51 -34.37
CA LEU A 2897 6.53 -16.49 -33.05
C LEU A 2897 7.57 -16.36 -31.95
N LEU A 2898 8.75 -16.94 -32.15
CA LEU A 2898 9.81 -16.78 -31.15
C LEU A 2898 10.19 -15.32 -30.99
N ILE A 2899 10.34 -14.60 -32.10
CA ILE A 2899 10.67 -13.18 -32.05
C ILE A 2899 9.56 -12.41 -31.34
N LYS A 2900 8.31 -12.73 -31.66
CA LYS A 2900 7.19 -12.02 -31.03
C LYS A 2900 7.19 -12.23 -29.52
N MET A 2901 7.42 -13.48 -29.07
CA MET A 2901 7.45 -13.75 -27.64
C MET A 2901 8.59 -13.02 -26.95
N GLU A 2902 9.75 -12.98 -27.60
CA GLU A 2902 10.89 -12.26 -27.00
C GLU A 2902 10.57 -10.78 -26.84
N THR A 2903 9.95 -10.17 -27.85
CA THR A 2903 9.60 -8.75 -27.76
C THR A 2903 8.59 -8.51 -26.64
N THR A 2904 7.59 -9.39 -26.52
CA THR A 2904 6.61 -9.22 -25.45
C THR A 2904 7.25 -9.32 -24.07
N LYS A 2905 8.17 -10.28 -23.90
CA LYS A 2905 8.85 -10.42 -22.62
C LYS A 2905 9.71 -9.19 -22.31
N THR A 2906 10.36 -8.63 -23.33
CA THR A 2906 11.15 -7.42 -23.11
C THR A 2906 10.27 -6.25 -22.66
N LYS A 2907 9.09 -6.11 -23.28
CA LYS A 2907 8.18 -5.05 -22.85
C LYS A 2907 7.74 -5.26 -21.40
N LEU A 2908 7.45 -6.51 -21.03
CA LEU A 2908 7.06 -6.79 -19.65
C LEU A 2908 8.19 -6.47 -18.68
N THR A 2909 9.43 -6.75 -19.08
CA THR A 2909 10.57 -6.40 -18.24
C THR A 2909 10.69 -4.89 -18.04
N GLY A 2910 10.46 -4.12 -19.10
CA GLY A 2910 10.47 -2.67 -18.95
C GLY A 2910 9.40 -2.19 -17.98
N TYR A 2911 8.20 -2.76 -18.09
CA TYR A 2911 7.13 -2.38 -17.17
C TYR A 2911 7.47 -2.77 -15.73
N ARG A 2912 8.13 -3.92 -15.55
CA ARG A 2912 8.53 -4.32 -14.20
C ARG A 2912 9.57 -3.36 -13.62
N ALA A 2913 10.50 -2.89 -14.46
CA ALA A 2913 11.46 -1.90 -13.97
C ALA A 2913 10.76 -0.61 -13.57
N ALA A 2914 9.75 -0.19 -14.35
CA ALA A 2914 8.98 0.99 -13.95
C ALA A 2914 8.24 0.77 -12.63
N CYS A 2915 7.68 -0.42 -12.45
CA CYS A 2915 7.01 -0.74 -11.20
C CYS A 2915 7.97 -0.66 -10.02
N GLU A 2916 9.20 -1.15 -10.22
CA GLU A 2916 10.21 -1.04 -9.16
C GLU A 2916 10.58 0.41 -8.89
N SER A 2917 10.66 1.24 -9.94
CA SER A 2917 11.00 2.64 -9.74
C SER A 2917 9.91 3.39 -8.96
N LEU A 2918 8.65 3.00 -9.12
CA LEU A 2918 7.59 3.64 -8.32
C LEU A 2918 7.74 3.35 -6.82
N TYR A 2919 8.53 2.35 -6.45
CA TYR A 2919 8.67 1.92 -5.07
C TYR A 2919 9.85 2.58 -4.36
N LEU A 2920 11.00 2.67 -5.04
CA LEU A 2920 12.19 3.22 -4.41
C LEU A 2920 12.11 4.75 -4.37
N ARG A 2921 12.59 5.32 -3.26
CA ARG A 2921 12.44 6.74 -2.99
C ARG A 2921 13.60 7.59 -3.53
N ASN A 2922 14.65 6.97 -4.05
CA ASN A 2922 15.86 7.69 -4.41
C ASN A 2922 15.86 8.06 -5.89
N ARG A 2923 16.12 9.33 -6.17
CA ARG A 2923 16.35 9.87 -7.50
C ARG A 2923 17.75 10.48 -7.53
N PRO A 2924 18.40 10.56 -8.70
CA PRO A 2924 17.98 10.35 -10.09
C PRO A 2924 18.25 8.95 -10.66
N LEU A 2925 17.73 7.88 -10.05
CA LEU A 2925 18.05 6.48 -10.28
C LEU A 2925 18.34 6.14 -11.74
N PRO A 2926 19.30 5.24 -12.00
CA PRO A 2926 19.91 5.15 -13.33
C PRO A 2926 19.01 4.44 -14.33
N PRO A 2927 19.32 4.54 -15.62
CA PRO A 2927 18.50 3.85 -16.62
C PRO A 2927 18.73 2.34 -16.63
N TYR A 2928 17.71 1.62 -17.07
CA TYR A 2928 17.75 0.17 -17.22
C TYR A 2928 17.81 -0.17 -18.70
N LYS A 2929 18.71 -1.07 -19.08
CA LYS A 2929 18.98 -1.38 -20.47
C LYS A 2929 18.40 -2.74 -20.81
N LEU A 2930 17.67 -2.80 -21.93
CA LEU A 2930 17.01 -4.01 -22.38
C LEU A 2930 17.62 -4.49 -23.69
N HIS A 2931 17.59 -5.80 -23.91
CA HIS A 2931 18.01 -6.39 -25.17
C HIS A 2931 16.80 -6.42 -26.10
N VAL A 2932 16.92 -5.78 -27.26
CA VAL A 2932 15.83 -5.69 -28.20
C VAL A 2932 16.26 -6.29 -29.53
N GLU A 2933 15.30 -6.89 -30.23
CA GLU A 2933 15.55 -7.49 -31.54
C GLU A 2933 15.23 -6.54 -32.69
N ASN A 2934 14.47 -5.48 -32.43
CA ASN A 2934 14.08 -4.52 -33.45
C ASN A 2934 13.76 -3.20 -32.76
N ASN A 2935 13.11 -2.30 -33.50
CA ASN A 2935 12.78 -0.98 -32.99
C ASN A 2935 11.38 -0.89 -32.40
N HIS A 2936 10.65 -2.01 -32.30
CA HIS A 2936 9.27 -1.96 -31.84
C HIS A 2936 9.16 -1.49 -30.40
N THR A 2937 10.06 -1.97 -29.53
CA THR A 2937 9.93 -1.67 -28.10
C THR A 2937 10.12 -0.18 -27.82
N SER A 2938 11.08 0.45 -28.49
CA SER A 2938 11.32 1.87 -28.29
C SER A 2938 10.10 2.70 -28.71
N GLU A 2939 9.51 2.37 -29.86
CA GLU A 2939 8.32 3.09 -30.29
C GLU A 2939 7.14 2.83 -29.37
N PHE A 2940 7.00 1.59 -28.89
CA PHE A 2940 5.92 1.27 -27.96
C PHE A 2940 6.03 2.10 -26.70
N PHE A 2941 7.23 2.22 -26.14
CA PHE A 2941 7.39 2.99 -24.92
C PHE A 2941 7.37 4.50 -25.17
N ASP A 2942 7.69 4.94 -26.38
CA ASP A 2942 7.45 6.34 -26.74
C ASP A 2942 5.97 6.66 -26.74
N ALA A 2943 5.16 5.79 -27.34
CA ALA A 2943 3.74 6.07 -27.48
C ALA A 2943 2.99 5.88 -26.16
N ASN A 2944 3.29 4.80 -25.43
CA ASN A 2944 2.51 4.40 -24.28
C ASN A 2944 3.16 4.72 -22.94
N GLY A 2945 4.35 5.32 -22.93
CA GLY A 2945 5.04 5.57 -21.68
C GLY A 2945 4.69 6.89 -21.04
N THR A 2946 3.40 7.19 -20.93
CA THR A 2946 2.93 8.46 -20.39
C THR A 2946 2.03 8.21 -19.18
N MET A 2947 1.81 9.28 -18.42
CA MET A 2947 0.94 9.24 -17.25
C MET A 2947 0.28 10.60 -17.09
N ASN A 2948 -0.73 10.64 -16.22
CA ASN A 2948 -1.56 11.82 -16.03
C ASN A 2948 -1.15 12.54 -14.75
N ILE A 2949 -0.63 13.76 -14.90
CA ILE A 2949 -0.26 14.53 -13.72
C ILE A 2949 -1.48 15.17 -13.07
N GLU A 2950 -2.55 15.43 -13.84
CA GLU A 2950 -3.77 15.93 -13.24
C GLU A 2950 -4.48 14.82 -12.48
N GLN A 2951 -5.11 15.18 -11.37
CA GLN A 2951 -5.78 14.20 -10.55
C GLN A 2951 -7.08 14.78 -10.01
N LEU A 2952 -8.05 13.90 -9.79
CA LEU A 2952 -9.28 14.23 -9.09
C LEU A 2952 -9.21 13.60 -7.71
N PRO A 2953 -9.30 14.35 -6.62
CA PRO A 2953 -9.19 13.73 -5.30
C PRO A 2953 -10.43 12.90 -5.01
N PHE A 2954 -10.23 11.71 -4.44
CA PHE A 2954 -8.95 11.27 -3.91
C PHE A 2954 -8.36 10.13 -4.73
N GLN A 2955 -8.45 10.23 -6.05
CA GLN A 2955 -7.94 9.23 -6.97
C GLN A 2955 -6.54 9.57 -7.46
N SER A 2956 -5.74 10.27 -6.65
CA SER A 2956 -4.40 10.68 -7.10
C SER A 2956 -3.47 9.49 -7.26
N ILE A 2957 -3.76 8.37 -6.58
CA ILE A 2957 -2.93 7.18 -6.65
C ILE A 2957 -3.66 6.02 -7.31
N THR A 2958 -4.96 5.87 -7.03
CA THR A 2958 -5.68 4.68 -7.49
C THR A 2958 -5.77 4.62 -9.01
N MET A 2959 -6.06 5.75 -9.66
CA MET A 2959 -6.23 5.74 -11.12
C MET A 2959 -4.95 5.39 -11.87
N PRO A 2960 -3.78 5.98 -11.58
CA PRO A 2960 -2.56 5.55 -12.29
C PRO A 2960 -2.23 4.09 -12.09
N MET A 2961 -2.41 3.57 -10.86
CA MET A 2961 -2.13 2.16 -10.62
C MET A 2961 -3.11 1.27 -11.38
N ASN A 2962 -4.37 1.68 -11.46
CA ASN A 2962 -5.34 0.90 -12.24
C ASN A 2962 -4.95 0.87 -13.72
N ASN A 2963 -4.54 2.02 -14.26
CA ASN A 2963 -4.12 2.05 -15.66
C ASN A 2963 -2.90 1.17 -15.90
N LEU A 2964 -1.92 1.23 -14.98
CA LEU A 2964 -0.74 0.38 -15.09
C LEU A 2964 -1.11 -1.10 -15.05
N ALA A 2965 -2.04 -1.46 -14.15
CA ALA A 2965 -2.48 -2.85 -14.06
C ALA A 2965 -3.16 -3.28 -15.35
N VAL A 2966 -3.95 -2.40 -15.95
CA VAL A 2966 -4.61 -2.73 -17.22
C VAL A 2966 -3.58 -3.01 -18.30
N ALA A 2967 -2.57 -2.15 -18.41
CA ALA A 2967 -1.55 -2.33 -19.44
C ALA A 2967 -0.80 -3.64 -19.26
N ILE A 2968 -0.39 -3.93 -18.01
CA ILE A 2968 0.35 -5.16 -17.75
C ILE A 2968 -0.53 -6.38 -17.98
N ARG A 2969 -1.83 -6.28 -17.66
CA ARG A 2969 -2.75 -7.38 -17.94
C ARG A 2969 -2.82 -7.67 -19.42
N THR A 2970 -2.93 -6.62 -20.25
CA THR A 2970 -2.98 -6.82 -21.70
C THR A 2970 -1.73 -7.53 -22.20
N LEU A 2971 -0.56 -7.06 -21.77
CA LEU A 2971 0.68 -7.68 -22.23
C LEU A 2971 0.79 -9.13 -21.77
N HIS A 2972 0.42 -9.41 -20.52
CA HIS A 2972 0.51 -10.78 -19.99
C HIS A 2972 -0.44 -11.71 -20.72
N SER A 2973 -1.65 -11.25 -21.04
CA SER A 2973 -2.58 -12.07 -21.81
C SER A 2973 -2.00 -12.38 -23.18
N GLU A 2974 -1.40 -11.38 -23.83
CA GLU A 2974 -0.78 -11.64 -25.13
C GLU A 2974 0.31 -12.69 -25.04
N LEU A 2975 1.14 -12.63 -23.99
CA LEU A 2975 2.17 -13.63 -23.82
C LEU A 2975 1.59 -15.03 -23.61
N CYS A 2976 0.49 -15.13 -22.85
CA CYS A 2976 -0.14 -16.43 -22.64
C CYS A 2976 -0.67 -17.02 -23.94
N GLN A 2977 -1.35 -16.19 -24.76
CA GLN A 2977 -1.82 -16.70 -26.05
C GLN A 2977 -0.66 -17.12 -26.95
N GLN A 2978 0.44 -16.37 -26.92
CA GLN A 2978 1.60 -16.75 -27.72
C GLN A 2978 2.15 -18.11 -27.29
N THR A 2979 2.21 -18.35 -25.98
CA THR A 2979 2.68 -19.65 -25.49
C THR A 2979 1.76 -20.77 -25.95
N GLN A 2980 0.44 -20.55 -25.87
CA GLN A 2980 -0.50 -21.57 -26.31
C GLN A 2980 -0.34 -21.87 -27.80
N GLN A 2981 -0.16 -20.83 -28.62
CA GLN A 2981 0.00 -21.04 -30.05
C GLN A 2981 1.30 -21.78 -30.35
N LEU A 2982 2.37 -21.48 -29.62
CA LEU A 2982 3.62 -22.22 -29.80
C LEU A 2982 3.43 -23.70 -29.50
N MET A 2983 2.74 -24.00 -28.39
CA MET A 2983 2.47 -25.39 -28.05
C MET A 2983 1.68 -26.08 -29.16
N TYR A 2984 0.66 -25.41 -29.69
CA TYR A 2984 -0.14 -26.00 -30.75
C TYR A 2984 0.68 -26.25 -32.01
N LEU A 2985 1.54 -25.30 -32.38
CA LEU A 2985 2.35 -25.47 -33.58
C LEU A 2985 3.31 -26.64 -33.44
N HIS A 2986 3.96 -26.76 -32.29
CA HIS A 2986 4.88 -27.88 -32.09
C HIS A 2986 4.12 -29.21 -32.08
N GLU A 2987 2.92 -29.22 -31.49
CA GLU A 2987 2.10 -30.44 -31.50
C GLU A 2987 1.75 -30.83 -32.92
N GLU A 2988 1.38 -29.87 -33.76
CA GLU A 2988 1.04 -30.19 -35.15
C GLU A 2988 2.23 -30.72 -35.91
N LEU A 2989 3.41 -30.10 -35.73
CA LEU A 2989 4.60 -30.61 -36.40
C LEU A 2989 4.92 -32.03 -35.97
N ASN A 2990 4.83 -32.31 -34.66
CA ASN A 2990 5.10 -33.66 -34.18
C ASN A 2990 4.08 -34.66 -34.73
N ARG A 2991 2.81 -34.26 -34.79
CA ARG A 2991 1.79 -35.16 -35.31
C ARG A 2991 2.04 -35.49 -36.77
N TYR A 2992 2.41 -34.49 -37.57
CA TYR A 2992 2.70 -34.77 -38.97
C TYR A 2992 3.94 -35.66 -39.11
N ASP A 2993 4.97 -35.40 -38.29
CA ASP A 2993 6.21 -36.14 -38.46
C ASP A 2993 6.06 -37.61 -38.07
N HIS A 2994 5.43 -37.89 -36.93
CA HIS A 2994 5.41 -39.24 -36.37
C HIS A 2994 4.02 -39.82 -36.27
N ALA A 2995 3.04 -39.07 -35.79
CA ALA A 2995 1.72 -39.59 -35.46
C ALA A 2995 0.73 -39.48 -36.60
N SER A 2996 1.20 -39.54 -37.84
CA SER A 2996 0.30 -39.41 -38.99
C SER A 2996 -0.52 -40.66 -39.26
N GLU A 2997 -0.21 -41.78 -38.61
CA GLU A 2997 -0.91 -43.04 -38.85
C GLU A 2997 -1.55 -43.62 -37.60
N VAL A 2998 -1.39 -42.99 -36.44
CA VAL A 2998 -2.00 -43.52 -35.23
C VAL A 2998 -3.51 -43.29 -35.26
N SER A 2999 -4.24 -44.23 -34.64
CA SER A 2999 -5.68 -44.13 -34.59
C SER A 2999 -6.12 -42.94 -33.75
N VAL A 3000 -7.24 -42.33 -34.16
CA VAL A 3000 -7.75 -41.16 -33.45
C VAL A 3000 -8.48 -41.52 -32.16
N VAL A 3001 -8.77 -42.80 -31.94
CA VAL A 3001 -9.50 -43.20 -30.74
C VAL A 3001 -8.61 -43.22 -29.51
N PHE A 3002 -7.29 -43.29 -29.68
CA PHE A 3002 -6.38 -43.37 -28.55
C PHE A 3002 -6.08 -41.98 -28.01
N HIS A 3003 -5.84 -41.92 -26.70
CA HIS A 3003 -5.60 -40.65 -26.03
C HIS A 3003 -4.29 -40.03 -26.50
N LYS A 3004 -4.30 -38.73 -26.72
CA LYS A 3004 -3.12 -38.00 -27.18
C LYS A 3004 -2.55 -37.18 -26.03
N PRO A 3005 -1.41 -37.58 -25.46
CA PRO A 3005 -0.87 -36.83 -24.34
C PRO A 3005 -0.36 -35.46 -24.77
N GLN A 3006 -0.40 -34.52 -23.84
CA GLN A 3006 0.04 -33.15 -24.07
C GLN A 3006 1.34 -32.91 -23.33
N ASN A 3007 2.29 -32.26 -24.01
CA ASN A 3007 3.60 -31.96 -23.43
C ASN A 3007 3.46 -30.71 -22.56
N ILE A 3008 2.90 -30.92 -21.37
CA ILE A 3008 2.67 -29.81 -20.45
C ILE A 3008 3.86 -29.62 -19.50
N SER A 3009 4.51 -30.71 -19.10
CA SER A 3009 5.63 -30.59 -18.17
C SER A 3009 6.80 -29.81 -18.76
N TYR A 3010 6.95 -29.80 -20.08
CA TYR A 3010 8.05 -29.05 -20.68
C TYR A 3010 7.76 -27.56 -20.71
N TYR A 3011 6.51 -27.17 -20.98
CA TYR A 3011 6.16 -25.77 -21.16
C TYR A 3011 5.67 -25.09 -19.89
N SER A 3012 5.53 -25.81 -18.80
CA SER A 3012 5.04 -25.24 -17.55
C SER A 3012 6.22 -24.92 -16.65
N THR A 3013 6.34 -23.65 -16.28
CA THR A 3013 7.41 -23.19 -15.40
C THR A 3013 6.92 -23.14 -13.95
N GLY A 3014 6.44 -24.29 -13.48
CA GLY A 3014 5.89 -24.37 -12.13
C GLY A 3014 6.93 -24.56 -11.05
N GLN A 3015 8.14 -24.96 -11.41
CA GLN A 3015 9.19 -25.18 -10.43
C GLN A 3015 9.69 -23.89 -9.80
N SER A 3016 9.42 -22.75 -10.41
CA SER A 3016 9.80 -21.45 -9.85
C SER A 3016 8.60 -20.51 -9.80
N CYS A 3017 7.42 -21.05 -9.54
CA CYS A 3017 6.20 -20.26 -9.39
C CYS A 3017 5.90 -20.10 -7.91
N PHE A 3018 5.70 -18.86 -7.47
CA PHE A 3018 5.45 -18.58 -6.06
C PHE A 3018 4.17 -19.25 -5.59
N GLY A 3019 3.10 -19.15 -6.38
CA GLY A 3019 1.84 -19.75 -5.98
C GLY A 3019 1.91 -21.26 -5.86
N CYS A 3020 2.56 -21.92 -6.81
CA CYS A 3020 2.66 -23.37 -6.76
C CYS A 3020 3.53 -23.83 -5.59
N LEU A 3021 4.61 -23.10 -5.30
CA LEU A 3021 5.44 -23.44 -4.15
C LEU A 3021 4.65 -23.30 -2.86
N CYS A 3022 3.87 -22.23 -2.73
CA CYS A 3022 3.04 -22.06 -1.55
C CYS A 3022 1.99 -23.16 -1.44
N ASN A 3023 1.40 -23.56 -2.58
CA ASN A 3023 0.41 -24.63 -2.55
C ASN A 3023 1.01 -25.96 -2.11
N GLN A 3024 2.21 -26.28 -2.60
CA GLN A 3024 2.85 -27.52 -2.18
C GLN A 3024 3.23 -27.48 -0.71
N LEU A 3025 3.63 -26.29 -0.23
CA LEU A 3025 3.85 -26.13 1.21
C LEU A 3025 2.57 -26.37 2.00
N LEU A 3026 1.44 -25.87 1.49
CA LEU A 3026 0.16 -26.13 2.15
C LEU A 3026 -0.17 -27.62 2.16
N HIS A 3027 0.14 -28.32 1.08
CA HIS A 3027 -0.07 -29.77 1.06
C HIS A 3027 0.75 -30.47 2.13
N SER A 3028 2.02 -30.08 2.27
CA SER A 3028 2.86 -30.67 3.30
C SER A 3028 2.34 -30.36 4.70
N VAL A 3029 1.87 -29.13 4.91
CA VAL A 3029 1.31 -28.75 6.21
C VAL A 3029 0.07 -29.58 6.52
N ALA A 3030 -0.79 -29.79 5.52
CA ALA A 3030 -1.97 -30.62 5.71
C ALA A 3030 -1.59 -32.05 6.07
N LEU A 3031 -0.58 -32.59 5.40
CA LEU A 3031 -0.13 -33.95 5.73
C LEU A 3031 0.40 -34.03 7.16
N LEU A 3032 1.17 -33.03 7.59
CA LEU A 3032 1.66 -33.01 8.97
C LEU A 3032 0.51 -32.93 9.97
N HIS A 3033 -0.47 -32.08 9.69
CA HIS A 3033 -1.63 -31.95 10.57
C HIS A 3033 -2.38 -33.27 10.67
N SER A 3034 -2.54 -33.96 9.54
CA SER A 3034 -3.21 -35.26 9.56
C SER A 3034 -2.41 -36.32 10.30
N SER A 3035 -1.08 -36.27 10.22
CA SER A 3035 -0.24 -37.23 10.92
C SER A 3035 -0.09 -36.93 12.41
N CYS A 3036 -0.46 -35.73 12.85
CA CYS A 3036 -0.28 -35.37 14.26
C CYS A 3036 -1.02 -36.27 15.24
N ASP A 3037 -2.03 -37.03 14.78
CA ASP A 3037 -2.78 -37.90 15.68
C ASP A 3037 -1.96 -39.08 16.19
N ASP A 3038 -0.79 -39.34 15.62
CA ASP A 3038 0.09 -40.41 16.06
C ASP A 3038 1.11 -39.83 17.05
N GLU A 3039 1.33 -40.55 18.15
CA GLU A 3039 2.22 -40.05 19.20
C GLU A 3039 3.67 -39.95 18.70
N ASN A 3040 4.13 -40.96 17.97
CA ASN A 3040 5.51 -40.93 17.46
C ASN A 3040 5.69 -39.81 16.44
N ALA A 3041 4.74 -39.63 15.54
CA ALA A 3041 4.83 -38.56 14.55
C ALA A 3041 4.80 -37.19 15.23
N LEU A 3042 3.95 -37.03 16.25
CA LEU A 3042 3.90 -35.78 16.98
C LEU A 3042 5.22 -35.50 17.69
N ASN A 3043 5.82 -36.53 18.29
CA ASN A 3043 7.11 -36.36 18.93
C ASN A 3043 8.19 -35.98 17.92
N LEU A 3044 8.15 -36.59 16.73
CA LEU A 3044 9.12 -36.24 15.70
C LEU A 3044 8.95 -34.79 15.26
N ILE A 3045 7.71 -34.34 15.10
CA ILE A 3045 7.46 -32.96 14.73
C ILE A 3045 7.98 -32.01 15.81
N LEU A 3046 7.72 -32.33 17.07
CA LEU A 3046 8.12 -31.44 18.15
C LEU A 3046 9.63 -31.42 18.35
N SER A 3047 10.31 -32.52 18.03
CA SER A 3047 11.75 -32.62 18.27
C SER A 3047 12.61 -32.19 17.09
N SER A 3048 11.99 -31.72 16.00
CA SER A 3048 12.77 -31.30 14.85
C SER A 3048 13.53 -30.02 15.17
N ASP A 3049 14.54 -29.74 14.34
CA ASP A 3049 15.43 -28.60 14.57
C ASP A 3049 14.74 -27.29 14.24
N SER A 3050 14.17 -26.64 15.26
CA SER A 3050 13.55 -25.32 15.12
C SER A 3050 12.46 -25.32 14.05
N LEU A 3051 11.68 -26.39 14.00
CA LEU A 3051 10.58 -26.45 13.02
C LEU A 3051 9.49 -25.45 13.36
N ILE A 3052 9.15 -25.30 14.64
CA ILE A 3052 8.08 -24.41 15.04
C ILE A 3052 8.43 -22.96 14.73
N GLU A 3053 9.67 -22.57 15.03
CA GLU A 3053 10.09 -21.19 14.76
C GLU A 3053 10.11 -20.91 13.27
N LYS A 3054 10.57 -21.87 12.46
CA LYS A 3054 10.57 -21.70 11.01
C LYS A 3054 9.14 -21.56 10.49
N LEU A 3055 8.23 -22.39 10.98
CA LEU A 3055 6.84 -22.29 10.55
C LEU A 3055 6.23 -20.95 10.93
N GLY A 3056 6.52 -20.47 12.13
CA GLY A 3056 6.01 -19.18 12.54
C GLY A 3056 6.55 -18.04 11.68
N VAL A 3057 7.84 -18.08 11.36
CA VAL A 3057 8.42 -17.04 10.51
C VAL A 3057 7.82 -17.10 9.11
N LEU A 3058 7.64 -18.31 8.57
CA LEU A 3058 7.03 -18.44 7.25
C LEU A 3058 5.61 -17.90 7.24
N ALA A 3059 4.84 -18.19 8.29
CA ALA A 3059 3.47 -17.65 8.37
C ALA A 3059 3.48 -16.14 8.49
N GLN A 3060 4.44 -15.57 9.22
CA GLN A 3060 4.50 -14.12 9.38
C GLN A 3060 4.88 -13.44 8.07
N THR A 3061 5.80 -14.00 7.30
CA THR A 3061 6.28 -13.33 6.11
C THR A 3061 5.23 -13.31 5.01
N TYR A 3062 4.58 -14.44 4.75
CA TYR A 3062 3.66 -14.59 3.63
C TYR A 3062 2.25 -14.82 4.15
N GLU A 3063 1.30 -14.03 3.65
CA GLU A 3063 -0.08 -14.17 4.09
C GLU A 3063 -0.71 -15.45 3.58
N THR A 3064 -0.34 -15.90 2.37
CA THR A 3064 -0.96 -17.07 1.78
C THR A 3064 -0.81 -18.30 2.66
N LEU A 3065 0.26 -18.37 3.45
CA LEU A 3065 0.52 -19.50 4.32
C LEU A 3065 0.08 -19.28 5.77
N ARG A 3066 -0.48 -18.11 6.10
CA ARG A 3066 -0.64 -17.77 7.49
C ARG A 3066 -1.71 -18.63 8.17
N GLU A 3067 -2.86 -18.82 7.52
CA GLU A 3067 -3.98 -19.48 8.18
C GLU A 3067 -3.67 -20.93 8.52
N GLU A 3068 -3.43 -21.76 7.49
CA GLU A 3068 -3.28 -23.19 7.73
C GLU A 3068 -2.12 -23.49 8.67
N VAL A 3069 -0.99 -22.81 8.49
CA VAL A 3069 0.14 -23.00 9.40
C VAL A 3069 -0.31 -22.72 10.82
N GLU A 3070 -1.02 -21.61 11.04
CA GLU A 3070 -1.52 -21.30 12.37
C GLU A 3070 -2.35 -22.45 12.93
N GLU A 3071 -3.21 -23.03 12.09
CA GLU A 3071 -4.02 -24.16 12.55
C GLU A 3071 -3.14 -25.29 13.06
N LEU A 3072 -2.09 -25.63 12.31
CA LEU A 3072 -1.19 -26.68 12.76
C LEU A 3072 -0.59 -26.33 14.10
N LEU A 3073 -0.20 -25.06 14.29
CA LEU A 3073 0.35 -24.64 15.57
C LEU A 3073 -0.65 -24.85 16.67
N VAL A 3074 -1.93 -24.55 16.41
CA VAL A 3074 -2.97 -24.76 17.42
C VAL A 3074 -3.03 -26.22 17.81
N ARG A 3075 -2.82 -27.12 16.84
CA ARG A 3075 -2.79 -28.54 17.15
C ARG A 3075 -1.60 -28.88 18.04
N LEU A 3076 -0.44 -28.28 17.78
CA LEU A 3076 0.73 -28.55 18.61
C LEU A 3076 0.61 -27.88 19.97
N MET A 3077 -0.27 -26.90 20.11
CA MET A 3077 -0.50 -26.17 21.36
C MET A 3077 -1.69 -26.72 22.12
N PHE A 3078 -1.84 -28.05 22.12
CA PHE A 3078 -2.88 -28.73 22.86
C PHE A 3078 -2.53 -28.71 24.34
N ASP A 3079 -3.14 -29.59 25.13
CA ASP A 3079 -2.94 -29.61 26.57
C ASP A 3079 -1.46 -29.70 26.98
N ARG A 3080 -0.58 -29.93 26.01
CA ARG A 3080 0.85 -29.78 26.27
C ARG A 3080 1.15 -28.36 26.75
N LEU A 3081 2.00 -28.25 27.76
CA LEU A 3081 2.34 -26.98 28.38
C LEU A 3081 3.67 -26.42 27.94
N ASP A 3082 4.67 -27.29 27.71
CA ASP A 3082 5.98 -26.82 27.28
C ASP A 3082 5.93 -26.18 25.91
N VAL A 3083 5.13 -26.75 25.00
CA VAL A 3083 4.97 -26.17 23.67
C VAL A 3083 4.36 -24.78 23.76
N THR A 3084 3.37 -24.61 24.63
CA THR A 3084 2.76 -23.30 24.80
C THR A 3084 3.77 -22.29 25.34
N THR A 3085 4.62 -22.71 26.28
CA THR A 3085 5.65 -21.82 26.80
C THR A 3085 6.64 -21.42 25.71
N LYS A 3086 7.04 -22.39 24.88
CA LYS A 3086 7.96 -22.06 23.78
C LYS A 3086 7.33 -21.08 22.80
N VAL A 3087 6.06 -21.30 22.45
CA VAL A 3087 5.39 -20.41 21.50
C VAL A 3087 5.20 -19.02 22.11
N GLU A 3088 4.91 -18.95 23.41
CA GLU A 3088 4.79 -17.66 24.06
C GLU A 3088 6.12 -16.92 24.08
N LYS A 3089 7.22 -17.63 24.33
CA LYS A 3089 8.53 -17.01 24.27
C LYS A 3089 8.83 -16.51 22.86
N LEU A 3090 8.46 -17.27 21.84
CA LEU A 3090 8.67 -16.83 20.47
C LEU A 3090 7.83 -15.59 20.14
N ILE A 3091 6.60 -15.55 20.66
CA ILE A 3091 5.75 -14.38 20.46
C ILE A 3091 6.37 -13.15 21.11
N HIS A 3092 6.89 -13.32 22.33
CA HIS A 3092 7.55 -12.21 23.01
C HIS A 3092 8.78 -11.75 22.24
N THR A 3093 9.53 -12.69 21.68
CA THR A 3093 10.70 -12.33 20.88
C THR A 3093 10.30 -11.51 19.66
N GLY A 3094 9.22 -11.90 19.00
CA GLY A 3094 8.73 -11.19 17.83
C GLY A 3094 8.77 -12.04 16.57
N ASP A 3095 8.73 -13.35 16.74
CA ASP A 3095 8.83 -14.28 15.62
C ASP A 3095 7.51 -14.95 15.28
N ILE A 3096 6.51 -14.90 16.15
CA ILE A 3096 5.21 -15.50 15.90
C ILE A 3096 4.14 -14.48 16.28
N ASN A 3097 3.15 -14.32 15.40
CA ASN A 3097 2.08 -13.36 15.65
C ASN A 3097 1.22 -13.80 16.82
N LEU A 3098 0.72 -12.82 17.57
CA LEU A 3098 -0.19 -13.10 18.67
C LEU A 3098 -1.50 -13.73 18.20
N SER A 3099 -1.87 -13.51 16.94
CA SER A 3099 -3.15 -14.01 16.45
C SER A 3099 -3.29 -15.51 16.61
N VAL A 3100 -2.17 -16.24 16.58
CA VAL A 3100 -2.21 -17.69 16.79
C VAL A 3100 -2.91 -18.01 18.11
N MET A 3101 -2.50 -17.33 19.18
CA MET A 3101 -3.13 -17.53 20.48
C MET A 3101 -4.62 -17.27 20.39
N VAL A 3102 -5.02 -16.21 19.69
CA VAL A 3102 -6.43 -15.90 19.55
C VAL A 3102 -7.16 -17.07 18.90
N LYS A 3103 -6.57 -17.63 17.84
CA LYS A 3103 -7.19 -18.80 17.21
C LYS A 3103 -7.31 -19.94 18.20
N SER A 3104 -6.27 -20.16 19.00
CA SER A 3104 -6.31 -21.23 20.00
C SER A 3104 -7.42 -21.00 21.02
N LEU A 3105 -7.79 -19.74 21.23
CA LEU A 3105 -8.85 -19.44 22.21
C LEU A 3105 -10.24 -19.59 21.62
N MET A 3106 -10.36 -19.85 20.32
CA MET A 3106 -11.66 -20.02 19.69
C MET A 3106 -12.12 -21.47 19.68
N TYR A 3107 -11.36 -22.39 20.28
CA TYR A 3107 -11.72 -23.80 20.36
C TYR A 3107 -11.80 -24.21 21.82
N ALA A 3108 -12.84 -24.97 22.16
CA ALA A 3108 -13.07 -25.40 23.54
C ALA A 3108 -12.31 -26.69 23.81
N ALA A 3109 -12.58 -27.30 24.96
CA ALA A 3109 -12.01 -28.58 25.38
C ALA A 3109 -10.49 -28.56 25.46
N ASP A 3110 -9.90 -27.37 25.56
CA ASP A 3110 -8.47 -27.24 25.75
C ASP A 3110 -8.21 -26.90 27.21
N PRO A 3111 -7.57 -27.77 27.98
CA PRO A 3111 -7.38 -27.51 29.41
C PRO A 3111 -6.23 -26.57 29.74
N THR A 3112 -5.65 -25.88 28.74
CA THR A 3112 -4.58 -24.93 28.98
C THR A 3112 -4.91 -23.55 28.39
N TRP A 3113 -6.20 -23.19 28.38
CA TRP A 3113 -6.59 -21.90 27.83
C TRP A 3113 -6.24 -20.74 28.75
N GLN A 3114 -6.08 -21.00 30.05
CA GLN A 3114 -5.83 -19.92 31.00
C GLN A 3114 -4.50 -19.24 30.73
N GLN A 3115 -3.46 -20.00 30.42
CA GLN A 3115 -2.15 -19.41 30.16
C GLN A 3115 -2.19 -18.49 28.93
N LYS A 3116 -2.82 -18.96 27.86
CA LYS A 3116 -2.91 -18.14 26.65
C LYS A 3116 -3.76 -16.90 26.87
N LEU A 3117 -4.85 -17.04 27.64
CA LEU A 3117 -5.65 -15.87 27.98
C LEU A 3117 -4.85 -14.88 28.79
N LYS A 3118 -4.03 -15.37 29.74
CA LYS A 3118 -3.17 -14.49 30.51
C LYS A 3118 -2.20 -13.74 29.62
N LEU A 3119 -1.58 -14.45 28.68
CA LEU A 3119 -0.63 -13.80 27.78
C LEU A 3119 -1.31 -12.73 26.93
N LEU A 3120 -2.48 -13.05 26.37
CA LEU A 3120 -3.19 -12.07 25.53
C LEU A 3120 -3.60 -10.85 26.33
N ILE A 3121 -4.13 -11.07 27.54
CA ILE A 3121 -4.56 -9.95 28.38
C ILE A 3121 -3.38 -9.08 28.76
N ARG A 3122 -2.25 -9.70 29.13
CA ARG A 3122 -1.07 -8.93 29.49
C ARG A 3122 -0.56 -8.11 28.30
N LEU A 3123 -0.52 -8.72 27.12
CA LEU A 3123 -0.04 -7.99 25.94
C LEU A 3123 -0.96 -6.82 25.60
N ALA A 3124 -2.28 -7.02 25.69
CA ALA A 3124 -3.21 -5.93 25.44
C ALA A 3124 -3.06 -4.83 26.48
N MET A 3125 -2.82 -5.21 27.74
CA MET A 3125 -2.65 -4.24 28.81
C MET A 3125 -1.36 -3.44 28.65
N ASP A 3126 -0.31 -4.05 28.11
CA ASP A 3126 0.98 -3.38 28.01
C ASP A 3126 1.13 -2.59 26.71
N LYS A 3127 1.04 -3.27 25.56
CA LYS A 3127 1.37 -2.62 24.29
C LYS A 3127 0.38 -1.53 23.93
N ARG A 3128 -0.91 -1.72 24.24
CA ARG A 3128 -1.98 -0.80 23.85
C ARG A 3128 -2.05 -0.63 22.33
N ASP A 3129 -1.53 -1.60 21.59
CA ASP A 3129 -1.66 -1.60 20.14
C ASP A 3129 -3.12 -1.86 19.75
N GLU A 3130 -3.51 -1.32 18.59
CA GLU A 3130 -4.91 -1.45 18.17
C GLU A 3130 -5.29 -2.91 17.94
N ASN A 3131 -4.39 -3.70 17.33
CA ASN A 3131 -4.70 -5.08 17.03
C ASN A 3131 -4.84 -5.92 18.28
N CYS A 3132 -3.90 -5.76 19.22
CA CYS A 3132 -3.95 -6.54 20.45
C CYS A 3132 -5.20 -6.21 21.26
N CYS A 3133 -5.51 -4.91 21.38
CA CYS A 3133 -6.70 -4.51 22.11
C CYS A 3133 -7.97 -5.03 21.43
N LEU A 3134 -8.04 -4.94 20.12
CA LEU A 3134 -9.22 -5.43 19.39
C LEU A 3134 -9.39 -6.93 19.60
N GLN A 3135 -8.29 -7.69 19.50
CA GLN A 3135 -8.37 -9.13 19.69
C GLN A 3135 -8.82 -9.49 21.10
N ALA A 3136 -8.25 -8.84 22.11
CA ALA A 3136 -8.62 -9.14 23.49
C ALA A 3136 -10.08 -8.80 23.75
N LEU A 3137 -10.53 -7.64 23.25
CA LEU A 3137 -11.92 -7.23 23.46
C LEU A 3137 -12.88 -8.20 22.77
N MET A 3138 -12.56 -8.64 21.55
CA MET A 3138 -13.42 -9.57 20.86
C MET A 3138 -13.48 -10.92 21.59
N VAL A 3139 -12.34 -11.39 22.10
CA VAL A 3139 -12.35 -12.65 22.84
C VAL A 3139 -13.21 -12.54 24.10
N LEU A 3140 -13.06 -11.44 24.84
CA LEU A 3140 -13.87 -11.26 26.05
C LEU A 3140 -15.35 -11.15 25.72
N SER A 3141 -15.69 -10.45 24.64
CA SER A 3141 -17.09 -10.31 24.25
C SER A 3141 -17.69 -11.66 23.84
N LYS A 3142 -16.91 -12.48 23.13
CA LYS A 3142 -17.39 -13.82 22.78
C LYS A 3142 -17.59 -14.68 24.03
N TYR A 3143 -16.66 -14.58 24.99
CA TYR A 3143 -16.81 -15.34 26.23
C TYR A 3143 -18.08 -14.93 26.96
N LEU A 3144 -18.38 -13.63 26.99
CA LEU A 3144 -19.60 -13.17 27.65
C LEU A 3144 -20.85 -13.60 26.88
N GLU A 3145 -20.81 -13.55 25.54
CA GLU A 3145 -21.97 -13.92 24.75
C GLU A 3145 -22.26 -15.41 24.81
N ALA A 3146 -21.26 -16.24 25.09
CA ALA A 3146 -21.48 -17.69 25.09
C ALA A 3146 -22.41 -18.15 26.20
N THR A 3147 -22.72 -17.32 27.18
CA THR A 3147 -23.54 -17.74 28.31
C THR A 3147 -25.00 -17.93 27.97
N LYS A 3148 -25.44 -17.52 26.78
CA LYS A 3148 -26.83 -17.73 26.38
C LYS A 3148 -27.15 -19.19 26.09
N SER A 3149 -26.14 -20.07 26.02
CA SER A 3149 -26.36 -21.46 25.68
C SER A 3149 -26.67 -22.34 26.89
N VAL A 3150 -26.65 -21.79 28.10
CA VAL A 3150 -26.93 -22.55 29.31
C VAL A 3150 -28.23 -22.03 29.93
N THR A 3151 -28.66 -22.69 31.00
CA THR A 3151 -29.90 -22.32 31.67
C THR A 3151 -29.67 -21.13 32.60
N LEU A 3152 -30.77 -20.62 33.15
CA LEU A 3152 -30.68 -19.47 34.06
C LEU A 3152 -30.10 -19.87 35.41
N ASP A 3153 -30.36 -21.11 35.86
CA ASP A 3153 -29.84 -21.54 37.15
C ASP A 3153 -28.32 -21.60 37.14
N GLU A 3154 -27.73 -22.08 36.04
CA GLU A 3154 -26.28 -22.06 35.93
C GLU A 3154 -25.74 -20.64 35.85
N ARG A 3155 -26.43 -19.76 35.12
CA ARG A 3155 -25.97 -18.38 34.99
C ARG A 3155 -26.04 -17.64 36.31
N LYS A 3156 -26.95 -18.04 37.20
CA LYS A 3156 -27.10 -17.40 38.50
C LYS A 3156 -26.02 -17.81 39.49
N LYS A 3157 -25.06 -18.62 39.08
CA LYS A 3157 -24.01 -19.10 39.97
C LYS A 3157 -22.70 -18.33 39.80
N ILE A 3158 -22.70 -17.22 39.06
CA ILE A 3158 -21.52 -16.41 38.91
C ILE A 3158 -21.16 -15.76 40.24
N LYS A 3159 -19.88 -15.77 40.59
CA LYS A 3159 -19.42 -15.26 41.86
C LYS A 3159 -18.67 -13.95 41.67
N LEU A 3160 -18.97 -12.97 42.52
CA LEU A 3160 -18.38 -11.64 42.44
C LEU A 3160 -17.13 -11.60 43.33
N THR A 3161 -16.02 -12.05 42.76
CA THR A 3161 -14.76 -12.07 43.48
C THR A 3161 -14.16 -10.67 43.54
N PRO A 3162 -13.38 -10.37 44.58
CA PRO A 3162 -12.73 -9.05 44.67
C PRO A 3162 -11.62 -8.86 43.64
N ASN A 3163 -11.06 -7.65 43.57
CA ASN A 3163 -10.05 -7.35 42.57
C ASN A 3163 -8.73 -8.06 42.86
N LYS A 3164 -8.46 -8.37 44.13
CA LYS A 3164 -7.21 -9.00 44.48
C LYS A 3164 -7.08 -10.38 43.83
N ASN A 3165 -8.19 -11.07 43.63
CA ASN A 3165 -8.15 -12.39 43.00
C ASN A 3165 -7.66 -12.29 41.56
N ILE A 3166 -8.24 -11.38 40.78
CA ILE A 3166 -7.80 -11.24 39.39
C ILE A 3166 -6.39 -10.66 39.32
N THR A 3167 -6.01 -9.81 40.29
CA THR A 3167 -4.63 -9.33 40.31
C THR A 3167 -3.66 -10.47 40.55
N LYS A 3168 -3.98 -11.38 41.47
CA LYS A 3168 -3.12 -12.54 41.70
C LYS A 3168 -3.10 -13.44 40.47
N TRP A 3169 -4.25 -13.60 39.80
CA TRP A 3169 -4.29 -14.42 38.60
C TRP A 3169 -3.38 -13.86 37.52
N LEU A 3170 -3.37 -12.53 37.36
CA LEU A 3170 -2.53 -11.92 36.33
C LEU A 3170 -1.05 -11.98 36.70
N THR A 3171 -0.72 -11.67 37.96
CA THR A 3171 0.68 -11.52 38.34
C THR A 3171 1.38 -12.87 38.43
N THR A 3172 0.74 -13.86 39.04
CA THR A 3172 1.36 -15.15 39.27
C THR A 3172 0.98 -16.13 38.16
N ASP A 3173 1.29 -17.40 38.36
CA ASP A 3173 1.01 -18.47 37.40
C ASP A 3173 0.14 -19.56 38.02
N GLU A 3174 -0.89 -19.16 38.75
CA GLU A 3174 -1.83 -20.09 39.37
C GLU A 3174 -3.12 -20.17 38.58
N GLU A 3175 -3.83 -21.28 38.77
CA GLU A 3175 -5.13 -21.45 38.14
C GLU A 3175 -6.16 -20.54 38.82
N TRP A 3176 -7.31 -20.36 38.16
CA TRP A 3176 -8.32 -19.45 38.67
C TRP A 3176 -8.87 -19.92 40.01
N LYS A 3177 -9.10 -21.22 40.16
CA LYS A 3177 -9.69 -21.74 41.40
C LYS A 3177 -8.72 -21.66 42.57
N ASP A 3178 -7.43 -21.50 42.32
CA ASP A 3178 -6.43 -21.39 43.37
C ASP A 3178 -6.15 -19.95 43.78
N CYS A 3179 -6.77 -18.97 43.12
CA CYS A 3179 -6.50 -17.57 43.40
C CYS A 3179 -7.30 -17.02 44.57
N PHE A 3180 -8.17 -17.83 45.17
CA PHE A 3180 -8.99 -17.37 46.29
C PHE A 3180 -8.18 -17.19 47.55
N ALA A 3188 5.51 -15.82 44.91
CA ALA A 3188 6.43 -14.90 44.28
C ALA A 3188 5.79 -14.20 43.08
N PRO A 3189 5.99 -12.88 42.97
CA PRO A 3189 5.43 -12.12 41.84
C PRO A 3189 6.28 -12.27 40.58
N THR A 3190 6.00 -13.35 39.84
CA THR A 3190 6.76 -13.64 38.63
C THR A 3190 6.59 -12.55 37.58
N LYS A 3191 5.37 -12.04 37.42
CA LYS A 3191 5.07 -10.99 36.45
C LYS A 3191 4.68 -9.71 37.16
N SER A 3192 5.11 -8.58 36.62
CA SER A 3192 4.86 -7.27 37.19
C SER A 3192 3.95 -6.48 36.28
N LEU A 3193 2.87 -5.94 36.85
CA LEU A 3193 1.95 -5.12 36.09
C LEU A 3193 2.46 -3.68 35.96
N PRO A 3194 2.10 -3.00 34.88
CA PRO A 3194 2.51 -1.59 34.74
C PRO A 3194 1.68 -0.65 35.60
N SER A 3195 1.82 0.66 35.39
CA SER A 3195 0.95 1.62 36.03
C SER A 3195 -0.50 1.28 35.70
N ASN A 3196 -1.45 1.95 36.40
CA ASN A 3196 -2.77 1.39 36.69
C ASN A 3196 -3.33 0.68 35.46
N PRO A 3197 -3.36 -0.65 35.49
CA PRO A 3197 -3.48 -1.43 34.25
C PRO A 3197 -4.91 -1.70 33.84
N TYR A 3198 -5.83 -1.76 34.81
CA TYR A 3198 -7.20 -2.13 34.51
C TYR A 3198 -7.95 -1.03 33.77
N GLN A 3199 -7.42 0.19 33.71
CA GLN A 3199 -8.10 1.27 33.02
C GLN A 3199 -8.11 1.08 31.51
N TRP A 3200 -7.28 0.18 30.97
CA TRP A 3200 -7.15 0.07 29.52
C TRP A 3200 -8.50 -0.12 28.84
N ILE A 3201 -9.35 -0.99 29.41
CA ILE A 3201 -10.66 -1.25 28.82
C ILE A 3201 -11.43 0.07 28.68
N THR A 3202 -11.49 0.85 29.75
CA THR A 3202 -12.23 2.11 29.67
C THR A 3202 -11.58 3.07 28.69
N ASP A 3203 -10.26 3.03 28.58
CA ASP A 3203 -9.59 3.85 27.56
C ASP A 3203 -10.07 3.45 26.17
N CYS A 3204 -10.24 2.15 25.95
CA CYS A 3204 -10.73 1.68 24.65
C CYS A 3204 -12.13 2.20 24.36
N LEU A 3205 -12.87 2.64 25.38
CA LEU A 3205 -14.19 3.21 25.13
C LEU A 3205 -14.11 4.53 24.38
N PHE A 3206 -12.95 5.17 24.34
CA PHE A 3206 -12.76 6.44 23.65
C PHE A 3206 -11.52 6.41 22.79
N SER A 3207 -11.27 5.28 22.14
CA SER A 3207 -10.08 5.14 21.32
C SER A 3207 -10.22 5.92 20.02
N GLN A 3208 -9.07 6.31 19.45
CA GLN A 3208 -9.10 6.99 18.16
C GLN A 3208 -9.45 6.04 17.03
N TRP A 3209 -9.13 4.76 17.16
CA TRP A 3209 -9.54 3.75 16.19
C TRP A 3209 -10.99 3.36 16.44
N MET A 3210 -11.84 3.55 15.44
CA MET A 3210 -13.27 3.31 15.63
C MET A 3210 -13.62 1.85 15.82
N SER A 3211 -12.84 0.93 15.25
CA SER A 3211 -13.10 -0.49 15.49
C SER A 3211 -12.90 -0.84 16.97
N VAL A 3212 -11.83 -0.32 17.58
CA VAL A 3212 -11.61 -0.54 19.00
C VAL A 3212 -12.71 0.10 19.82
N ARG A 3213 -13.15 1.30 19.44
CA ARG A 3213 -14.26 1.97 20.11
C ARG A 3213 -15.51 1.10 20.11
N SER A 3214 -15.90 0.61 18.93
CA SER A 3214 -17.10 -0.20 18.82
C SER A 3214 -16.95 -1.52 19.57
N ALA A 3215 -15.77 -2.13 19.55
CA ALA A 3215 -15.55 -3.37 20.26
C ALA A 3215 -15.71 -3.17 21.77
N ALA A 3216 -15.10 -2.11 22.31
CA ALA A 3216 -15.20 -1.86 23.75
C ALA A 3216 -16.63 -1.55 24.16
N ASN A 3217 -17.35 -0.77 23.34
CA ASN A 3217 -18.73 -0.45 23.70
C ASN A 3217 -19.64 -1.67 23.60
N GLN A 3218 -19.40 -2.54 22.61
CA GLN A 3218 -20.14 -3.78 22.54
C GLN A 3218 -19.86 -4.66 23.75
N LEU A 3219 -18.62 -4.70 24.20
CA LEU A 3219 -18.29 -5.44 25.41
C LEU A 3219 -19.01 -4.88 26.63
N LEU A 3220 -19.09 -3.55 26.73
CA LEU A 3220 -19.81 -2.95 27.86
C LEU A 3220 -21.30 -3.29 27.81
N VAL A 3221 -21.91 -3.25 26.63
CA VAL A 3221 -23.32 -3.61 26.51
C VAL A 3221 -23.53 -5.07 26.89
N ASN A 3222 -22.62 -5.95 26.45
CA ASN A 3222 -22.72 -7.36 26.82
C ASN A 3222 -22.59 -7.56 28.32
N LEU A 3223 -21.68 -6.82 28.96
CA LEU A 3223 -21.55 -6.88 30.41
C LEU A 3223 -22.84 -6.47 31.10
N SER A 3224 -23.50 -5.43 30.57
CA SER A 3224 -24.75 -4.96 31.14
C SER A 3224 -25.87 -6.01 31.13
N ARG A 3225 -25.75 -7.03 30.28
CA ARG A 3225 -26.80 -8.04 30.14
C ARG A 3225 -26.56 -9.29 30.99
N GLN A 3226 -25.53 -9.29 31.83
CA GLN A 3226 -25.20 -10.46 32.62
C GLN A 3226 -25.87 -10.41 33.98
N GLN A 3227 -25.77 -11.51 34.71
CA GLN A 3227 -26.44 -11.63 36.00
C GLN A 3227 -25.74 -10.79 37.06
N PHE A 3228 -26.53 -10.01 37.79
CA PHE A 3228 -26.04 -9.18 38.90
C PHE A 3228 -24.99 -8.17 38.44
N HIS A 3229 -25.07 -7.72 37.19
CA HIS A 3229 -24.04 -6.83 36.66
C HIS A 3229 -24.57 -5.58 36.00
N GLU A 3230 -25.87 -5.33 36.04
CA GLU A 3230 -26.37 -4.01 35.63
C GLU A 3230 -25.81 -2.87 36.48
N PRO A 3231 -25.72 -2.97 37.82
CA PRO A 3231 -25.09 -1.87 38.57
C PRO A 3231 -23.66 -1.61 38.16
N VAL A 3232 -22.90 -2.64 37.80
CA VAL A 3232 -21.51 -2.43 37.39
C VAL A 3232 -21.44 -1.61 36.11
N ALA A 3233 -22.28 -1.94 35.12
CA ALA A 3233 -22.30 -1.17 33.88
C ALA A 3233 -22.77 0.25 34.13
N LEU A 3234 -23.78 0.42 35.00
CA LEU A 3234 -24.24 1.78 35.32
C LEU A 3234 -23.14 2.60 35.99
N LEU A 3235 -22.38 1.97 36.89
CA LEU A 3235 -21.28 2.65 37.54
C LEU A 3235 -20.20 3.04 36.55
N ILE A 3236 -19.86 2.14 35.62
CA ILE A 3236 -18.87 2.46 34.59
C ILE A 3236 -19.36 3.65 33.75
N LEU A 3237 -20.64 3.63 33.39
CA LEU A 3237 -21.21 4.71 32.60
C LEU A 3237 -21.12 6.04 33.34
N CYS A 3238 -21.51 6.06 34.61
CA CYS A 3238 -21.47 7.30 35.38
C CYS A 3238 -20.05 7.79 35.61
N GLU A 3239 -19.10 6.86 35.79
CA GLU A 3239 -17.71 7.26 35.98
C GLU A 3239 -17.14 7.87 34.71
N ASN A 3240 -17.47 7.31 33.56
CA ASN A 3240 -16.91 7.78 32.30
C ASN A 3240 -17.72 8.91 31.68
N MET A 3241 -18.85 9.29 32.27
CA MET A 3241 -19.60 10.44 31.78
C MET A 3241 -18.75 11.72 31.78
N SER A 3242 -17.83 11.83 32.74
CA SER A 3242 -17.05 13.06 32.87
C SER A 3242 -16.06 13.24 31.73
N LYS A 3243 -15.82 12.21 30.92
CA LYS A 3243 -14.90 12.30 29.80
C LYS A 3243 -15.48 13.03 28.60
N LEU A 3244 -16.78 13.33 28.60
CA LEU A 3244 -17.38 13.98 27.45
C LEU A 3244 -16.84 15.39 27.25
N SER A 3245 -16.35 16.02 28.32
CA SER A 3245 -15.86 17.38 28.26
C SER A 3245 -14.37 17.48 27.97
N ASP A 3246 -13.64 16.35 27.94
CA ASP A 3246 -12.22 16.36 27.68
C ASP A 3246 -11.84 15.75 26.34
N VAL A 3247 -12.74 15.00 25.72
CA VAL A 3247 -12.47 14.32 24.45
C VAL A 3247 -13.29 14.98 23.36
N PRO A 3248 -12.80 15.05 22.13
CA PRO A 3248 -13.66 15.53 21.03
C PRO A 3248 -14.91 14.68 20.91
N SER A 3249 -16.03 15.33 20.59
CA SER A 3249 -17.31 14.65 20.53
C SER A 3249 -17.37 13.62 19.40
N SER A 3250 -16.47 13.71 18.42
CA SER A 3250 -16.44 12.71 17.35
C SER A 3250 -16.00 11.34 17.84
N VAL A 3251 -15.34 11.27 19.00
CA VAL A 3251 -14.88 10.01 19.57
C VAL A 3251 -15.89 9.40 20.53
N CYS A 3252 -16.78 10.22 21.10
CA CYS A 3252 -17.68 9.77 22.16
C CYS A 3252 -18.95 9.12 21.64
N ASP A 3253 -19.19 9.08 20.33
CA ASP A 3253 -20.50 8.71 19.82
C ASP A 3253 -20.90 7.28 20.18
N GLN A 3254 -19.95 6.34 20.11
CA GLN A 3254 -20.24 4.97 20.49
C GLN A 3254 -20.62 4.88 21.97
N PHE A 3255 -19.95 5.67 22.81
CA PHE A 3255 -20.28 5.69 24.23
C PHE A 3255 -21.70 6.22 24.45
N MET A 3256 -22.11 7.24 23.68
CA MET A 3256 -23.46 7.76 23.80
C MET A 3256 -24.49 6.71 23.40
N CYS A 3257 -24.23 5.97 22.32
CA CYS A 3257 -25.15 4.90 21.93
C CYS A 3257 -25.22 3.82 23.01
N SER A 3258 -24.08 3.44 23.57
CA SER A 3258 -24.07 2.44 24.63
C SER A 3258 -24.86 2.91 25.85
N ALA A 3259 -24.68 4.18 26.23
CA ALA A 3259 -25.42 4.71 27.37
C ALA A 3259 -26.92 4.69 27.10
N HIS A 3260 -27.33 5.07 25.89
CA HIS A 3260 -28.75 5.01 25.55
C HIS A 3260 -29.28 3.59 25.69
N THR A 3261 -28.55 2.62 25.17
CA THR A 3261 -29.01 1.23 25.25
C THR A 3261 -29.12 0.76 26.70
N ILE A 3262 -28.10 1.05 27.51
CA ILE A 3262 -28.09 0.57 28.88
C ILE A 3262 -29.24 1.18 29.67
N ILE A 3263 -29.50 2.48 29.47
CA ILE A 3263 -30.60 3.12 30.18
C ILE A 3263 -31.94 2.59 29.68
N ASP A 3264 -32.05 2.33 28.38
CA ASP A 3264 -33.29 1.82 27.79
C ASP A 3264 -33.45 0.31 27.97
N SER A 3265 -32.58 -0.34 28.73
CA SER A 3265 -32.72 -1.78 28.96
C SER A 3265 -34.11 -2.16 29.43
N SER A 3266 -34.65 -1.44 30.43
CA SER A 3266 -35.97 -1.78 30.95
C SER A 3266 -36.54 -0.60 31.72
N VAL A 3267 -37.85 -0.68 31.98
CA VAL A 3267 -38.54 0.36 32.76
C VAL A 3267 -38.12 0.32 34.22
N ASN A 3268 -37.91 -0.88 34.76
CA ASN A 3268 -37.48 -1.01 36.14
C ASN A 3268 -36.12 -0.34 36.35
N THR A 3269 -35.21 -0.49 35.38
CA THR A 3269 -33.93 0.21 35.44
C THR A 3269 -34.14 1.72 35.44
N LYS A 3270 -35.09 2.21 34.64
CA LYS A 3270 -35.38 3.64 34.61
C LYS A 3270 -35.86 4.13 35.96
N ALA A 3271 -36.76 3.40 36.60
CA ALA A 3271 -37.27 3.82 37.91
C ALA A 3271 -36.16 3.80 38.96
N ARG A 3272 -35.35 2.73 38.97
CA ARG A 3272 -34.25 2.65 39.92
C ARG A 3272 -33.26 3.80 39.74
N LEU A 3273 -32.95 4.11 38.48
CA LEU A 3273 -32.02 5.21 38.20
C LEU A 3273 -32.62 6.55 38.56
N PHE A 3274 -33.93 6.72 38.38
CA PHE A 3274 -34.59 7.96 38.79
C PHE A 3274 -34.52 8.15 40.30
N VAL A 3275 -34.75 7.08 41.07
CA VAL A 3275 -34.69 7.20 42.52
C VAL A 3275 -33.30 7.58 42.99
N GLN A 3276 -32.26 7.24 42.23
CA GLN A 3276 -30.90 7.63 42.56
C GLN A 3276 -30.53 9.02 42.07
N GLN A 3277 -31.50 9.77 41.56
CA GLN A 3277 -31.32 11.17 41.15
C GLN A 3277 -30.38 11.30 39.96
N PHE A 3278 -30.56 10.44 38.95
CA PHE A 3278 -29.78 10.57 37.73
C PHE A 3278 -30.26 11.75 36.90
N HIS A 3279 -31.55 12.05 36.93
CA HIS A 3279 -32.09 13.18 36.19
C HIS A 3279 -31.55 14.51 36.73
N VAL A 3280 -31.30 14.59 38.03
CA VAL A 3280 -30.69 15.78 38.59
C VAL A 3280 -29.29 15.98 38.02
N TYR A 3281 -28.53 14.89 37.91
CA TYR A 3281 -27.20 14.97 37.31
C TYR A 3281 -27.28 15.41 35.86
N LEU A 3282 -28.24 14.86 35.10
CA LEU A 3282 -28.38 15.24 33.70
C LEU A 3282 -28.74 16.71 33.55
N ILE A 3283 -29.68 17.20 34.38
CA ILE A 3283 -30.09 18.59 34.29
C ILE A 3283 -28.95 19.52 34.73
N LYS A 3284 -28.14 19.11 35.69
CA LYS A 3284 -26.98 19.89 36.07
C LYS A 3284 -25.97 19.96 34.92
N ARG A 3285 -25.74 18.84 34.23
CA ARG A 3285 -24.85 18.84 33.08
C ARG A 3285 -25.37 19.77 31.99
N ILE A 3286 -26.66 19.73 31.72
CA ILE A 3286 -27.25 20.60 30.70
C ILE A 3286 -27.09 22.07 31.10
N HIS A 3287 -27.35 22.39 32.37
CA HIS A 3287 -27.21 23.75 32.84
C HIS A 3287 -25.77 24.24 32.71
N GLU A 3288 -24.81 23.40 33.09
CA GLU A 3288 -23.41 23.79 32.98
C GLU A 3288 -23.00 23.98 31.52
N GLU A 3289 -23.48 23.11 30.63
CA GLU A 3289 -23.15 23.25 29.22
C GLU A 3289 -23.72 24.53 28.66
N CYS A 3290 -24.96 24.88 29.02
CA CYS A 3290 -25.56 26.09 28.50
C CYS A 3290 -24.89 27.35 29.06
N ALA A 3291 -24.48 27.31 30.32
CA ALA A 3291 -23.92 28.50 30.95
C ALA A 3291 -22.54 28.86 30.44
N LYS A 3292 -21.82 27.92 29.82
CA LYS A 3292 -20.44 28.13 29.40
C LYS A 3292 -20.29 28.34 27.90
N LEU A 3293 -21.38 28.62 27.18
CA LEU A 3293 -21.29 28.77 25.74
C LEU A 3293 -20.45 29.97 25.35
N HIS A 3294 -20.57 31.07 26.07
CA HIS A 3294 -19.92 32.31 25.67
C HIS A 3294 -18.42 32.33 25.96
N GLU A 3295 -17.89 31.33 26.65
CA GLU A 3295 -16.45 31.22 26.83
C GLU A 3295 -15.76 30.50 25.67
N GLN A 3296 -16.51 29.76 24.86
CA GLN A 3296 -15.91 28.96 23.80
C GLN A 3296 -15.55 29.84 22.60
N SER A 3297 -14.71 29.29 21.73
CA SER A 3297 -14.36 29.96 20.49
C SER A 3297 -15.58 30.07 19.58
N VAL A 3298 -15.59 31.11 18.76
CA VAL A 3298 -16.68 31.33 17.81
C VAL A 3298 -16.22 30.74 16.48
N ASN A 3299 -16.48 29.45 16.32
CA ASN A 3299 -16.17 28.75 15.07
C ASN A 3299 -17.09 27.54 14.95
N LEU A 3300 -17.10 26.96 13.75
CA LEU A 3300 -18.05 25.89 13.45
C LEU A 3300 -17.79 24.64 14.30
N LEU A 3301 -16.52 24.30 14.51
CA LEU A 3301 -16.18 23.06 15.19
C LEU A 3301 -16.67 23.08 16.64
N SER A 3302 -16.41 24.17 17.36
CA SER A 3302 -16.83 24.24 18.76
C SER A 3302 -18.34 24.18 18.88
N ASP A 3303 -19.06 24.84 17.97
CA ASP A 3303 -20.52 24.79 18.00
C ASP A 3303 -21.02 23.38 17.72
N ASN A 3304 -20.37 22.67 16.79
CA ASN A 3304 -20.77 21.28 16.54
C ASN A 3304 -20.56 20.42 17.77
N MET A 3305 -19.42 20.57 18.45
CA MET A 3305 -19.17 19.79 19.66
C MET A 3305 -20.19 20.10 20.75
N PHE A 3306 -20.48 21.39 20.94
CA PHE A 3306 -21.46 21.78 21.95
C PHE A 3306 -22.82 21.19 21.63
N GLY A 3307 -23.24 21.25 20.37
CA GLY A 3307 -24.51 20.68 19.98
C GLY A 3307 -24.58 19.19 20.21
N GLU A 3308 -23.49 18.47 19.89
CA GLU A 3308 -23.51 17.03 20.05
C GLU A 3308 -23.58 16.63 21.53
N ARG A 3309 -22.81 17.30 22.38
CA ARG A 3309 -22.88 16.99 23.81
C ARG A 3309 -24.26 17.31 24.38
N LEU A 3310 -24.81 18.47 24.01
CA LEU A 3310 -26.14 18.83 24.49
C LEU A 3310 -27.18 17.84 24.01
N ARG A 3311 -27.07 17.40 22.75
CA ARG A 3311 -28.01 16.43 22.22
C ARG A 3311 -27.94 15.11 22.98
N CYS A 3312 -26.73 14.65 23.30
CA CYS A 3312 -26.61 13.42 24.07
C CYS A 3312 -27.31 13.55 25.42
N PHE A 3313 -27.04 14.65 26.14
CA PHE A 3313 -27.66 14.82 27.46
C PHE A 3313 -29.17 14.91 27.36
N VAL A 3314 -29.69 15.69 26.41
CA VAL A 3314 -31.13 15.88 26.31
C VAL A 3314 -31.81 14.58 25.89
N GLU A 3315 -31.19 13.84 24.98
CA GLU A 3315 -31.76 12.56 24.57
C GLU A 3315 -31.80 11.58 25.73
N LEU A 3316 -30.75 11.55 26.55
CA LEU A 3316 -30.77 10.68 27.72
C LEU A 3316 -31.88 11.07 28.70
N LEU A 3317 -32.04 12.37 28.94
CA LEU A 3317 -33.09 12.82 29.85
C LEU A 3317 -34.47 12.46 29.32
N SER A 3318 -34.69 12.68 28.02
CA SER A 3318 -35.99 12.36 27.42
C SER A 3318 -36.27 10.87 27.48
N LEU A 3319 -35.26 10.04 27.22
CA LEU A 3319 -35.44 8.60 27.32
C LEU A 3319 -35.77 8.18 28.75
N LEU A 3320 -35.11 8.80 29.73
CA LEU A 3320 -35.40 8.46 31.11
C LEU A 3320 -36.82 8.82 31.49
N LEU A 3321 -37.31 9.98 31.03
CA LEU A 3321 -38.60 10.48 31.48
C LEU A 3321 -39.76 10.18 30.54
N SER A 3322 -39.55 9.43 29.47
CA SER A 3322 -40.60 9.15 28.50
C SER A 3322 -40.74 7.65 28.27
N GLY A 3323 -41.93 7.25 27.84
CA GLY A 3323 -42.24 5.85 27.61
C GLY A 3323 -43.65 5.49 28.03
N SER A 3324 -43.79 4.54 28.95
CA SER A 3324 -45.08 4.07 29.42
C SER A 3324 -45.58 4.96 30.55
N ASN A 3325 -46.64 4.51 31.24
CA ASN A 3325 -47.23 5.31 32.30
C ASN A 3325 -46.29 5.46 33.49
N VAL A 3326 -45.39 4.50 33.70
CA VAL A 3326 -44.43 4.61 34.77
C VAL A 3326 -43.52 5.82 34.56
N GLU A 3327 -43.09 6.03 33.32
CA GLU A 3327 -42.28 7.21 33.00
C GLU A 3327 -43.07 8.49 33.15
N ASN A 3328 -44.38 8.46 32.83
CA ASN A 3328 -45.20 9.64 33.07
C ASN A 3328 -45.29 9.97 34.56
N VAL A 3329 -45.42 8.94 35.40
CA VAL A 3329 -45.42 9.16 36.84
C VAL A 3329 -44.08 9.71 37.30
N LEU A 3330 -42.99 9.19 36.74
CA LEU A 3330 -41.65 9.69 37.09
C LEU A 3330 -41.51 11.17 36.71
N LEU A 3331 -41.98 11.54 35.53
CA LEU A 3331 -41.91 12.93 35.11
C LEU A 3331 -42.76 13.82 36.01
N LYS A 3332 -43.96 13.36 36.37
CA LYS A 3332 -44.80 14.14 37.27
C LYS A 3332 -44.15 14.32 38.63
N ALA A 3333 -43.51 13.28 39.14
CA ALA A 3333 -42.90 13.34 40.47
C ALA A 3333 -41.65 14.21 40.46
N GLY A 3334 -40.92 14.23 39.36
CA GLY A 3334 -39.68 14.98 39.32
C GLY A 3334 -39.73 16.23 38.47
N ALA A 3335 -40.88 16.91 38.46
CA ALA A 3335 -41.03 18.14 37.70
C ALA A 3335 -40.69 19.39 38.50
N ASP A 3336 -40.48 19.27 39.81
CA ASP A 3336 -40.17 20.44 40.61
C ASP A 3336 -38.72 20.87 40.43
N ASP A 3337 -37.81 19.92 40.21
CA ASP A 3337 -36.39 20.22 40.17
C ASP A 3337 -35.83 20.38 38.77
N LEU A 3338 -36.69 20.48 37.75
CA LEU A 3338 -36.21 20.72 36.39
C LEU A 3338 -37.07 21.67 35.56
N LEU A 3339 -38.10 22.28 36.15
CA LEU A 3339 -38.99 23.14 35.37
C LEU A 3339 -38.29 24.43 34.95
N ILE A 3340 -37.66 25.12 35.91
CA ILE A 3340 -37.05 26.41 35.62
C ILE A 3340 -35.84 26.24 34.69
N PHE A 3341 -35.08 25.16 34.90
CA PHE A 3341 -33.95 24.89 34.01
C PHE A 3341 -34.43 24.62 32.59
N LEU A 3342 -35.51 23.86 32.45
CA LEU A 3342 -36.08 23.60 31.13
C LEU A 3342 -36.50 24.90 30.45
N LEU A 3343 -37.20 25.76 31.19
CA LEU A 3343 -37.70 27.00 30.62
C LEU A 3343 -36.55 27.89 30.15
N HIS A 3344 -35.56 28.11 31.02
CA HIS A 3344 -34.48 29.01 30.69
C HIS A 3344 -33.57 28.43 29.60
N SER A 3345 -33.36 27.12 29.59
CA SER A 3345 -32.56 26.52 28.52
C SER A 3345 -33.29 26.62 27.18
N THR A 3346 -34.62 26.46 27.19
CA THR A 3346 -35.37 26.62 25.95
C THR A 3346 -35.26 28.04 25.43
N ILE A 3347 -35.38 29.04 26.31
CA ILE A 3347 -35.22 30.42 25.85
C ILE A 3347 -33.81 30.65 25.31
N PHE A 3348 -32.79 30.17 26.03
CA PHE A 3348 -31.42 30.38 25.60
C PHE A 3348 -31.15 29.75 24.24
N LEU A 3349 -31.71 28.56 24.00
CA LEU A 3349 -31.53 27.92 22.70
C LEU A 3349 -32.32 28.62 21.61
N LYS A 3350 -33.49 29.19 21.93
CA LYS A 3350 -34.21 29.98 20.95
C LYS A 3350 -33.47 31.26 20.57
N ARG A 3351 -32.67 31.83 21.47
CA ARG A 3351 -32.00 33.09 21.19
C ARG A 3351 -30.91 32.98 20.14
N ILE A 3352 -30.57 31.77 19.69
CA ILE A 3352 -29.50 31.56 18.72
C ILE A 3352 -30.11 31.58 17.32
N MET A 3353 -29.54 32.40 16.44
CA MET A 3353 -30.04 32.56 15.07
C MET A 3353 -29.04 32.16 14.01
N THR A 3354 -27.77 32.57 14.12
CA THR A 3354 -26.79 32.31 13.08
C THR A 3354 -25.83 31.18 13.42
N ARG A 3355 -25.64 30.87 14.70
CA ARG A 3355 -24.81 29.74 15.10
C ARG A 3355 -25.68 28.51 15.37
N ARG A 3356 -26.41 28.10 14.34
CA ARG A 3356 -27.37 27.02 14.44
C ARG A 3356 -26.82 25.75 13.82
N THR A 3357 -26.91 24.65 14.57
CA THR A 3357 -26.59 23.32 14.07
C THR A 3357 -27.82 22.42 14.23
N ARG A 3358 -27.79 21.28 13.53
CA ARG A 3358 -28.93 20.37 13.59
C ARG A 3358 -29.11 19.80 15.00
N ALA A 3359 -28.01 19.49 15.68
CA ALA A 3359 -28.11 18.92 17.02
C ALA A 3359 -28.73 19.92 17.99
N THR A 3360 -28.37 21.20 17.88
CA THR A 3360 -28.98 22.21 18.73
C THR A 3360 -30.47 22.33 18.49
N ASP A 3361 -30.90 22.27 17.23
CA ASP A 3361 -32.32 22.31 16.92
C ASP A 3361 -33.04 21.11 17.52
N SER A 3362 -32.45 19.91 17.40
CA SER A 3362 -33.06 18.73 17.98
C SER A 3362 -33.18 18.86 19.50
N SER A 3363 -32.12 19.37 20.15
CA SER A 3363 -32.16 19.54 21.59
C SER A 3363 -33.25 20.53 22.00
N ARG A 3364 -33.37 21.64 21.26
CA ARG A 3364 -34.41 22.62 21.56
C ARG A 3364 -35.80 22.02 21.40
N ILE A 3365 -36.00 21.22 20.34
CA ILE A 3365 -37.31 20.60 20.12
C ILE A 3365 -37.64 19.64 21.25
N ALA A 3366 -36.68 18.81 21.65
CA ALA A 3366 -36.93 17.84 22.72
C ALA A 3366 -37.22 18.55 24.04
N LEU A 3367 -36.48 19.63 24.34
CA LEU A 3367 -36.73 20.38 25.56
C LEU A 3367 -38.10 21.04 25.54
N GLU A 3368 -38.52 21.56 24.38
CA GLU A 3368 -39.87 22.09 24.25
C GLU A 3368 -40.91 21.01 24.51
N LYS A 3369 -40.69 19.81 23.97
CA LYS A 3369 -41.63 18.72 24.21
C LYS A 3369 -41.74 18.41 25.69
N LEU A 3370 -40.60 18.35 26.39
CA LEU A 3370 -40.61 18.09 27.82
C LEU A 3370 -41.36 19.19 28.57
N LEU A 3371 -41.09 20.45 28.24
CA LEU A 3371 -41.74 21.56 28.94
C LEU A 3371 -43.25 21.56 28.70
N LYS A 3372 -43.65 21.36 27.45
CA LYS A 3372 -45.08 21.33 27.11
C LYS A 3372 -45.79 20.20 27.82
N ARG A 3373 -45.15 19.03 27.89
CA ARG A 3373 -45.76 17.90 28.58
C ARG A 3373 -45.81 18.11 30.09
N VAL A 3374 -44.85 18.85 30.65
CA VAL A 3374 -44.86 19.14 32.08
C VAL A 3374 -45.99 20.11 32.42
N SER A 3375 -46.15 21.16 31.60
CA SER A 3375 -47.11 22.21 31.93
C SER A 3375 -48.52 21.94 31.40
N CYS A 3376 -48.81 20.74 30.90
CA CYS A 3376 -50.13 20.47 30.36
C CYS A 3376 -51.21 20.54 31.43
N ARG A 3377 -50.94 20.01 32.63
CA ARG A 3377 -51.93 19.98 33.70
C ARG A 3377 -51.41 20.65 34.98
N ASP A 3378 -50.29 21.37 34.89
CA ASP A 3378 -49.71 22.02 36.06
C ASP A 3378 -49.33 23.45 35.70
N GLY A 3379 -50.27 24.18 35.08
CA GLY A 3379 -49.99 25.55 34.68
C GLY A 3379 -49.71 26.48 35.85
N THR A 3380 -50.26 26.16 37.02
CA THR A 3380 -49.99 26.95 38.22
C THR A 3380 -48.53 26.91 38.62
N LYS A 3381 -47.89 25.73 38.57
CA LYS A 3381 -46.47 25.65 38.89
C LYS A 3381 -45.63 26.43 37.89
N LEU A 3382 -45.97 26.35 36.61
CA LEU A 3382 -45.25 27.13 35.61
C LEU A 3382 -45.40 28.62 35.85
N MET A 3383 -46.62 29.06 36.21
CA MET A 3383 -46.84 30.47 36.53
C MET A 3383 -46.01 30.89 37.73
N SER A 3384 -45.96 30.05 38.76
CA SER A 3384 -45.18 30.38 39.95
C SER A 3384 -43.69 30.47 39.61
N VAL A 3385 -43.19 29.55 38.79
CA VAL A 3385 -41.79 29.57 38.40
C VAL A 3385 -41.48 30.83 37.58
N CYS A 3386 -42.37 31.18 36.66
CA CYS A 3386 -42.17 32.38 35.85
C CYS A 3386 -42.17 33.62 36.72
N VAL A 3387 -43.05 33.68 37.73
CA VAL A 3387 -43.07 34.80 38.65
C VAL A 3387 -41.78 34.87 39.45
N GLU A 3388 -41.29 33.71 39.91
CA GLU A 3388 -40.06 33.67 40.68
C GLU A 3388 -38.87 34.14 39.85
N SER A 3389 -38.86 33.78 38.56
CA SER A 3389 -37.79 34.20 37.68
C SER A 3389 -37.90 35.67 37.26
N LEU A 3390 -39.11 36.21 37.24
CA LEU A 3390 -39.32 37.61 36.86
C LEU A 3390 -39.03 38.53 38.05
N ASP B 240 -27.17 -11.97 -10.03
CA ASP B 240 -25.74 -11.73 -10.24
C ASP B 240 -24.91 -12.40 -9.16
N PRO B 241 -24.08 -13.37 -9.55
CA PRO B 241 -23.30 -14.11 -8.56
C PRO B 241 -21.96 -13.49 -8.20
N ASN B 242 -21.54 -12.43 -8.90
CA ASN B 242 -20.23 -11.82 -8.67
C ASN B 242 -20.31 -10.55 -7.83
N VAL B 243 -21.44 -10.27 -7.20
CA VAL B 243 -21.62 -9.08 -6.37
C VAL B 243 -21.97 -9.53 -4.96
N GLN B 244 -21.26 -8.97 -3.98
CA GLN B 244 -21.50 -9.27 -2.58
C GLN B 244 -21.98 -8.02 -1.86
N GLN B 245 -22.53 -8.21 -0.65
CA GLN B 245 -22.87 -7.11 0.23
C GLN B 245 -21.78 -6.98 1.28
N VAL B 246 -20.96 -5.93 1.15
CA VAL B 246 -19.81 -5.77 2.04
C VAL B 246 -20.17 -4.84 3.20
N ILE B 247 -21.14 -3.96 2.98
CA ILE B 247 -21.65 -3.07 4.02
C ILE B 247 -23.14 -3.39 4.18
N ARG B 248 -23.51 -3.94 5.33
CA ARG B 248 -24.88 -4.38 5.56
C ARG B 248 -25.51 -3.60 6.71
N PRO B 249 -26.45 -2.70 6.43
CA PRO B 249 -27.17 -2.05 7.54
C PRO B 249 -28.07 -3.03 8.27
N LEU B 250 -28.25 -2.78 9.55
CA LEU B 250 -29.10 -3.58 10.41
C LEU B 250 -30.34 -2.77 10.79
N ALA B 251 -31.17 -3.35 11.64
CA ALA B 251 -32.39 -2.68 12.08
C ALA B 251 -32.05 -1.48 12.96
N THR B 252 -32.77 -0.38 12.73
CA THR B 252 -32.53 0.85 13.47
C THR B 252 -33.23 0.83 14.81
N ILE B 253 -32.53 1.27 15.84
CA ILE B 253 -33.10 1.42 17.18
C ILE B 253 -33.59 2.85 17.33
N PRO B 254 -34.90 3.09 17.46
CA PRO B 254 -35.39 4.46 17.61
C PRO B 254 -34.95 5.07 18.93
N ILE B 255 -34.74 6.39 18.91
CA ILE B 255 -34.24 7.10 20.08
C ILE B 255 -35.38 7.58 20.97
N TYR B 256 -36.39 8.19 20.37
CA TYR B 256 -37.52 8.70 21.15
C TYR B 256 -38.61 7.64 21.23
N PRO B 257 -38.95 7.15 22.42
CA PRO B 257 -40.02 6.16 22.51
C PRO B 257 -41.34 6.75 22.08
N PRO B 258 -42.22 5.94 21.49
CA PRO B 258 -43.51 6.45 21.01
C PRO B 258 -44.50 6.61 22.15
N THR B 259 -44.80 7.85 22.49
CA THR B 259 -45.72 8.15 23.59
C THR B 259 -47.11 8.51 23.05
N GLN B 291 -47.48 -12.17 48.48
CA GLN B 291 -46.78 -11.36 49.47
C GLN B 291 -46.73 -9.89 49.04
N PRO B 292 -46.78 -8.98 50.01
CA PRO B 292 -46.68 -7.56 49.70
C PRO B 292 -45.23 -7.09 49.63
N ILE B 293 -45.05 -5.94 48.97
CA ILE B 293 -43.74 -5.30 48.85
C ILE B 293 -43.78 -4.02 49.67
N VAL B 294 -42.85 -3.91 50.62
CA VAL B 294 -42.81 -2.76 51.53
C VAL B 294 -41.41 -2.18 51.51
N GLU B 295 -41.32 -0.91 51.90
CA GLU B 295 -40.05 -0.20 51.91
C GLU B 295 -39.16 -0.69 53.04
N ASP B 296 -37.86 -0.69 52.79
CA ASP B 296 -36.89 -1.07 53.80
C ASP B 296 -36.63 0.11 54.74
N GLU B 297 -35.75 -0.09 55.71
CA GLU B 297 -35.50 0.96 56.69
C GLU B 297 -34.67 2.08 56.09
N ALA B 298 -33.72 1.77 55.21
CA ALA B 298 -32.90 2.80 54.58
C ALA B 298 -33.74 3.73 53.71
N LEU B 299 -34.69 3.15 52.97
CA LEU B 299 -35.52 3.96 52.07
C LEU B 299 -36.37 4.95 52.84
N LYS B 300 -36.93 4.53 53.97
CA LYS B 300 -37.76 5.43 54.76
C LYS B 300 -36.95 6.58 55.34
N LYS B 301 -35.65 6.39 55.50
CA LYS B 301 -34.76 7.43 56.02
C LYS B 301 -34.11 8.26 54.92
N ASP B 302 -34.42 7.98 53.66
CA ASP B 302 -33.84 8.71 52.54
C ASP B 302 -34.60 10.02 52.34
N GLU B 303 -33.87 11.13 52.30
CA GLU B 303 -34.51 12.44 52.15
C GLU B 303 -35.24 12.56 50.82
N PHE B 304 -34.65 12.05 49.75
CA PHE B 304 -35.31 12.12 48.44
C PHE B 304 -36.62 11.35 48.44
N TRP B 305 -36.66 10.20 49.11
CA TRP B 305 -37.89 9.43 49.19
C TRP B 305 -38.98 10.21 49.92
N LYS B 306 -38.62 10.87 51.02
CA LYS B 306 -39.59 11.70 51.73
C LYS B 306 -40.08 12.85 50.85
N THR B 307 -39.17 13.48 50.11
CA THR B 307 -39.58 14.55 49.21
C THR B 307 -40.53 14.05 48.13
N LEU B 308 -40.28 12.86 47.59
CA LEU B 308 -41.22 12.26 46.64
C LEU B 308 -42.57 11.99 47.28
N LYS B 309 -42.58 11.58 48.55
CA LYS B 309 -43.84 11.25 49.20
C LYS B 309 -44.76 12.46 49.30
N THR B 310 -44.20 13.66 49.31
CA THR B 310 -44.99 14.88 49.39
C THR B 310 -45.33 15.48 48.03
N ARG B 311 -44.98 14.80 46.93
CA ARG B 311 -45.20 15.34 45.60
C ARG B 311 -46.30 14.63 44.82
N ILE B 312 -46.52 13.34 45.07
CA ILE B 312 -47.48 12.54 44.31
C ILE B 312 -48.37 11.78 45.30
N SER B 313 -49.43 11.18 44.76
CA SER B 313 -50.38 10.42 45.55
C SER B 313 -49.77 9.11 46.02
N GLU B 314 -50.51 8.40 46.87
CA GLU B 314 -49.99 7.16 47.44
C GLU B 314 -50.01 6.03 46.43
N GLU B 315 -50.97 6.04 45.49
CA GLU B 315 -51.00 5.02 44.45
C GLU B 315 -49.78 5.14 43.55
N ASP B 316 -49.40 6.38 43.21
CA ASP B 316 -48.22 6.59 42.37
C ASP B 316 -46.96 6.13 43.08
N VAL B 317 -46.87 6.38 44.39
CA VAL B 317 -45.71 5.92 45.15
C VAL B 317 -45.66 4.40 45.19
N ASP B 318 -46.82 3.77 45.36
CA ASP B 318 -46.86 2.30 45.36
C ASP B 318 -46.42 1.75 44.01
N LEU B 319 -46.87 2.36 42.92
CA LEU B 319 -46.45 1.91 41.59
C LEU B 319 -44.95 2.08 41.42
N ILE B 320 -44.41 3.22 41.85
CA ILE B 320 -42.98 3.47 41.72
C ILE B 320 -42.18 2.45 42.53
N LEU B 321 -42.62 2.16 43.74
CA LEU B 321 -41.93 1.18 44.58
C LEU B 321 -41.99 -0.21 43.96
N GLU B 322 -43.15 -0.61 43.45
CA GLU B 322 -43.28 -1.91 42.82
C GLU B 322 -42.36 -2.03 41.60
N THR B 323 -42.31 -0.98 40.78
CA THR B 323 -41.41 -1.01 39.63
C THR B 323 -39.95 -1.04 40.07
N MET B 324 -39.62 -0.30 41.13
CA MET B 324 -38.25 -0.20 41.60
C MET B 324 -37.74 -1.55 42.12
N LYS B 325 -38.57 -2.26 42.87
CA LYS B 325 -38.11 -3.48 43.54
C LYS B 325 -38.21 -4.73 42.67
N SER B 326 -38.75 -4.62 41.46
CA SER B 326 -38.98 -5.79 40.61
C SER B 326 -37.95 -5.84 39.50
N THR B 327 -37.79 -7.04 38.93
CA THR B 327 -36.86 -7.28 37.84
C THR B 327 -37.64 -7.58 36.56
N ALA B 328 -37.21 -6.96 35.46
CA ALA B 328 -37.90 -7.15 34.20
C ALA B 328 -37.78 -8.59 33.72
N LYS B 329 -38.87 -9.10 33.14
CA LYS B 329 -38.91 -10.46 32.60
C LYS B 329 -38.28 -10.45 31.22
N VAL B 330 -36.97 -10.74 31.18
CA VAL B 330 -36.25 -10.74 29.91
C VAL B 330 -36.67 -11.96 29.09
N LYS B 331 -37.08 -11.72 27.85
CA LYS B 331 -37.52 -12.79 26.97
C LYS B 331 -36.34 -13.64 26.49
N ALA B 353 -31.97 -2.85 -4.95
CA ALA B 353 -32.73 -1.94 -4.12
C ALA B 353 -32.71 -0.52 -4.69
N GLN B 354 -33.40 0.39 -4.03
CA GLN B 354 -33.50 1.77 -4.48
C GLN B 354 -33.70 2.67 -3.27
N VAL B 355 -33.39 3.95 -3.45
CA VAL B 355 -33.48 4.95 -2.39
C VAL B 355 -34.69 5.84 -2.67
N THR B 356 -35.63 5.86 -1.73
CA THR B 356 -36.84 6.65 -1.86
C THR B 356 -36.96 7.78 -0.84
N THR B 357 -36.29 7.69 0.30
CA THR B 357 -36.32 8.75 1.30
C THR B 357 -35.22 9.76 1.01
N THR B 358 -35.59 11.03 0.95
CA THR B 358 -34.63 12.08 0.66
C THR B 358 -33.76 12.38 1.86
N SER B 359 -32.60 12.99 1.61
CA SER B 359 -31.65 13.28 2.67
C SER B 359 -32.22 14.28 3.67
N ASP B 360 -32.91 15.31 3.19
CA ASP B 360 -33.43 16.37 4.03
C ASP B 360 -34.79 16.05 4.62
N SER B 361 -35.30 14.85 4.40
CA SER B 361 -36.61 14.47 4.91
C SER B 361 -36.62 14.42 6.43
N GLU B 362 -37.76 14.76 7.03
CA GLU B 362 -37.94 14.60 8.45
C GLU B 362 -38.46 13.20 8.77
N GLY B 363 -38.01 12.67 9.89
CA GLY B 363 -38.40 11.34 10.30
C GLY B 363 -38.11 11.09 11.75
N ASP B 364 -37.82 9.83 12.08
CA ASP B 364 -37.56 9.41 13.46
C ASP B 364 -36.07 9.16 13.64
N PRO B 365 -35.39 9.92 14.49
CA PRO B 365 -33.96 9.67 14.71
C PRO B 365 -33.73 8.34 15.41
N GLY B 366 -32.54 7.79 15.18
CA GLY B 366 -32.20 6.52 15.78
C GLY B 366 -30.74 6.18 15.56
N TRP B 367 -30.35 5.03 16.09
CA TRP B 367 -29.00 4.50 15.94
C TRP B 367 -29.04 3.37 14.91
N LEU B 368 -28.23 3.49 13.87
CA LEU B 368 -28.18 2.50 12.80
C LEU B 368 -26.85 1.75 12.84
N PRO B 369 -26.85 0.47 13.14
CA PRO B 369 -25.59 -0.29 13.11
C PRO B 369 -25.29 -0.85 11.73
N LEU B 370 -24.02 -0.78 11.36
CA LEU B 370 -23.53 -1.28 10.07
C LEU B 370 -22.58 -2.44 10.32
N SER B 371 -22.81 -3.56 9.64
CA SER B 371 -21.92 -4.70 9.71
C SER B 371 -21.03 -4.73 8.47
N PHE B 372 -19.77 -5.09 8.66
CA PHE B 372 -18.76 -5.04 7.61
C PHE B 372 -18.30 -6.46 7.29
N GLU B 373 -18.86 -7.05 6.24
CA GLU B 373 -18.44 -8.35 5.76
C GLU B 373 -17.43 -8.20 4.62
N THR B 374 -16.34 -7.50 4.92
CA THR B 374 -15.30 -7.22 3.94
C THR B 374 -14.07 -8.07 4.25
N THR B 375 -13.13 -8.07 3.30
CA THR B 375 -11.88 -8.78 3.41
C THR B 375 -10.73 -7.78 3.40
N PRO B 376 -9.77 -7.90 4.31
CA PRO B 376 -8.60 -7.02 4.26
C PRO B 376 -7.87 -7.17 2.93
N ILE B 377 -7.37 -6.06 2.40
CA ILE B 377 -6.76 -6.08 1.08
C ILE B 377 -5.49 -6.91 1.08
N ARG B 378 -4.75 -6.94 2.20
CA ARG B 378 -3.55 -7.75 2.27
C ARG B 378 -3.86 -9.25 2.27
N SER B 379 -5.09 -9.63 2.59
CA SER B 379 -5.50 -11.02 2.63
C SER B 379 -6.30 -11.43 1.41
N THR B 380 -6.20 -10.68 0.32
CA THR B 380 -6.94 -11.02 -0.90
C THR B 380 -6.46 -12.35 -1.47
N GLY B 381 -7.39 -13.24 -1.75
CA GLY B 381 -7.05 -14.55 -2.28
C GLY B 381 -6.27 -15.42 -1.31
N CYS B 382 -6.59 -15.35 -0.03
CA CYS B 382 -5.91 -16.14 0.98
C CYS B 382 -6.93 -16.65 2.00
N GLY B 383 -6.57 -17.75 2.67
CA GLY B 383 -7.35 -18.27 3.76
C GLY B 383 -8.48 -19.19 3.38
N GLY B 384 -8.64 -19.52 2.10
CA GLY B 384 -9.72 -20.39 1.68
C GLY B 384 -9.29 -21.53 0.78
N TYR B 385 -8.09 -22.07 1.02
CA TYR B 385 -7.56 -23.12 0.15
C TYR B 385 -8.41 -24.37 0.19
N TRP B 386 -8.83 -24.79 1.39
CA TRP B 386 -9.67 -25.97 1.56
C TRP B 386 -11.12 -25.59 1.87
N SER B 387 -11.58 -24.44 1.39
CA SER B 387 -12.92 -23.98 1.74
C SER B 387 -14.02 -24.78 1.05
N ASP B 388 -13.69 -25.55 0.02
CA ASP B 388 -14.70 -26.31 -0.70
C ASP B 388 -15.27 -27.42 0.18
N LYS B 389 -16.60 -27.57 0.14
CA LYS B 389 -17.28 -28.53 0.98
C LYS B 389 -17.09 -29.98 0.52
N ARG B 390 -16.49 -30.20 -0.65
CA ARG B 390 -16.30 -31.55 -1.15
C ARG B 390 -15.05 -32.23 -0.62
N PHE B 391 -14.18 -31.49 0.08
CA PHE B 391 -13.01 -32.11 0.68
C PHE B 391 -13.41 -32.98 1.86
N LEU B 392 -12.61 -34.00 2.13
CA LEU B 392 -12.93 -35.00 3.13
C LEU B 392 -12.07 -34.94 4.38
N ARG B 393 -10.95 -34.22 4.35
CA ARG B 393 -10.09 -34.15 5.51
C ARG B 393 -10.83 -33.53 6.68
N PRO B 394 -10.62 -34.00 7.91
CA PRO B 394 -11.28 -33.35 9.06
C PRO B 394 -10.73 -31.95 9.30
N ARG B 395 -11.52 -30.96 8.93
CA ARG B 395 -11.14 -29.56 9.01
C ARG B 395 -11.36 -29.02 10.41
N LYS B 396 -11.39 -27.69 10.53
CA LYS B 396 -11.46 -27.01 11.81
C LYS B 396 -12.85 -27.14 12.45
N MET B 397 -13.15 -28.31 12.99
CA MET B 397 -14.39 -28.54 13.72
C MET B 397 -14.12 -28.51 15.22
N GLN B 398 -15.20 -28.30 15.98
CA GLN B 398 -15.08 -28.21 17.42
C GLN B 398 -14.83 -29.58 18.05
N ARG B 399 -14.12 -29.57 19.17
CA ARG B 399 -13.80 -30.77 19.91
C ARG B 399 -15.05 -31.35 20.56
N GLU B 400 -14.97 -32.62 20.95
CA GLU B 400 -16.10 -33.32 21.54
C GLU B 400 -16.04 -33.21 23.06
N GLN B 401 -17.13 -32.69 23.65
CA GLN B 401 -17.22 -32.50 25.08
C GLN B 401 -18.60 -32.91 25.58
N SER B 402 -18.66 -33.39 26.81
CA SER B 402 -19.93 -33.66 27.45
C SER B 402 -20.60 -32.35 27.88
N VAL B 403 -21.89 -32.45 28.20
CA VAL B 403 -22.66 -31.25 28.53
C VAL B 403 -22.14 -30.61 29.81
N ALA B 404 -21.87 -31.41 30.83
CA ALA B 404 -21.42 -30.87 32.11
C ALA B 404 -20.08 -30.15 31.97
N SER B 405 -19.13 -30.77 31.25
CA SER B 405 -17.82 -30.15 31.07
C SER B 405 -17.94 -28.85 30.27
N SER B 406 -18.76 -28.85 29.22
CA SER B 406 -18.95 -27.65 28.43
C SER B 406 -19.55 -26.52 29.27
N ASN B 407 -20.57 -26.85 30.08
CA ASN B 407 -21.18 -25.84 30.93
C ASN B 407 -20.19 -25.29 31.94
N ALA B 408 -19.39 -26.16 32.56
CA ALA B 408 -18.40 -25.71 33.53
C ALA B 408 -17.37 -24.81 32.87
N GLU B 409 -16.89 -25.18 31.69
CA GLU B 409 -15.91 -24.35 30.99
C GLU B 409 -16.49 -22.99 30.62
N ILE B 410 -17.71 -22.96 30.11
CA ILE B 410 -18.34 -21.70 29.73
C ILE B 410 -18.51 -20.81 30.96
N MET B 411 -18.95 -21.39 32.07
CA MET B 411 -19.14 -20.62 33.29
C MET B 411 -17.82 -20.05 33.81
N GLU B 412 -16.75 -20.85 33.79
CA GLU B 412 -15.46 -20.35 34.26
C GLU B 412 -14.93 -19.24 33.38
N LYS B 413 -15.04 -19.39 32.05
CA LYS B 413 -14.59 -18.34 31.15
C LYS B 413 -15.37 -17.06 31.36
N ALA B 414 -16.70 -17.17 31.51
CA ALA B 414 -17.51 -15.99 31.77
C ALA B 414 -17.14 -15.34 33.10
N GLU B 415 -16.87 -16.15 34.13
CA GLU B 415 -16.46 -15.61 35.42
C GLU B 415 -15.18 -14.80 35.29
N ILE B 416 -14.19 -15.34 34.58
CA ILE B 416 -12.93 -14.63 34.43
C ILE B 416 -13.12 -13.33 33.65
N ALA B 417 -13.90 -13.38 32.57
CA ALA B 417 -14.14 -12.17 31.79
C ALA B 417 -14.86 -11.11 32.62
N LEU B 418 -15.86 -11.52 33.40
CA LEU B 418 -16.58 -10.57 34.24
C LEU B 418 -15.68 -9.96 35.30
N ALA B 419 -14.81 -10.77 35.89
CA ALA B 419 -13.88 -10.23 36.88
C ALA B 419 -12.93 -9.22 36.25
N LEU B 420 -12.42 -9.53 35.05
CA LEU B 420 -11.52 -8.59 34.37
C LEU B 420 -12.22 -7.27 34.07
N ILE B 421 -13.45 -7.32 33.57
CA ILE B 421 -14.15 -6.08 33.25
C ILE B 421 -14.52 -5.32 34.52
N ARG B 422 -14.93 -6.03 35.57
CA ARG B 422 -15.32 -5.39 36.81
C ARG B 422 -14.15 -4.74 37.54
N ALA B 423 -12.94 -5.24 37.34
CA ALA B 423 -11.78 -4.61 37.98
C ALA B 423 -11.48 -3.22 37.43
N SER B 424 -12.10 -2.83 36.30
CA SER B 424 -11.76 -1.57 35.66
C SER B 424 -12.46 -0.37 36.30
N CYS B 425 -13.44 -0.61 37.17
CA CYS B 425 -14.15 0.50 37.81
C CYS B 425 -13.23 1.26 38.75
N LEU B 426 -13.38 2.59 38.78
CA LEU B 426 -12.56 3.42 39.65
C LEU B 426 -12.81 3.13 41.11
N HIS B 427 -14.07 2.95 41.49
CA HIS B 427 -14.46 2.63 42.86
C HIS B 427 -15.01 1.21 42.86
N GLU B 428 -14.32 0.31 43.56
CA GLU B 428 -14.71 -1.08 43.56
C GLU B 428 -16.05 -1.24 44.26
N PRO B 429 -17.06 -1.79 43.60
CA PRO B 429 -18.38 -1.94 44.25
C PRO B 429 -18.41 -3.13 45.19
N VAL B 430 -19.12 -2.95 46.29
CA VAL B 430 -19.34 -4.00 47.28
C VAL B 430 -20.84 -4.27 47.35
N PHE B 431 -21.22 -5.53 47.14
CA PHE B 431 -22.62 -5.94 47.08
C PHE B 431 -22.91 -6.86 48.25
N THR B 432 -23.69 -6.37 49.23
CA THR B 432 -24.08 -7.22 50.35
C THR B 432 -25.14 -8.22 49.92
N ASP B 433 -26.06 -7.82 49.04
CA ASP B 433 -27.11 -8.70 48.54
C ASP B 433 -27.38 -8.34 47.07
N PRO B 434 -26.90 -9.15 46.14
CA PRO B 434 -27.07 -8.82 44.71
C PRO B 434 -28.42 -9.22 44.14
N THR B 435 -29.25 -9.95 44.89
CA THR B 435 -30.56 -10.33 44.36
C THR B 435 -31.60 -9.21 44.49
N LYS B 436 -31.28 -8.14 45.22
CA LYS B 436 -32.15 -6.97 45.29
C LYS B 436 -31.60 -5.90 44.36
N PRO B 437 -32.28 -5.56 43.26
CA PRO B 437 -31.67 -4.62 42.30
C PRO B 437 -31.51 -3.21 42.84
N ASP B 438 -32.50 -2.71 43.59
CA ASP B 438 -32.41 -1.35 44.12
C ASP B 438 -31.25 -1.22 45.10
N ILE B 439 -31.09 -2.20 45.99
CA ILE B 439 -30.00 -2.16 46.97
C ILE B 439 -28.66 -2.20 46.27
N ALA B 440 -28.51 -3.07 45.27
CA ALA B 440 -27.25 -3.16 44.55
C ALA B 440 -26.93 -1.87 43.81
N LEU B 441 -27.92 -1.27 43.15
CA LEU B 441 -27.68 -0.02 42.44
C LEU B 441 -27.32 1.10 43.41
N LYS B 442 -27.98 1.15 44.56
CA LYS B 442 -27.65 2.17 45.54
C LYS B 442 -26.22 1.98 46.06
N GLU B 443 -25.83 0.75 46.37
CA GLU B 443 -24.48 0.50 46.85
C GLU B 443 -23.45 0.85 45.79
N ALA B 444 -23.78 0.65 44.51
CA ALA B 444 -22.83 0.97 43.45
C ALA B 444 -22.71 2.47 43.22
N LEU B 445 -23.82 3.20 43.29
CA LEU B 445 -23.86 4.57 42.81
C LEU B 445 -23.98 5.64 43.90
N GLN B 446 -24.05 5.27 45.18
CA GLN B 446 -24.32 6.26 46.21
C GLN B 446 -23.12 7.16 46.50
N HIS B 447 -21.90 6.71 46.19
CA HIS B 447 -20.72 7.51 46.50
C HIS B 447 -20.49 8.62 45.48
N LEU B 448 -21.16 8.58 44.32
CA LEU B 448 -20.94 9.59 43.30
C LEU B 448 -21.67 10.89 43.61
N ARG B 449 -22.64 10.87 44.53
CA ARG B 449 -23.42 12.04 44.90
C ARG B 449 -24.11 12.65 43.68
N LEU B 450 -24.87 11.82 42.99
CA LEU B 450 -25.59 12.28 41.79
C LEU B 450 -26.66 13.31 42.14
N GLY B 451 -27.12 13.33 43.38
CA GLY B 451 -28.19 14.20 43.78
C GLY B 451 -27.80 15.62 44.13
N GLU B 452 -26.53 15.98 43.96
CA GLU B 452 -26.08 17.34 44.25
C GLU B 452 -26.78 18.33 43.34
N LYS B 453 -27.59 19.21 43.92
CA LYS B 453 -28.35 20.16 43.14
C LYS B 453 -27.43 21.27 42.64
N PRO B 454 -27.65 21.78 41.42
CA PRO B 454 -26.89 22.94 40.96
C PRO B 454 -27.15 24.15 41.84
N ALA B 455 -26.14 25.00 41.96
CA ALA B 455 -26.22 26.14 42.86
C ALA B 455 -27.21 27.17 42.30
N LYS B 456 -27.33 28.31 43.00
CA LYS B 456 -28.24 29.36 42.58
C LYS B 456 -27.93 29.79 41.15
N MET B 457 -28.85 29.51 40.25
CA MET B 457 -28.63 29.71 38.82
C MET B 457 -28.93 31.15 38.43
N MET B 458 -28.18 31.65 37.47
CA MET B 458 -28.31 33.01 36.97
C MET B 458 -28.79 32.98 35.52
N GLU B 459 -28.93 34.16 34.94
CA GLU B 459 -29.32 34.28 33.54
C GLU B 459 -28.16 33.88 32.64
N TYR B 460 -28.44 33.02 31.67
CA TYR B 460 -27.41 32.61 30.72
C TYR B 460 -26.99 33.80 29.86
N GLN B 461 -25.69 34.02 29.75
CA GLN B 461 -25.18 35.08 28.89
C GLN B 461 -25.26 34.63 27.44
N ALA B 462 -25.93 35.42 26.61
CA ALA B 462 -26.16 35.04 25.23
C ALA B 462 -24.86 34.99 24.45
N ALA B 463 -24.72 33.98 23.60
CA ALA B 463 -23.55 33.87 22.74
C ALA B 463 -23.60 34.93 21.65
N GLU B 464 -22.44 35.52 21.35
CA GLU B 464 -22.39 36.59 20.37
C GLU B 464 -22.73 36.06 18.98
N GLU B 465 -23.37 36.91 18.19
CA GLU B 465 -23.85 36.53 16.87
C GLU B 465 -22.83 36.90 15.80
N LEU B 466 -23.03 36.34 14.60
CA LEU B 466 -22.15 36.62 13.47
C LEU B 466 -22.70 37.83 12.71
N VAL B 467 -21.97 38.93 12.75
CA VAL B 467 -22.36 40.17 12.09
C VAL B 467 -21.27 40.56 11.10
N ASN B 468 -21.69 41.00 9.91
CA ASN B 468 -20.78 41.41 8.86
C ASN B 468 -21.18 42.82 8.42
N MET B 469 -20.56 43.82 9.02
CA MET B 469 -20.82 45.21 8.67
C MET B 469 -19.62 45.73 7.89
N PRO B 470 -19.74 45.97 6.58
CA PRO B 470 -18.59 46.46 5.81
C PRO B 470 -18.10 47.80 6.33
N GLU B 471 -16.79 47.98 6.31
CA GLU B 471 -16.15 49.19 6.81
C GLU B 471 -16.31 50.30 5.78
N ARG B 472 -17.01 51.36 6.16
CA ARG B 472 -17.15 52.52 5.28
C ARG B 472 -15.91 53.39 5.34
N ASP B 473 -15.77 54.24 4.34
CA ASP B 473 -14.65 55.16 4.30
C ASP B 473 -14.88 56.29 5.31
N PRO B 474 -13.94 56.54 6.22
CA PRO B 474 -14.16 57.61 7.21
C PRO B 474 -14.37 58.98 6.59
N ILE B 475 -13.80 59.24 5.41
CA ILE B 475 -14.02 60.51 4.75
C ILE B 475 -15.48 60.69 4.37
N THR B 476 -16.10 59.63 3.83
CA THR B 476 -17.48 59.74 3.37
C THR B 476 -18.47 59.81 4.53
N THR B 477 -18.13 59.21 5.67
CA THR B 477 -19.04 59.21 6.81
C THR B 477 -19.05 60.53 7.58
N GLY B 478 -18.10 61.42 7.31
CA GLY B 478 -18.05 62.70 7.99
C GLY B 478 -19.11 63.66 7.52
N GLU B 483 -11.33 68.71 1.87
CA GLU B 483 -10.94 69.47 0.69
C GLU B 483 -10.44 68.56 -0.42
N ILE B 484 -11.15 68.58 -1.55
CA ILE B 484 -10.78 67.77 -2.72
C ILE B 484 -9.82 68.59 -3.58
N PRO B 485 -8.60 68.12 -3.83
CA PRO B 485 -7.65 68.91 -4.62
C PRO B 485 -8.06 69.01 -6.07
N ASP B 486 -7.61 70.09 -6.71
CA ASP B 486 -7.80 70.28 -8.15
C ASP B 486 -6.60 69.65 -8.86
N PHE B 487 -6.81 68.47 -9.40
CA PHE B 487 -5.70 67.72 -9.99
C PHE B 487 -5.17 68.40 -11.24
N THR B 488 -6.05 69.05 -12.01
CA THR B 488 -5.67 69.64 -13.29
C THR B 488 -5.04 71.03 -13.15
N ALA B 489 -4.90 71.55 -11.93
CA ALA B 489 -4.38 72.90 -11.75
C ALA B 489 -2.88 72.97 -12.03
N ARG B 490 -2.10 72.26 -11.22
CA ARG B 490 -0.65 72.30 -11.32
C ARG B 490 -0.13 71.12 -12.15
N GLY B 491 1.18 71.09 -12.34
CA GLY B 491 1.83 70.01 -13.05
C GLY B 491 2.01 70.30 -14.53
N TYR B 492 2.51 71.48 -14.86
CA TYR B 492 2.68 71.88 -16.25
C TYR B 492 4.01 72.57 -16.47
N ASN C 2450 5.80 67.79 -30.30
CA ASN C 2450 5.39 66.66 -29.48
C ASN C 2450 5.04 67.09 -28.06
N LYS C 2451 5.54 68.26 -27.66
CA LYS C 2451 5.25 68.77 -26.33
C LYS C 2451 3.76 69.08 -26.16
N TYR C 2452 3.10 69.52 -27.22
CA TYR C 2452 1.67 69.76 -27.16
C TYR C 2452 0.92 68.47 -26.87
N LYS C 2453 1.32 67.38 -27.53
CA LYS C 2453 0.70 66.09 -27.27
C LYS C 2453 0.95 65.61 -25.83
N ILE C 2454 2.16 65.85 -25.32
CA ILE C 2454 2.47 65.46 -23.94
C ILE C 2454 1.60 66.24 -22.96
N MET C 2455 1.46 67.55 -23.18
CA MET C 2455 0.61 68.36 -22.31
C MET C 2455 -0.84 67.90 -22.39
N ARG C 2456 -1.31 67.58 -23.60
CA ARG C 2456 -2.67 67.08 -23.75
C ARG C 2456 -2.88 65.77 -23.01
N ASP C 2457 -1.91 64.85 -23.10
CA ASP C 2457 -2.00 63.59 -22.39
C ASP C 2457 -2.02 63.81 -20.88
N LYS C 2458 -1.18 64.73 -20.38
CA LYS C 2458 -1.16 65.00 -18.95
C LYS C 2458 -2.50 65.56 -18.48
N TYR C 2459 -3.05 66.52 -19.23
CA TYR C 2459 -4.35 67.07 -18.85
C TYR C 2459 -5.42 65.99 -18.89
N LYS C 2460 -5.40 65.13 -19.91
CA LYS C 2460 -6.41 64.08 -20.02
C LYS C 2460 -6.33 63.12 -18.85
N MET C 2461 -5.12 62.71 -18.46
CA MET C 2461 -4.98 61.77 -17.35
C MET C 2461 -5.40 62.41 -16.03
N GLN C 2462 -5.01 63.65 -15.78
CA GLN C 2462 -5.43 64.31 -14.55
C GLN C 2462 -6.93 64.50 -14.51
N ASP C 2463 -7.55 64.85 -15.64
CA ASP C 2463 -9.00 64.98 -15.70
C ASP C 2463 -9.68 63.64 -15.47
N LEU C 2464 -9.13 62.55 -16.02
CA LEU C 2464 -9.69 61.23 -15.78
C LEU C 2464 -9.64 60.87 -14.30
N LEU C 2465 -8.52 61.21 -13.64
CA LEU C 2465 -8.44 60.99 -12.20
C LEU C 2465 -9.47 61.83 -11.45
N GLN C 2466 -9.70 63.06 -11.91
CA GLN C 2466 -10.76 63.90 -11.33
C GLN C 2466 -12.11 63.20 -11.41
N GLN C 2467 -12.47 62.71 -12.60
CA GLN C 2467 -13.74 62.01 -12.74
C GLN C 2467 -13.79 60.77 -11.85
N LEU C 2468 -12.69 60.02 -11.77
CA LEU C 2468 -12.67 58.83 -10.93
C LEU C 2468 -12.99 59.18 -9.49
N VAL C 2469 -12.32 60.19 -8.94
CA VAL C 2469 -12.54 60.55 -7.55
C VAL C 2469 -13.95 61.07 -7.34
N LYS C 2470 -14.42 61.93 -8.24
CA LYS C 2470 -15.75 62.51 -8.08
C LYS C 2470 -16.84 61.44 -8.14
N LYS C 2471 -16.75 60.53 -9.11
CA LYS C 2471 -17.74 59.47 -9.23
C LYS C 2471 -17.67 58.50 -8.07
N TYR C 2472 -16.47 58.21 -7.56
CA TYR C 2472 -16.36 57.35 -6.38
C TYR C 2472 -17.07 57.98 -5.19
N LEU C 2473 -16.84 59.28 -4.97
CA LEU C 2473 -17.50 59.95 -3.86
C LEU C 2473 -19.02 59.98 -4.04
N ASP C 2474 -19.47 60.28 -5.26
CA ASP C 2474 -20.90 60.34 -5.52
C ASP C 2474 -21.57 58.98 -5.31
N VAL C 2475 -20.91 57.91 -5.76
CA VAL C 2475 -21.48 56.58 -5.58
C VAL C 2475 -21.47 56.18 -4.11
N SER C 2476 -20.41 56.53 -3.38
CA SER C 2476 -20.37 56.24 -1.95
C SER C 2476 -21.40 57.03 -1.17
N LYS C 2477 -21.89 58.15 -1.73
CA LYS C 2477 -22.88 58.94 -1.01
C LYS C 2477 -24.18 58.16 -0.78
N GLU C 2478 -24.65 57.43 -1.79
CA GLU C 2478 -25.93 56.74 -1.72
C GLU C 2478 -25.73 55.25 -1.98
N VAL C 2479 -26.77 54.46 -1.72
CA VAL C 2479 -26.74 53.03 -1.99
C VAL C 2479 -26.69 52.84 -3.50
N GLY C 2480 -25.56 52.33 -4.01
CA GLY C 2480 -25.38 52.18 -5.43
C GLY C 2480 -25.94 50.88 -5.97
N GLY C 2481 -25.74 50.68 -7.27
CA GLY C 2481 -26.17 49.48 -7.94
C GLY C 2481 -25.18 49.02 -9.00
N HIS C 2482 -25.65 48.19 -9.93
CA HIS C 2482 -24.78 47.73 -11.02
C HIS C 2482 -24.27 48.90 -11.84
N GLN C 2483 -25.17 49.81 -12.23
CA GLN C 2483 -24.77 50.92 -13.08
C GLN C 2483 -23.92 51.94 -12.36
N GLN C 2484 -23.83 51.87 -11.03
CA GLN C 2484 -23.13 52.90 -10.28
C GLN C 2484 -21.61 52.75 -10.38
N LEU C 2485 -21.10 51.53 -10.45
CA LEU C 2485 -19.66 51.30 -10.53
C LEU C 2485 -19.18 50.90 -11.91
N THR C 2486 -20.09 50.73 -12.87
CA THR C 2486 -19.67 50.34 -14.21
C THR C 2486 -18.81 51.42 -14.85
N GLU C 2487 -19.29 52.67 -14.85
CA GLU C 2487 -18.50 53.75 -15.42
C GLU C 2487 -17.20 53.96 -14.65
N ILE C 2488 -17.18 53.63 -13.36
CA ILE C 2488 -15.92 53.67 -12.61
C ILE C 2488 -14.95 52.64 -13.18
N VAL C 2489 -15.45 51.45 -13.50
CA VAL C 2489 -14.60 50.42 -14.08
C VAL C 2489 -14.07 50.85 -15.45
N ASP C 2490 -14.93 51.42 -16.29
CA ASP C 2490 -14.44 51.93 -17.57
C ASP C 2490 -13.45 53.07 -17.40
N VAL C 2491 -13.66 53.93 -16.41
CA VAL C 2491 -12.70 55.01 -16.17
C VAL C 2491 -11.34 54.43 -15.78
N LEU C 2492 -11.34 53.42 -14.91
CA LEU C 2492 -10.09 52.76 -14.52
C LEU C 2492 -9.43 52.10 -15.72
N ALA C 2493 -10.22 51.43 -16.56
CA ALA C 2493 -9.66 50.80 -17.76
C ALA C 2493 -9.05 51.83 -18.70
N SER C 2494 -9.73 52.97 -18.87
CA SER C 2494 -9.22 54.01 -19.77
C SER C 2494 -7.92 54.61 -19.23
N ILE C 2495 -7.88 54.91 -17.93
CA ILE C 2495 -6.67 55.51 -17.37
C ILE C 2495 -5.54 54.49 -17.35
N THR C 2496 -5.86 53.19 -17.28
CA THR C 2496 -4.84 52.17 -17.40
C THR C 2496 -4.29 52.11 -18.83
N LYS C 2497 -5.20 52.12 -19.82
CA LYS C 2497 -4.78 51.95 -21.21
C LYS C 2497 -3.83 53.06 -21.66
N LEU C 2498 -3.93 54.24 -21.06
CA LEU C 2498 -3.04 55.35 -21.38
C LEU C 2498 -1.84 55.43 -20.45
N ALA C 2499 -1.83 54.62 -19.38
CA ALA C 2499 -0.74 54.66 -18.41
C ALA C 2499 0.52 53.98 -18.91
N LEU C 2500 0.40 52.87 -19.64
CA LEU C 2500 1.57 52.21 -20.18
C LEU C 2500 2.20 52.98 -21.33
N ILE C 2501 1.47 53.92 -21.93
CA ILE C 2501 2.03 54.71 -23.02
C ILE C 2501 3.13 55.64 -22.48
N ARG C 2502 2.88 56.31 -21.36
CA ARG C 2502 3.86 57.22 -20.76
C ARG C 2502 3.95 56.92 -19.27
N PRO C 2503 4.67 55.85 -18.90
CA PRO C 2503 4.73 55.47 -17.48
C PRO C 2503 5.37 56.50 -16.57
N ASP C 2504 6.28 57.34 -17.08
CA ASP C 2504 6.93 58.32 -16.22
C ASP C 2504 5.96 59.40 -15.77
N MET C 2505 5.14 59.90 -16.70
CA MET C 2505 4.12 60.89 -16.35
C MET C 2505 3.11 60.31 -15.37
N TRP C 2506 2.70 59.06 -15.57
CA TRP C 2506 1.81 58.41 -14.61
C TRP C 2506 2.48 58.26 -13.25
N ARG C 2507 3.78 57.96 -13.23
CA ARG C 2507 4.49 57.87 -11.95
C ARG C 2507 4.45 59.21 -11.23
N ASP C 2508 4.69 60.30 -11.96
CA ASP C 2508 4.65 61.62 -11.34
C ASP C 2508 3.26 61.94 -10.80
N VAL C 2509 2.22 61.65 -11.59
CA VAL C 2509 0.86 61.93 -11.16
C VAL C 2509 0.51 61.11 -9.92
N CYS C 2510 0.88 59.83 -9.92
CA CYS C 2510 0.60 58.98 -8.77
C CYS C 2510 1.35 59.45 -7.53
N SER C 2511 2.60 59.86 -7.70
CA SER C 2511 3.38 60.34 -6.56
C SER C 2511 2.81 61.63 -5.99
N THR C 2512 2.21 62.47 -6.85
CA THR C 2512 1.61 63.71 -6.34
C THR C 2512 0.40 63.41 -5.45
N HIS C 2513 -0.42 62.43 -5.82
CA HIS C 2513 -1.67 62.15 -5.11
C HIS C 2513 -1.76 60.71 -4.64
N THR C 2514 -0.72 60.23 -3.95
CA THR C 2514 -0.65 58.82 -3.56
C THR C 2514 -1.76 58.44 -2.60
N THR C 2515 -2.12 59.33 -1.68
CA THR C 2515 -3.05 58.98 -0.61
C THR C 2515 -4.42 58.60 -1.16
N TRP C 2516 -4.91 59.33 -2.16
CA TRP C 2516 -6.22 59.02 -2.74
C TRP C 2516 -6.23 57.65 -3.39
N LEU C 2517 -5.17 57.32 -4.14
CA LEU C 2517 -5.10 56.01 -4.77
C LEU C 2517 -5.00 54.89 -3.73
N LEU C 2518 -4.21 55.12 -2.68
CA LEU C 2518 -4.11 54.12 -1.62
C LEU C 2518 -5.46 53.90 -0.94
N ARG C 2519 -6.18 54.98 -0.66
CA ARG C 2519 -7.50 54.86 -0.05
C ARG C 2519 -8.47 54.11 -0.96
N LEU C 2520 -8.44 54.41 -2.26
CA LEU C 2520 -9.32 53.71 -3.20
C LEU C 2520 -8.99 52.22 -3.23
N ALA C 2521 -7.70 51.88 -3.26
CA ALA C 2521 -7.32 50.47 -3.25
C ALA C 2521 -7.72 49.79 -1.95
N CYS C 2522 -7.67 50.51 -0.84
CA CYS C 2522 -7.94 49.90 0.46
C CYS C 2522 -9.42 49.64 0.67
N TYR C 2523 -10.28 50.56 0.23
CA TYR C 2523 -11.68 50.52 0.68
C TYR C 2523 -12.67 49.99 -0.36
N THR C 2524 -12.40 50.12 -1.65
CA THR C 2524 -13.41 49.75 -2.64
C THR C 2524 -13.50 48.23 -2.77
N THR C 2525 -14.41 47.78 -3.63
CA THR C 2525 -14.60 46.35 -3.85
C THR C 2525 -13.40 45.76 -4.59
N ASP C 2526 -13.47 44.45 -4.85
CA ASP C 2526 -12.33 43.75 -5.43
C ASP C 2526 -12.02 44.25 -6.83
N VAL C 2527 -13.05 44.51 -7.65
CA VAL C 2527 -12.81 44.88 -9.05
C VAL C 2527 -12.07 46.21 -9.13
N VAL C 2528 -12.49 47.19 -8.32
CA VAL C 2528 -11.81 48.48 -8.33
C VAL C 2528 -10.43 48.37 -7.69
N ALA C 2529 -10.34 47.66 -6.56
CA ALA C 2529 -9.10 47.61 -5.80
C ALA C 2529 -7.99 46.93 -6.58
N SER C 2530 -8.32 45.86 -7.30
CA SER C 2530 -7.30 45.15 -8.08
C SER C 2530 -6.72 46.06 -9.15
N GLN C 2531 -7.57 46.81 -9.85
CA GLN C 2531 -7.07 47.71 -10.88
C GLN C 2531 -6.24 48.84 -10.27
N VAL C 2532 -6.65 49.36 -9.12
CA VAL C 2532 -5.86 50.42 -8.49
C VAL C 2532 -4.50 49.88 -8.05
N VAL C 2533 -4.47 48.65 -7.53
CA VAL C 2533 -3.20 48.05 -7.12
C VAL C 2533 -2.29 47.84 -8.33
N GLU C 2534 -2.85 47.37 -9.44
CA GLU C 2534 -2.06 47.22 -10.66
C GLU C 2534 -1.54 48.57 -11.15
N LEU C 2535 -2.36 49.62 -11.02
CA LEU C 2535 -1.90 50.95 -11.41
C LEU C 2535 -0.72 51.40 -10.54
N LEU C 2536 -0.80 51.16 -9.23
CA LEU C 2536 0.30 51.50 -8.34
C LEU C 2536 1.56 50.73 -8.70
N ILE C 2537 1.41 49.44 -9.02
CA ILE C 2537 2.55 48.63 -9.41
C ILE C 2537 3.17 49.15 -10.70
N VAL C 2538 2.34 49.53 -11.67
CA VAL C 2538 2.87 50.10 -12.91
C VAL C 2538 3.62 51.39 -12.62
N ALA C 2539 3.07 52.23 -11.73
CA ALA C 2539 3.74 53.48 -11.39
C ALA C 2539 5.10 53.24 -10.75
N VAL C 2540 5.19 52.26 -9.86
CA VAL C 2540 6.43 52.05 -9.11
C VAL C 2540 7.46 51.31 -9.96
N ARG C 2541 7.10 50.13 -10.48
CA ARG C 2541 8.08 49.26 -11.11
C ARG C 2541 8.54 49.78 -12.46
N ASP C 2542 7.62 50.23 -13.31
CA ASP C 2542 7.91 50.43 -14.72
C ASP C 2542 8.82 51.62 -15.00
N SER C 2543 9.10 52.46 -14.01
CA SER C 2543 10.02 53.57 -14.23
C SER C 2543 11.45 53.05 -14.35
N SER C 2544 12.30 53.88 -14.97
CA SER C 2544 13.70 53.53 -15.21
C SER C 2544 14.61 53.91 -14.05
N VAL C 2545 14.06 54.50 -12.99
CA VAL C 2545 14.82 54.92 -11.81
C VAL C 2545 15.96 55.84 -12.26
N GLY C 2546 15.65 56.79 -13.15
CA GLY C 2546 16.67 57.73 -13.57
C GLY C 2546 17.16 58.61 -12.44
N GLY C 2547 16.26 59.02 -11.55
CA GLY C 2547 16.60 59.84 -10.40
C GLY C 2547 16.13 59.19 -9.13
N GLN C 2548 15.60 60.02 -8.23
CA GLN C 2548 15.10 59.57 -6.94
C GLN C 2548 13.58 59.52 -6.88
N LEU C 2549 12.89 59.75 -8.00
CA LEU C 2549 11.43 59.89 -7.96
C LEU C 2549 10.76 58.61 -7.50
N SER C 2550 11.23 57.46 -7.99
CA SER C 2550 10.68 56.19 -7.54
C SER C 2550 10.92 55.96 -6.06
N ILE C 2551 12.07 56.43 -5.56
CA ILE C 2551 12.37 56.32 -4.13
C ILE C 2551 11.36 57.14 -3.32
N GLN C 2552 11.06 58.36 -3.77
CA GLN C 2552 10.07 59.18 -3.07
C GLN C 2552 8.69 58.54 -3.14
N LEU C 2553 8.33 57.95 -4.28
CA LEU C 2553 7.03 57.29 -4.39
C LEU C 2553 6.93 56.11 -3.43
N ALA C 2554 7.98 55.29 -3.34
CA ALA C 2554 7.97 54.18 -2.40
C ALA C 2554 7.88 54.67 -0.96
N ASP C 2555 8.64 55.74 -0.64
CA ASP C 2555 8.61 56.27 0.71
C ASP C 2555 7.23 56.81 1.06
N SER C 2556 6.57 57.48 0.12
CA SER C 2556 5.24 58.00 0.39
C SER C 2556 4.22 56.87 0.54
N ILE C 2557 4.38 55.80 -0.23
CA ILE C 2557 3.49 54.64 -0.07
C ILE C 2557 3.67 54.04 1.31
N VAL C 2558 4.90 53.90 1.77
CA VAL C 2558 5.15 53.29 3.08
C VAL C 2558 4.68 54.20 4.21
N GLU C 2559 4.89 55.51 4.06
CA GLU C 2559 4.67 56.44 5.17
C GLU C 2559 3.22 56.90 5.25
N ALA C 2560 2.45 56.72 4.18
CA ALA C 2560 1.11 57.28 4.07
C ALA C 2560 0.23 56.88 5.25
N GLU C 2561 -0.31 57.89 5.94
CA GLU C 2561 -1.22 57.69 7.07
C GLU C 2561 -0.61 56.80 8.14
N ASN C 2562 0.69 57.01 8.40
CA ASN C 2562 1.42 56.23 9.41
C ASN C 2562 1.40 54.73 9.09
N GLY C 2563 1.32 54.40 7.81
CA GLY C 2563 1.32 53.01 7.38
C GLY C 2563 0.02 52.27 7.53
N GLU C 2564 -1.08 52.96 7.87
CA GLU C 2564 -2.37 52.27 8.00
C GLU C 2564 -2.85 51.73 6.66
N PHE C 2565 -2.69 52.52 5.59
CA PHE C 2565 -3.21 52.11 4.29
C PHE C 2565 -2.47 50.90 3.74
N ILE C 2566 -1.14 50.92 3.81
CA ILE C 2566 -0.36 49.79 3.32
C ILE C 2566 -0.61 48.56 4.19
N GLU C 2567 -0.79 48.75 5.49
CA GLU C 2567 -1.10 47.63 6.37
C GLU C 2567 -2.43 47.00 6.00
N LYS C 2568 -3.44 47.82 5.72
CA LYS C 2568 -4.74 47.30 5.33
C LYS C 2568 -4.65 46.57 3.98
N ILE C 2569 -3.90 47.12 3.04
CA ILE C 2569 -3.76 46.49 1.73
C ILE C 2569 -3.08 45.12 1.87
N ILE C 2570 -2.01 45.07 2.66
CA ILE C 2570 -1.30 43.81 2.88
C ILE C 2570 -2.22 42.80 3.57
N LYS C 2571 -2.96 43.25 4.59
CA LYS C 2571 -3.86 42.36 5.31
C LYS C 2571 -4.96 41.82 4.42
N ARG C 2572 -5.42 42.61 3.46
CA ARG C 2572 -6.52 42.19 2.60
C ARG C 2572 -6.08 41.32 1.44
N PHE C 2573 -4.95 41.62 0.81
CA PHE C 2573 -4.58 40.96 -0.45
C PHE C 2573 -3.44 39.96 -0.31
N LEU C 2574 -2.43 40.24 0.52
CA LEU C 2574 -1.27 39.36 0.58
C LEU C 2574 -1.60 38.00 1.18
N ILE C 2575 -2.55 37.94 2.11
CA ILE C 2575 -2.92 36.68 2.75
C ILE C 2575 -4.38 36.36 2.45
N GLY C 2576 -4.86 36.79 1.29
CA GLY C 2576 -6.24 36.59 0.91
C GLY C 2576 -6.49 35.23 0.30
N ARG C 2577 -7.74 35.04 -0.13
CA ARG C 2577 -8.15 33.76 -0.71
C ARG C 2577 -7.60 33.59 -2.13
N ASP C 2578 -7.63 34.65 -2.94
CA ASP C 2578 -7.20 34.58 -4.32
C ASP C 2578 -5.68 34.51 -4.40
N GLU C 2579 -5.17 33.53 -5.14
CA GLU C 2579 -3.72 33.34 -5.23
C GLU C 2579 -3.07 34.36 -6.16
N GLN C 2580 -3.77 34.73 -7.24
CA GLN C 2580 -3.21 35.71 -8.17
C GLN C 2580 -2.97 37.04 -7.48
N LEU C 2581 -3.92 37.48 -6.64
CA LEU C 2581 -3.73 38.71 -5.90
C LEU C 2581 -2.61 38.58 -4.87
N ARG C 2582 -2.43 37.38 -4.30
CA ARG C 2582 -1.32 37.17 -3.38
C ARG C 2582 0.01 37.33 -4.09
N TRP C 2583 0.15 36.77 -5.29
CA TRP C 2583 1.37 36.95 -6.07
C TRP C 2583 1.56 38.41 -6.47
N THR C 2584 0.46 39.08 -6.83
CA THR C 2584 0.54 40.49 -7.21
C THR C 2584 1.08 41.34 -6.06
N LEU C 2585 0.54 41.14 -4.86
CA LEU C 2585 1.01 41.89 -3.70
C LEU C 2585 2.41 41.47 -3.30
N HIS C 2586 2.79 40.21 -3.53
CA HIS C 2586 4.16 39.78 -3.30
C HIS C 2586 5.12 40.58 -4.19
N GLY C 2587 4.78 40.73 -5.47
CA GLY C 2587 5.60 41.53 -6.36
C GLY C 2587 5.65 42.99 -5.96
N MET C 2588 4.49 43.55 -5.58
CA MET C 2588 4.45 44.96 -5.18
C MET C 2588 5.32 45.19 -3.94
N LEU C 2589 5.23 44.29 -2.95
CA LEU C 2589 6.04 44.41 -1.76
C LEU C 2589 7.52 44.27 -2.08
N ARG C 2590 7.86 43.35 -2.98
CA ARG C 2590 9.25 43.21 -3.41
C ARG C 2590 9.77 44.53 -3.98
N SER C 2591 9.02 45.13 -4.90
CA SER C 2591 9.46 46.38 -5.51
C SER C 2591 9.58 47.49 -4.48
N VAL C 2592 8.59 47.61 -3.58
CA VAL C 2592 8.62 48.68 -2.59
C VAL C 2592 9.80 48.52 -1.65
N ILE C 2593 10.05 47.30 -1.18
CA ILE C 2593 11.18 47.06 -0.27
C ILE C 2593 12.50 47.34 -0.97
N GLN C 2594 12.66 46.89 -2.22
CA GLN C 2594 13.90 47.17 -2.93
C GLN C 2594 14.10 48.65 -3.16
N LEU C 2595 13.02 49.39 -3.36
CA LEU C 2595 13.09 50.77 -3.82
C LEU C 2595 13.00 51.81 -2.71
N ALA C 2596 12.94 51.39 -1.44
CA ALA C 2596 12.71 52.31 -0.35
C ALA C 2596 14.00 52.57 0.43
N SER C 2597 13.91 53.46 1.43
CA SER C 2597 15.05 53.79 2.27
C SER C 2597 15.20 52.75 3.38
N ARG C 2598 16.31 52.85 4.12
CA ARG C 2598 16.63 51.85 5.13
C ARG C 2598 15.60 51.84 6.25
N GLN C 2599 15.25 53.02 6.78
CA GLN C 2599 14.30 53.09 7.88
C GLN C 2599 12.94 52.56 7.44
N ASN C 2600 12.50 52.91 6.24
CA ASN C 2600 11.21 52.42 5.75
C ASN C 2600 11.26 50.91 5.52
N GLN C 2601 12.37 50.38 5.03
CA GLN C 2601 12.52 48.94 4.89
C GLN C 2601 12.37 48.25 6.23
N CYS C 2602 13.05 48.76 7.26
CA CYS C 2602 12.95 48.17 8.58
C CYS C 2602 11.53 48.24 9.10
N ILE C 2603 10.86 49.38 8.94
CA ILE C 2603 9.50 49.53 9.42
C ILE C 2603 8.58 48.52 8.74
N LEU C 2604 8.71 48.38 7.42
CA LEU C 2604 7.85 47.47 6.68
C LEU C 2604 8.09 46.03 7.08
N VAL C 2605 9.34 45.63 7.28
CA VAL C 2605 9.60 44.23 7.64
C VAL C 2605 9.12 43.93 9.05
N LYS C 2606 9.33 44.85 9.99
CA LYS C 2606 8.79 44.66 11.34
C LYS C 2606 7.27 44.60 11.32
N LYS C 2607 6.64 45.42 10.48
CA LYS C 2607 5.19 45.36 10.37
C LYS C 2607 4.73 44.03 9.80
N LEU C 2608 5.45 43.51 8.80
CA LEU C 2608 5.10 42.23 8.21
C LEU C 2608 5.21 41.09 9.24
N TYR C 2609 6.25 41.12 10.06
CA TYR C 2609 6.45 39.99 10.98
C TYR C 2609 5.61 40.12 12.24
N ASN C 2610 5.59 41.30 12.87
CA ASN C 2610 4.95 41.45 14.17
C ASN C 2610 3.43 41.50 14.08
N THR C 2611 2.88 41.97 12.96
CA THR C 2611 1.44 42.20 12.86
C THR C 2611 0.76 41.26 11.86
N ILE C 2612 1.23 41.23 10.61
CA ILE C 2612 0.54 40.45 9.58
C ILE C 2612 0.72 38.95 9.82
N TYR C 2613 1.91 38.53 10.26
CA TYR C 2613 2.18 37.11 10.40
C TYR C 2613 1.26 36.39 11.39
N PRO C 2614 0.97 36.93 12.59
CA PRO C 2614 0.06 36.21 13.49
C PRO C 2614 -1.33 35.96 12.90
N LEU C 2615 -1.79 36.84 12.00
CA LEU C 2615 -3.12 36.68 11.44
C LEU C 2615 -3.22 35.46 10.53
N ALA C 2616 -2.13 35.11 9.86
CA ALA C 2616 -2.11 33.96 8.97
C ALA C 2616 -1.71 32.66 9.67
N ALA C 2617 -1.90 32.59 10.99
CA ALA C 2617 -1.44 31.42 11.74
C ALA C 2617 -2.22 30.17 11.34
N ASN C 2618 -3.52 30.28 11.16
CA ASN C 2618 -4.37 29.13 10.88
C ASN C 2618 -4.72 28.98 9.41
N LEU C 2619 -4.10 29.76 8.53
CA LEU C 2619 -4.25 29.60 7.09
C LEU C 2619 -3.00 28.91 6.55
N GLY C 2620 -3.17 27.72 5.97
CA GLY C 2620 -2.05 26.90 5.61
C GLY C 2620 -1.17 27.44 4.51
N VAL C 2621 -1.69 27.47 3.29
CA VAL C 2621 -0.90 27.91 2.15
C VAL C 2621 -1.12 29.39 1.81
N GLN C 2622 -2.06 30.05 2.48
CA GLN C 2622 -2.30 31.46 2.21
C GLN C 2622 -1.21 32.36 2.79
N GLY C 2623 -0.40 31.85 3.70
CA GLY C 2623 0.67 32.65 4.28
C GLY C 2623 2.04 32.36 3.69
N ALA C 2624 2.07 31.72 2.52
CA ALA C 2624 3.35 31.32 1.93
C ALA C 2624 4.15 32.53 1.44
N GLN C 2625 3.49 33.44 0.72
CA GLN C 2625 4.20 34.59 0.15
C GLN C 2625 4.74 35.51 1.23
N LEU C 2626 3.95 35.74 2.28
CA LEU C 2626 4.39 36.58 3.39
C LEU C 2626 5.60 35.97 4.09
N VAL C 2627 5.55 34.66 4.33
CA VAL C 2627 6.66 33.98 4.98
C VAL C 2627 7.90 34.04 4.09
N ASP C 2628 7.71 33.93 2.77
CA ASP C 2628 8.83 34.05 1.85
C ASP C 2628 9.48 35.42 1.94
N LEU C 2629 8.65 36.47 1.95
CA LEU C 2629 9.19 37.83 2.06
C LEU C 2629 9.95 38.02 3.36
N ILE C 2630 9.38 37.55 4.48
CA ILE C 2630 10.05 37.70 5.77
C ILE C 2630 11.37 36.94 5.77
N ALA C 2631 11.35 35.69 5.30
CA ALA C 2631 12.56 34.88 5.27
C ALA C 2631 13.63 35.47 4.36
N THR C 2632 13.25 36.17 3.30
CA THR C 2632 14.22 36.84 2.45
C THR C 2632 14.80 38.11 3.06
N TYR C 2633 13.98 38.93 3.73
CA TYR C 2633 14.42 40.27 4.10
C TYR C 2633 14.73 40.47 5.59
N ALA C 2634 14.35 39.53 6.46
CA ALA C 2634 14.64 39.70 7.89
C ALA C 2634 16.13 39.72 8.21
N PRO C 2635 16.97 38.78 7.72
CA PRO C 2635 18.38 38.80 8.14
C PRO C 2635 19.13 40.04 7.74
N ARG C 2636 18.64 40.81 6.77
CA ARG C 2636 19.32 42.03 6.33
C ARG C 2636 18.90 43.27 7.11
N VAL C 2637 17.69 43.31 7.66
CA VAL C 2637 17.17 44.49 8.33
C VAL C 2637 16.95 44.30 9.82
N PHE C 2638 16.99 43.06 10.32
CA PHE C 2638 16.78 42.81 11.73
C PHE C 2638 18.10 42.86 12.49
N SER C 2639 18.02 43.23 13.76
CA SER C 2639 19.18 43.13 14.64
C SER C 2639 19.33 41.69 15.12
N SER C 2640 20.44 41.42 15.80
CA SER C 2640 20.69 40.08 16.30
C SER C 2640 19.65 39.67 17.35
N THR C 2641 19.29 40.60 18.25
CA THR C 2641 18.34 40.28 19.30
C THR C 2641 16.97 39.94 18.72
N GLU C 2642 16.52 40.72 17.73
CA GLU C 2642 15.24 40.43 17.09
C GLU C 2642 15.26 39.10 16.37
N LEU C 2643 16.37 38.77 15.70
CA LEU C 2643 16.50 37.48 15.04
C LEU C 2643 16.44 36.33 16.05
N VAL C 2644 17.10 36.49 17.20
CA VAL C 2644 17.05 35.46 18.23
C VAL C 2644 15.64 35.30 18.77
N ALA C 2645 14.94 36.41 18.99
CA ALA C 2645 13.57 36.33 19.47
C ALA C 2645 12.66 35.63 18.47
N MET C 2646 12.82 35.95 17.18
CA MET C 2646 12.03 35.28 16.15
C MET C 2646 12.35 33.79 16.09
N THR C 2647 13.63 33.43 16.23
CA THR C 2647 14.00 32.02 16.25
C THR C 2647 13.35 31.29 17.43
N GLN C 2648 13.35 31.91 18.61
CA GLN C 2648 12.70 31.31 19.77
C GLN C 2648 11.20 31.14 19.55
N SER C 2649 10.55 32.14 18.95
CA SER C 2649 9.12 32.04 18.67
C SER C 2649 8.83 30.90 17.71
N GLU C 2650 9.65 30.75 16.67
CA GLU C 2650 9.43 29.69 15.70
C GLU C 2650 9.68 28.31 16.30
N ILE C 2651 10.66 28.21 17.20
CA ILE C 2651 10.88 26.95 17.90
C ILE C 2651 9.65 26.59 18.75
N SER C 2652 9.10 27.59 19.45
CA SER C 2652 7.90 27.33 20.24
C SER C 2652 6.74 26.87 19.37
N THR C 2653 6.57 27.51 18.20
CA THR C 2653 5.52 27.08 17.28
C THR C 2653 5.74 25.63 16.82
N ILE C 2654 6.99 25.28 16.53
CA ILE C 2654 7.29 23.91 16.11
C ILE C 2654 6.92 22.92 17.20
N GLU C 2655 7.29 23.22 18.44
CA GLU C 2655 6.94 22.32 19.54
C GLU C 2655 5.44 22.19 19.73
N LYS C 2656 4.71 23.30 19.63
CA LYS C 2656 3.25 23.24 19.78
C LYS C 2656 2.62 22.38 18.71
N ILE C 2657 3.06 22.54 17.45
CA ILE C 2657 2.50 21.74 16.37
C ILE C 2657 2.88 20.28 16.53
N ARG C 2658 4.09 20.00 17.00
CA ARG C 2658 4.48 18.61 17.23
C ARG C 2658 3.61 17.96 18.29
N ASN C 2659 3.33 18.69 19.37
CA ASN C 2659 2.42 18.16 20.39
C ASN C 2659 1.03 17.91 19.83
N THR C 2660 0.53 18.84 19.02
CA THR C 2660 -0.79 18.67 18.43
C THR C 2660 -0.84 17.44 17.52
N LEU C 2661 0.18 17.25 16.70
CA LEU C 2661 0.23 16.10 15.80
C LEU C 2661 0.34 14.80 16.59
N ASN C 2662 1.15 14.78 17.65
CA ASN C 2662 1.32 13.56 18.42
C ASN C 2662 0.11 13.26 19.31
N GLY C 2663 -0.74 14.24 19.57
CA GLY C 2663 -1.84 14.04 20.51
C GLY C 2663 -3.15 13.57 19.92
N ASP C 2664 -3.49 14.05 18.73
CA ASP C 2664 -4.80 13.78 18.13
C ASP C 2664 -4.80 12.52 17.27
N GLY C 2665 -3.74 11.72 17.35
CA GLY C 2665 -3.70 10.46 16.61
C GLY C 2665 -3.63 10.62 15.11
N TYR C 2666 -2.88 11.61 14.62
CA TYR C 2666 -2.70 11.77 13.18
C TYR C 2666 -1.78 10.72 12.59
N GLN C 2667 -0.88 10.14 13.38
CA GLN C 2667 0.11 9.20 12.84
C GLN C 2667 -0.55 7.92 12.36
N GLY C 2668 -1.39 7.33 13.20
CA GLY C 2668 -2.06 6.09 12.81
C GLY C 2668 -2.98 6.28 11.62
N MET C 2669 -3.71 7.38 11.57
CA MET C 2669 -4.66 7.59 10.49
C MET C 2669 -3.91 7.92 9.20
N TYR C 2670 -2.79 8.63 9.32
CA TYR C 2670 -1.89 8.84 8.19
C TYR C 2670 -1.39 7.51 7.63
N LYS C 2671 -0.96 6.61 8.51
CA LYS C 2671 -0.53 5.29 8.05
C LYS C 2671 -1.66 4.53 7.38
N LEU C 2672 -2.87 4.65 7.94
CA LEU C 2672 -4.02 3.98 7.35
C LEU C 2672 -4.31 4.48 5.94
N MET C 2673 -4.30 5.81 5.74
CA MET C 2673 -4.56 6.35 4.41
C MET C 2673 -3.41 6.12 3.45
N SER C 2674 -2.19 5.99 3.94
CA SER C 2674 -1.06 5.68 3.07
C SER C 2674 -1.05 4.22 2.64
N ASP C 2675 -1.48 3.31 3.51
CA ASP C 2675 -1.50 1.88 3.17
C ASP C 2675 -2.63 1.52 2.21
N LEU C 2676 -3.75 2.24 2.26
CA LEU C 2676 -4.85 1.95 1.35
C LEU C 2676 -4.69 2.62 -0.01
N GLY C 2677 -3.75 3.55 -0.15
CA GLY C 2677 -3.54 4.24 -1.40
C GLY C 2677 -4.47 5.41 -1.67
N LEU C 2678 -5.25 5.84 -0.68
CA LEU C 2678 -6.14 6.98 -0.89
C LEU C 2678 -5.38 8.29 -0.85
N GLY C 2679 -4.32 8.36 -0.06
CA GLY C 2679 -3.48 9.55 -0.03
C GLY C 2679 -3.57 10.30 1.29
N TRP C 2680 -2.54 11.10 1.57
CA TRP C 2680 -2.50 11.85 2.82
C TRP C 2680 -3.45 13.05 2.82
N LYS C 2681 -4.06 13.39 1.70
CA LYS C 2681 -4.98 14.52 1.65
C LYS C 2681 -6.38 14.15 2.10
N SER C 2682 -6.63 12.88 2.44
CA SER C 2682 -7.93 12.42 2.89
C SER C 2682 -7.85 11.90 4.33
N ILE C 2683 -7.14 12.64 5.19
CA ILE C 2683 -6.93 12.18 6.57
C ILE C 2683 -8.26 12.06 7.30
N ASN C 2684 -9.10 13.09 7.22
CA ASN C 2684 -10.42 13.07 7.85
C ASN C 2684 -11.43 13.57 6.81
N PHE C 2685 -11.93 12.68 5.96
CA PHE C 2685 -12.83 13.09 4.91
C PHE C 2685 -14.28 13.14 5.37
N ASP C 2686 -14.59 12.65 6.57
CA ASP C 2686 -15.91 12.80 7.16
C ASP C 2686 -16.02 14.05 8.02
N ARG C 2687 -14.96 14.86 8.06
CA ARG C 2687 -14.90 16.09 8.82
C ARG C 2687 -15.50 17.24 8.00
N ASN C 2688 -15.81 18.34 8.69
CA ASN C 2688 -16.18 19.56 7.99
C ASN C 2688 -15.04 20.02 7.10
N PRO C 2689 -15.27 20.25 5.81
CA PRO C 2689 -14.16 20.49 4.88
C PRO C 2689 -13.38 21.75 5.22
N CYS C 2690 -12.07 21.65 5.03
CA CYS C 2690 -11.19 22.81 5.14
C CYS C 2690 -11.35 23.66 3.88
N LEU C 2691 -11.67 24.94 4.07
CA LEU C 2691 -11.89 25.81 2.92
C LEU C 2691 -10.60 26.23 2.24
N VAL C 2692 -9.48 26.26 2.97
CA VAL C 2692 -8.19 26.57 2.34
C VAL C 2692 -7.80 25.47 1.36
N CYS C 2693 -7.95 24.21 1.77
CA CYS C 2693 -7.48 23.09 0.97
C CYS C 2693 -8.49 22.65 -0.09
N PHE C 2694 -9.76 23.02 0.05
CA PHE C 2694 -10.79 22.73 -0.94
C PHE C 2694 -11.42 24.06 -1.35
N THR C 2695 -10.92 24.63 -2.46
CA THR C 2695 -11.31 25.97 -2.89
C THR C 2695 -12.62 25.99 -3.67
N SER C 2696 -13.12 24.83 -4.09
CA SER C 2696 -14.38 24.73 -4.83
C SER C 2696 -14.39 25.61 -6.08
N ALA C 2878 -30.42 32.32 -3.76
CA ALA C 2878 -31.53 32.79 -2.93
C ALA C 2878 -31.98 34.19 -3.37
N GLN C 2879 -33.28 34.34 -3.57
CA GLN C 2879 -33.85 35.61 -3.99
C GLN C 2879 -33.58 36.69 -2.95
N HIS C 2880 -33.32 37.91 -3.41
CA HIS C 2880 -33.14 39.04 -2.51
C HIS C 2880 -34.37 39.20 -1.62
N ILE C 2881 -34.18 39.11 -0.31
CA ILE C 2881 -35.31 39.17 0.61
C ILE C 2881 -35.87 40.58 0.63
N THR C 2882 -37.19 40.69 0.51
CA THR C 2882 -37.89 41.97 0.52
C THR C 2882 -38.90 42.08 1.64
N CYS C 2883 -39.67 41.03 1.91
CA CYS C 2883 -40.64 41.00 2.99
C CYS C 2883 -40.25 39.91 3.99
N ASP C 2884 -41.08 39.77 5.03
CA ASP C 2884 -40.80 38.77 6.05
C ASP C 2884 -41.07 37.35 5.57
N ALA C 2885 -41.96 37.16 4.58
CA ALA C 2885 -42.25 35.83 4.08
C ALA C 2885 -41.01 35.21 3.44
N GLU C 2886 -40.28 35.99 2.65
CA GLU C 2886 -39.07 35.47 2.02
C GLU C 2886 -37.99 35.17 3.07
N ARG C 2887 -37.92 35.97 4.13
CA ARG C 2887 -36.99 35.66 5.21
C ARG C 2887 -37.35 34.36 5.90
N GLY C 2888 -38.65 34.12 6.12
CA GLY C 2888 -39.06 32.84 6.67
C GLY C 2888 -38.71 31.68 5.76
N GLN C 2889 -38.87 31.88 4.44
CA GLN C 2889 -38.47 30.85 3.49
C GLN C 2889 -36.97 30.58 3.56
N CYS C 2890 -36.17 31.63 3.70
CA CYS C 2890 -34.72 31.46 3.84
C CYS C 2890 -34.37 30.70 5.11
N VAL C 2891 -35.06 31.00 6.20
CA VAL C 2891 -34.82 30.28 7.45
C VAL C 2891 -35.16 28.81 7.30
N GLN C 2892 -36.28 28.51 6.64
CA GLN C 2892 -36.66 27.12 6.40
C GLN C 2892 -35.62 26.41 5.52
N GLU C 2893 -35.10 27.12 4.52
CA GLU C 2893 -34.07 26.53 3.67
C GLU C 2893 -32.82 26.20 4.48
N ILE C 2894 -32.42 27.09 5.38
CA ILE C 2894 -31.29 26.82 6.26
C ILE C 2894 -31.57 25.58 7.11
N THR C 2895 -32.79 25.48 7.64
CA THR C 2895 -33.14 24.34 8.48
C THR C 2895 -33.03 23.03 7.71
N GLN C 2896 -33.51 23.01 6.47
CA GLN C 2896 -33.40 21.79 5.66
C GLN C 2896 -31.94 21.49 5.31
N LEU C 2897 -31.15 22.53 5.02
CA LEU C 2897 -29.76 22.31 4.65
C LEU C 2897 -28.96 21.72 5.81
N LEU C 2898 -29.30 22.10 7.04
CA LEU C 2898 -28.61 21.49 8.19
C LEU C 2898 -28.82 19.98 8.23
N ILE C 2899 -30.06 19.54 8.00
CA ILE C 2899 -30.36 18.11 7.99
C ILE C 2899 -29.59 17.42 6.86
N LYS C 2900 -29.56 18.06 5.69
CA LYS C 2900 -28.84 17.47 4.56
C LYS C 2900 -27.36 17.30 4.86
N MET C 2901 -26.74 18.33 5.46
CA MET C 2901 -25.32 18.25 5.80
C MET C 2901 -25.05 17.16 6.84
N GLU C 2902 -25.94 17.04 7.84
CA GLU C 2902 -25.76 15.99 8.84
C GLU C 2902 -25.82 14.60 8.19
N THR C 2903 -26.78 14.40 7.29
CA THR C 2903 -26.89 13.10 6.63
C THR C 2903 -25.65 12.80 5.79
N THR C 2904 -25.14 13.79 5.06
CA THR C 2904 -23.94 13.58 4.26
C THR C 2904 -22.75 13.21 5.14
N LYS C 2905 -22.59 13.90 6.28
CA LYS C 2905 -21.49 13.59 7.17
C LYS C 2905 -21.62 12.18 7.75
N THR C 2906 -22.85 11.77 8.06
CA THR C 2906 -23.05 10.40 8.56
C THR C 2906 -22.66 9.36 7.52
N LYS C 2907 -23.02 9.60 6.26
CA LYS C 2907 -22.61 8.67 5.20
C LYS C 2907 -21.09 8.62 5.07
N LEU C 2908 -20.43 9.77 5.15
CA LEU C 2908 -18.97 9.78 5.09
C LEU C 2908 -18.36 9.02 6.25
N THR C 2909 -18.96 9.14 7.44
CA THR C 2909 -18.47 8.38 8.60
C THR C 2909 -18.59 6.88 8.37
N GLY C 2910 -19.71 6.44 7.79
CA GLY C 2910 -19.86 5.03 7.47
C GLY C 2910 -18.79 4.55 6.50
N TYR C 2911 -18.52 5.35 5.46
CA TYR C 2911 -17.48 4.98 4.51
C TYR C 2911 -16.11 4.93 5.17
N ARG C 2912 -15.85 5.84 6.11
CA ARG C 2912 -14.57 5.84 6.82
C ARG C 2912 -14.43 4.58 7.67
N ALA C 2913 -15.52 4.15 8.31
CA ALA C 2913 -15.47 2.90 9.08
C ALA C 2913 -15.18 1.71 8.17
N ALA C 2914 -15.79 1.71 6.97
CA ALA C 2914 -15.48 0.64 6.01
C ALA C 2914 -14.02 0.67 5.60
N CYS C 2915 -13.48 1.87 5.34
CA CYS C 2915 -12.08 2.01 4.99
C CYS C 2915 -11.18 1.45 6.09
N GLU C 2916 -11.53 1.72 7.35
CA GLU C 2916 -10.76 1.17 8.46
C GLU C 2916 -10.87 -0.35 8.52
N SER C 2917 -12.05 -0.89 8.23
CA SER C 2917 -12.21 -2.34 8.25
C SER C 2917 -11.39 -3.02 7.17
N LEU C 2918 -11.17 -2.37 6.03
CA LEU C 2918 -10.31 -2.97 5.00
C LEU C 2918 -8.85 -3.07 5.46
N TYR C 2919 -8.47 -2.37 6.51
CA TYR C 2919 -7.09 -2.32 6.99
C TYR C 2919 -6.81 -3.35 8.08
N LEU C 2920 -7.72 -3.51 9.04
CA LEU C 2920 -7.51 -4.42 10.14
C LEU C 2920 -7.75 -5.86 9.71
N ARG C 2921 -6.91 -6.76 10.19
CA ARG C 2921 -6.91 -8.15 9.76
C ARG C 2921 -7.84 -9.05 10.56
N ASN C 2922 -8.41 -8.55 11.65
CA ASN C 2922 -9.16 -9.39 12.57
C ASN C 2922 -10.65 -9.38 12.23
N ARG C 2923 -11.22 -10.58 12.13
CA ARG C 2923 -12.65 -10.82 12.00
C ARG C 2923 -13.10 -11.67 13.18
N PRO C 2924 -14.38 -11.60 13.60
CA PRO C 2924 -15.57 -10.98 13.02
C PRO C 2924 -15.91 -9.57 13.50
N LEU C 2925 -15.00 -8.60 13.35
CA LEU C 2925 -15.02 -7.26 13.96
C LEU C 2925 -16.41 -6.65 14.07
N PRO C 2926 -16.68 -5.91 15.14
CA PRO C 2926 -18.08 -5.63 15.54
C PRO C 2926 -18.69 -4.55 14.68
N PRO C 2927 -20.01 -4.37 14.76
CA PRO C 2927 -20.67 -3.32 13.97
C PRO C 2927 -20.43 -1.93 14.56
N TYR C 2928 -20.48 -0.94 13.68
CA TYR C 2928 -20.35 0.47 14.04
C TYR C 2928 -21.71 1.14 13.92
N LYS C 2929 -22.09 1.89 14.94
CA LYS C 2929 -23.42 2.47 15.03
C LYS C 2929 -23.35 3.96 14.74
N LEU C 2930 -24.24 4.44 13.86
CA LEU C 2930 -24.30 5.83 13.45
C LEU C 2930 -25.58 6.47 13.94
N HIS C 2931 -25.52 7.77 14.19
CA HIS C 2931 -26.70 8.55 14.53
C HIS C 2931 -27.33 9.06 13.24
N VAL C 2932 -28.58 8.70 13.00
CA VAL C 2932 -29.26 9.07 11.76
C VAL C 2932 -30.50 9.87 12.09
N GLU C 2933 -30.87 10.77 11.17
CA GLU C 2933 -32.05 11.60 11.33
C GLU C 2933 -33.27 11.03 10.62
N ASN C 2934 -33.07 10.11 9.68
CA ASN C 2934 -34.16 9.51 8.91
C ASN C 2934 -33.68 8.16 8.40
N ASN C 2935 -34.43 7.59 7.45
CA ASN C 2935 -34.13 6.29 6.88
C ASN C 2935 -33.27 6.37 5.63
N HIS C 2936 -32.80 7.55 5.24
CA HIS C 2936 -32.07 7.68 3.98
C HIS C 2936 -30.76 6.91 4.01
N THR C 2937 -30.03 6.98 5.12
CA THR C 2937 -28.70 6.37 5.16
C THR C 2937 -28.76 4.87 5.03
N SER C 2938 -29.73 4.23 5.69
CA SER C 2938 -29.87 2.78 5.60
C SER C 2938 -30.17 2.34 4.18
N GLU C 2939 -31.06 3.05 3.49
CA GLU C 2939 -31.37 2.70 2.10
C GLU C 2939 -30.16 2.96 1.20
N PHE C 2940 -29.44 4.05 1.45
CA PHE C 2940 -28.26 4.35 0.65
C PHE C 2940 -27.23 3.23 0.77
N PHE C 2941 -26.99 2.74 1.98
CA PHE C 2941 -26.01 1.69 2.15
C PHE C 2941 -26.52 0.33 1.72
N ASP C 2942 -27.84 0.12 1.72
CA ASP C 2942 -28.40 -1.08 1.11
C ASP C 2942 -28.15 -1.09 -0.39
N ALA C 2943 -28.37 0.05 -1.06
CA ALA C 2943 -28.24 0.09 -2.50
C ALA C 2943 -26.78 0.11 -2.95
N ASN C 2944 -25.93 0.89 -2.28
CA ASN C 2944 -24.57 1.15 -2.73
C ASN C 2944 -23.50 0.39 -1.96
N GLY C 2945 -23.88 -0.44 -0.99
CA GLY C 2945 -22.88 -1.13 -0.19
C GLY C 2945 -22.46 -2.47 -0.76
N THR C 2946 -22.09 -2.49 -2.04
CA THR C 2946 -21.75 -3.73 -2.72
C THR C 2946 -20.35 -3.65 -3.32
N MET C 2947 -19.81 -4.81 -3.66
CA MET C 2947 -18.51 -4.92 -4.31
C MET C 2947 -18.52 -6.14 -5.22
N ASN C 2948 -17.42 -6.32 -5.96
CA ASN C 2948 -17.30 -7.37 -6.95
C ASN C 2948 -16.27 -8.40 -6.48
N ILE C 2949 -16.71 -9.65 -6.32
CA ILE C 2949 -15.73 -10.70 -6.05
C ILE C 2949 -14.90 -11.02 -7.29
N GLU C 2950 -15.53 -11.02 -8.46
CA GLU C 2950 -14.81 -11.33 -9.69
C GLU C 2950 -13.76 -10.27 -9.97
N GLN C 2951 -12.62 -10.72 -10.51
CA GLN C 2951 -11.50 -9.83 -10.78
C GLN C 2951 -10.83 -10.25 -12.08
N LEU C 2952 -10.22 -9.27 -12.74
CA LEU C 2952 -9.35 -9.51 -13.88
C LEU C 2952 -7.92 -9.26 -13.44
N PRO C 2953 -7.02 -10.25 -13.48
CA PRO C 2953 -5.66 -10.02 -12.98
C PRO C 2953 -4.92 -9.08 -13.90
N PHE C 2954 -4.24 -8.09 -13.33
CA PHE C 2954 -3.99 -8.01 -11.89
C PHE C 2954 -4.67 -6.82 -11.23
N GLN C 2955 -5.95 -6.60 -11.55
CA GLN C 2955 -6.74 -5.53 -10.97
C GLN C 2955 -7.60 -6.01 -9.79
N SER C 2956 -7.14 -7.03 -9.07
CA SER C 2956 -7.93 -7.57 -7.97
C SER C 2956 -8.06 -6.58 -6.82
N ILE C 2957 -7.12 -5.64 -6.71
CA ILE C 2957 -7.13 -4.66 -5.63
C ILE C 2957 -7.37 -3.25 -6.16
N THR C 2958 -6.79 -2.92 -7.32
CA THR C 2958 -6.83 -1.54 -7.81
C THR C 2958 -8.26 -1.10 -8.14
N MET C 2959 -9.03 -1.96 -8.79
CA MET C 2959 -10.38 -1.57 -9.20
C MET C 2959 -11.32 -1.30 -8.03
N PRO C 2960 -11.43 -2.17 -7.01
CA PRO C 2960 -12.30 -1.82 -5.87
C PRO C 2960 -11.86 -0.55 -5.15
N MET C 2961 -10.56 -0.34 -5.00
CA MET C 2961 -10.08 0.88 -4.35
C MET C 2961 -10.42 2.11 -5.17
N ASN C 2962 -10.32 2.01 -6.49
CA ASN C 2962 -10.70 3.13 -7.35
C ASN C 2962 -12.17 3.44 -7.23
N ASN C 2963 -13.02 2.40 -7.20
CA ASN C 2963 -14.46 2.63 -7.05
C ASN C 2963 -14.78 3.28 -5.71
N LEU C 2964 -14.13 2.82 -4.64
CA LEU C 2964 -14.33 3.41 -3.32
C LEU C 2964 -13.90 4.87 -3.31
N ALA C 2965 -12.78 5.18 -3.96
CA ALA C 2965 -12.32 6.56 -4.04
C ALA C 2965 -13.32 7.43 -4.79
N VAL C 2966 -13.90 6.88 -5.87
CA VAL C 2966 -14.89 7.64 -6.64
C VAL C 2966 -16.10 7.97 -5.76
N ALA C 2967 -16.60 6.97 -5.02
CA ALA C 2967 -17.77 7.19 -4.18
C ALA C 2967 -17.49 8.24 -3.11
N ILE C 2968 -16.34 8.13 -2.44
CA ILE C 2968 -16.01 9.09 -1.39
C ILE C 2968 -15.81 10.48 -1.98
N ARG C 2969 -15.23 10.57 -3.18
CA ARG C 2969 -15.08 11.87 -3.83
C ARG C 2969 -16.43 12.51 -4.10
N THR C 2970 -17.39 11.74 -4.59
CA THR C 2970 -18.71 12.28 -4.84
C THR C 2970 -19.34 12.83 -3.56
N LEU C 2971 -19.28 12.05 -2.48
CA LEU C 2971 -19.88 12.51 -1.23
C LEU C 2971 -19.17 13.76 -0.70
N HIS C 2972 -17.84 13.79 -0.77
CA HIS C 2972 -17.09 14.93 -0.27
C HIS C 2972 -17.41 16.19 -1.06
N SER C 2973 -17.52 16.07 -2.38
CA SER C 2973 -17.89 17.22 -3.20
C SER C 2973 -19.27 17.73 -2.81
N GLU C 2974 -20.21 16.81 -2.59
CA GLU C 2974 -21.55 17.24 -2.16
C GLU C 2974 -21.48 18.02 -0.85
N LEU C 2975 -20.68 17.54 0.09
CA LEU C 2975 -20.54 18.25 1.37
C LEU C 2975 -19.95 19.64 1.17
N CYS C 2976 -18.96 19.76 0.29
CA CYS C 2976 -18.36 21.08 0.03
C CYS C 2976 -19.37 22.05 -0.57
N GLN C 2977 -20.16 21.61 -1.54
CA GLN C 2977 -21.19 22.49 -2.09
C GLN C 2977 -22.22 22.87 -1.04
N GLN C 2978 -22.58 21.93 -0.16
CA GLN C 2978 -23.52 22.26 0.91
C GLN C 2978 -22.97 23.34 1.83
N THR C 2979 -21.68 23.25 2.17
CA THR C 2979 -21.07 24.28 3.00
C THR C 2979 -21.09 25.64 2.30
N GLN C 2980 -20.77 25.66 1.01
CA GLN C 2980 -20.81 26.93 0.27
C GLN C 2980 -22.21 27.52 0.26
N GLN C 2981 -23.22 26.67 0.05
CA GLN C 2981 -24.61 27.14 0.03
C GLN C 2981 -25.03 27.70 1.38
N LEU C 2982 -24.61 27.04 2.47
CA LEU C 2982 -24.91 27.55 3.81
C LEU C 2982 -24.29 28.92 4.03
N MET C 2983 -23.03 29.08 3.62
CA MET C 2983 -22.38 30.38 3.75
C MET C 2983 -23.13 31.45 2.98
N TYR C 2984 -23.54 31.13 1.74
CA TYR C 2984 -24.26 32.11 0.94
C TYR C 2984 -25.60 32.48 1.57
N LEU C 2985 -26.32 31.50 2.10
CA LEU C 2985 -27.61 31.77 2.72
C LEU C 2985 -27.46 32.69 3.92
N HIS C 2986 -26.48 32.39 4.78
CA HIS C 2986 -26.28 33.24 5.95
C HIS C 2986 -25.83 34.64 5.54
N GLU C 2987 -25.01 34.75 4.50
CA GLU C 2987 -24.60 36.06 4.02
C GLU C 2987 -25.78 36.86 3.52
N GLU C 2988 -26.69 36.22 2.78
CA GLU C 2988 -27.88 36.92 2.29
C GLU C 2988 -28.77 37.37 3.44
N LEU C 2989 -28.98 36.51 4.43
CA LEU C 2989 -29.79 36.90 5.58
C LEU C 2989 -29.18 38.07 6.34
N ASN C 2990 -27.86 38.04 6.53
CA ASN C 2990 -27.19 39.15 7.21
C ASN C 2990 -27.28 40.43 6.40
N ARG C 2991 -27.14 40.34 5.07
CA ARG C 2991 -27.24 41.52 4.23
C ARG C 2991 -28.62 42.14 4.32
N TYR C 2992 -29.67 41.31 4.29
CA TYR C 2992 -31.02 41.84 4.43
C TYR C 2992 -31.24 42.46 5.79
N ASP C 2993 -30.73 41.82 6.85
CA ASP C 2993 -31.01 42.30 8.20
C ASP C 2993 -30.34 43.63 8.48
N HIS C 2994 -29.07 43.76 8.11
CA HIS C 2994 -28.27 44.92 8.52
C HIS C 2994 -27.78 45.76 7.36
N ALA C 2995 -27.21 45.13 6.32
CA ALA C 2995 -26.53 45.85 5.25
C ALA C 2995 -27.42 46.17 4.06
N SER C 2996 -28.72 46.38 4.30
CA SER C 2996 -29.64 46.67 3.22
C SER C 2996 -29.50 48.08 2.65
N GLU C 2997 -28.73 48.94 3.30
CA GLU C 2997 -28.60 50.33 2.87
C GLU C 2997 -27.16 50.75 2.60
N VAL C 2998 -26.18 49.89 2.87
CA VAL C 2998 -24.78 50.26 2.64
C VAL C 2998 -24.51 50.31 1.14
N SER C 2999 -23.61 51.20 0.75
CA SER C 2999 -23.28 51.36 -0.66
C SER C 2999 -22.56 50.13 -1.20
N VAL C 3000 -22.82 49.83 -2.46
CA VAL C 3000 -22.24 48.64 -3.09
C VAL C 3000 -20.78 48.83 -3.50
N VAL C 3001 -20.26 50.06 -3.42
CA VAL C 3001 -18.88 50.30 -3.82
C VAL C 3001 -17.89 49.84 -2.77
N PHE C 3002 -18.31 49.69 -1.51
CA PHE C 3002 -17.41 49.30 -0.44
C PHE C 3002 -17.22 47.79 -0.41
N HIS C 3003 -16.03 47.37 -0.01
CA HIS C 3003 -15.69 45.95 0.02
C HIS C 3003 -16.54 45.21 1.05
N LYS C 3004 -17.05 44.05 0.66
CA LYS C 3004 -17.92 43.25 1.52
C LYS C 3004 -17.11 42.10 2.11
N PRO C 3005 -16.82 42.10 3.40
CA PRO C 3005 -15.99 41.03 3.97
C PRO C 3005 -16.75 39.71 4.00
N GLN C 3006 -15.98 38.62 3.92
CA GLN C 3006 -16.53 37.28 3.97
C GLN C 3006 -16.15 36.61 5.29
N ASN C 3007 -17.12 35.96 5.93
CA ASN C 3007 -16.90 35.29 7.20
C ASN C 3007 -16.29 33.91 6.92
N ILE C 3008 -14.99 33.92 6.65
CA ILE C 3008 -14.27 32.70 6.31
C ILE C 3008 -13.66 32.06 7.55
N SER C 3009 -13.20 32.87 8.50
CA SER C 3009 -12.58 32.33 9.70
C SER C 3009 -13.53 31.48 10.53
N TYR C 3010 -14.83 31.78 10.48
CA TYR C 3010 -15.79 30.98 11.24
C TYR C 3010 -16.04 29.63 10.60
N TYR C 3011 -16.12 29.57 9.27
CA TYR C 3011 -16.50 28.36 8.57
C TYR C 3011 -15.32 27.49 8.17
N SER C 3012 -14.09 27.95 8.39
CA SER C 3012 -12.91 27.20 7.98
C SER C 3012 -12.36 26.45 9.19
N THR C 3013 -12.29 25.13 9.06
CA THR C 3013 -11.75 24.28 10.12
C THR C 3013 -10.27 23.98 9.87
N GLY C 3014 -9.49 25.06 9.75
CA GLY C 3014 -8.07 24.91 9.48
C GLY C 3014 -7.22 24.63 10.70
N GLN C 3015 -7.75 24.85 11.90
CA GLN C 3015 -6.99 24.61 13.11
C GLN C 3015 -6.76 23.13 13.39
N SER C 3016 -7.50 22.24 12.75
CA SER C 3016 -7.31 20.81 12.90
C SER C 3016 -7.18 20.14 11.53
N CYS C 3017 -6.58 20.82 10.57
CA CYS C 3017 -6.32 20.27 9.25
C CYS C 3017 -4.88 19.83 9.16
N PHE C 3018 -4.66 18.57 8.75
CA PHE C 3018 -3.32 18.02 8.69
C PHE C 3018 -2.44 18.79 7.70
N GLY C 3019 -2.98 19.11 6.52
CA GLY C 3019 -2.21 19.83 5.53
C GLY C 3019 -1.82 21.21 5.99
N CYS C 3020 -2.74 21.94 6.61
CA CYS C 3020 -2.43 23.29 7.07
C CYS C 3020 -1.41 23.28 8.19
N LEU C 3021 -1.52 22.30 9.11
CA LEU C 3021 -0.52 22.19 10.17
C LEU C 3021 0.86 21.89 9.60
N CYS C 3022 0.93 20.99 8.62
CA CYS C 3022 2.22 20.71 7.98
C CYS C 3022 2.75 21.95 7.26
N ASN C 3023 1.88 22.72 6.61
CA ASN C 3023 2.33 23.93 5.92
C ASN C 3023 2.88 24.96 6.90
N GLN C 3024 2.22 25.14 8.04
CA GLN C 3024 2.72 26.09 9.03
C GLN C 3024 4.05 25.61 9.61
N LEU C 3025 4.19 24.30 9.78
CA LEU C 3025 5.48 23.75 10.20
C LEU C 3025 6.56 24.03 9.17
N LEU C 3026 6.22 23.92 7.87
CA LEU C 3026 7.18 24.26 6.83
C LEU C 3026 7.56 25.73 6.87
N HIS C 3027 6.59 26.60 7.16
CA HIS C 3027 6.90 28.02 7.31
C HIS C 3027 7.89 28.26 8.44
N SER C 3028 7.66 27.60 9.58
CA SER C 3028 8.60 27.76 10.71
C SER C 3028 9.98 27.23 10.36
N VAL C 3029 10.04 26.10 9.65
CA VAL C 3029 11.33 25.54 9.25
C VAL C 3029 12.06 26.49 8.31
N ALA C 3030 11.33 27.10 7.38
CA ALA C 3030 11.94 28.08 6.48
C ALA C 3030 12.47 29.28 7.25
N LEU C 3031 11.72 29.76 8.24
CA LEU C 3031 12.20 30.87 9.05
C LEU C 3031 13.46 30.52 9.81
N LEU C 3032 13.52 29.30 10.37
CA LEU C 3032 14.72 28.86 11.08
C LEU C 3032 15.91 28.77 10.12
N HIS C 3033 15.69 28.22 8.93
CA HIS C 3033 16.76 28.12 7.95
C HIS C 3033 17.28 29.50 7.57
N SER C 3034 16.39 30.46 7.38
CA SER C 3034 16.81 31.82 7.07
C SER C 3034 17.54 32.49 8.22
N SER C 3035 17.15 32.20 9.47
CA SER C 3035 17.82 32.78 10.62
C SER C 3035 19.15 32.10 10.95
N CYS C 3036 19.42 30.93 10.38
CA CYS C 3036 20.66 30.21 10.70
C CYS C 3036 21.92 31.00 10.36
N ASP C 3037 21.84 32.03 9.53
CA ASP C 3037 23.02 32.81 9.17
C ASP C 3037 23.59 33.62 10.33
N ASP C 3038 22.82 33.84 11.39
CA ASP C 3038 23.28 34.56 12.56
C ASP C 3038 23.88 33.58 13.56
N GLU C 3039 25.03 33.95 14.13
CA GLU C 3039 25.73 33.05 15.04
C GLU C 3039 24.92 32.78 16.30
N ASN C 3040 24.31 33.82 16.88
CA ASN C 3040 23.52 33.62 18.09
C ASN C 3040 22.30 32.77 17.83
N ALA C 3041 21.61 33.00 16.72
CA ALA C 3041 20.43 32.20 16.39
C ALA C 3041 20.82 30.74 16.14
N LEU C 3042 21.95 30.52 15.45
CA LEU C 3042 22.42 29.16 15.23
C LEU C 3042 22.76 28.47 16.54
N ASN C 3043 23.40 29.19 17.46
CA ASN C 3043 23.70 28.61 18.76
C ASN C 3043 22.43 28.27 19.52
N LEU C 3044 21.42 29.14 19.45
CA LEU C 3044 20.16 28.87 20.11
C LEU C 3044 19.49 27.63 19.52
N ILE C 3045 19.52 27.49 18.20
CA ILE C 3045 18.94 26.31 17.56
C ILE C 3045 19.67 25.05 18.02
N LEU C 3046 21.00 25.11 18.05
CA LEU C 3046 21.77 23.91 18.41
C LEU C 3046 21.62 23.55 19.88
N SER C 3047 21.39 24.54 20.74
CA SER C 3047 21.32 24.31 22.18
C SER C 3047 19.92 24.00 22.68
N SER C 3048 18.92 23.95 21.80
CA SER C 3048 17.56 23.67 22.24
C SER C 3048 17.44 22.23 22.72
N ASP C 3049 16.37 21.97 23.47
CA ASP C 3049 16.17 20.67 24.10
C ASP C 3049 15.75 19.62 23.07
N SER C 3050 16.72 18.88 22.54
CA SER C 3050 16.47 17.78 21.61
C SER C 3050 15.70 18.24 20.38
N LEU C 3051 16.02 19.43 19.88
CA LEU C 3051 15.35 19.93 18.69
C LEU C 3051 15.71 19.10 17.46
N ILE C 3052 16.99 18.72 17.33
CA ILE C 3052 17.42 17.97 16.15
C ILE C 3052 16.76 16.60 16.11
N GLU C 3053 16.69 15.92 17.26
CA GLU C 3053 16.05 14.61 17.30
C GLU C 3053 14.57 14.70 16.96
N LYS C 3054 13.89 15.72 17.49
CA LYS C 3054 12.47 15.91 17.20
C LYS C 3054 12.26 16.18 15.71
N LEU C 3055 13.11 17.03 15.12
CA LEU C 3055 12.98 17.31 13.69
C LEU C 3055 13.22 16.06 12.87
N GLY C 3056 14.22 15.26 13.23
CA GLY C 3056 14.46 14.03 12.50
C GLY C 3056 13.30 13.06 12.58
N VAL C 3057 12.73 12.91 13.78
CA VAL C 3057 11.59 12.01 13.93
C VAL C 3057 10.39 12.52 13.14
N LEU C 3058 10.14 13.82 13.17
CA LEU C 3058 9.04 14.39 12.39
C LEU C 3058 9.23 14.16 10.90
N ALA C 3059 10.46 14.34 10.41
CA ALA C 3059 10.73 14.08 9.00
C ALA C 3059 10.55 12.61 8.65
N GLN C 3060 10.94 11.71 9.55
CA GLN C 3060 10.80 10.28 9.28
C GLN C 3060 9.34 9.85 9.26
N THR C 3061 8.51 10.39 10.15
CA THR C 3061 7.12 9.94 10.25
C THR C 3061 6.30 10.38 9.05
N TYR C 3062 6.40 11.66 8.67
CA TYR C 3062 5.55 12.25 7.64
C TYR C 3062 6.40 12.62 6.43
N GLU C 3063 5.97 12.17 5.25
CA GLU C 3063 6.72 12.46 4.04
C GLU C 3063 6.63 13.93 3.66
N THR C 3064 5.48 14.57 3.92
CA THR C 3064 5.28 15.96 3.50
C THR C 3064 6.33 16.89 4.09
N LEU C 3065 6.88 16.54 5.26
CA LEU C 3065 7.88 17.37 5.92
C LEU C 3065 9.30 16.90 5.69
N ARG C 3066 9.52 15.84 4.91
CA ARG C 3066 10.83 15.21 4.91
C ARG C 3066 11.88 16.07 4.21
N GLU C 3067 11.56 16.63 3.04
CA GLU C 3067 12.58 17.32 2.25
C GLU C 3067 13.10 18.56 2.97
N GLU C 3068 12.24 19.53 3.22
CA GLU C 3068 12.69 20.81 3.76
C GLU C 3068 13.39 20.63 5.10
N VAL C 3069 12.84 19.81 5.98
CA VAL C 3069 13.50 19.54 7.26
C VAL C 3069 14.91 19.03 7.01
N GLU C 3070 15.05 18.05 6.11
CA GLU C 3070 16.37 17.55 5.77
C GLU C 3070 17.31 18.68 5.36
N GLU C 3071 16.81 19.60 4.54
CA GLU C 3071 17.65 20.72 4.11
C GLU C 3071 18.16 21.50 5.30
N LEU C 3072 17.28 21.79 6.26
CA LEU C 3072 17.72 22.50 7.46
C LEU C 3072 18.81 21.72 8.18
N LEU C 3073 18.65 20.39 8.27
CA LEU C 3073 19.67 19.58 8.91
C LEU C 3073 21.00 19.71 8.18
N VAL C 3074 20.96 19.75 6.85
CA VAL C 3074 22.19 19.90 6.08
C VAL C 3074 22.86 21.23 6.43
N ARG C 3075 22.06 22.26 6.67
CA ARG C 3075 22.62 23.53 7.10
C ARG C 3075 23.27 23.42 8.47
N LEU C 3076 22.66 22.66 9.38
CA LEU C 3076 23.25 22.50 10.70
C LEU C 3076 24.45 21.55 10.67
N MET C 3077 24.58 20.75 9.61
CA MET C 3077 25.67 19.80 9.44
C MET C 3077 26.76 20.38 8.54
N PHE C 3078 27.03 21.67 8.66
CA PHE C 3078 28.09 22.33 7.92
C PHE C 3078 29.42 21.93 8.54
N ASP C 3079 30.48 22.71 8.28
CA ASP C 3079 31.82 22.37 8.73
C ASP C 3079 31.93 22.08 10.23
N ARG C 3080 30.87 22.33 10.99
CA ARG C 3080 30.78 21.83 12.36
C ARG C 3080 30.91 20.31 12.37
N LEU C 3081 31.64 19.80 13.35
CA LEU C 3081 31.91 18.37 13.47
C LEU C 3081 31.09 17.69 14.54
N ASP C 3082 30.85 18.36 15.68
CA ASP C 3082 30.08 17.76 16.76
C ASP C 3082 28.64 17.50 16.34
N VAL C 3083 28.05 18.41 15.57
CA VAL C 3083 26.69 18.20 15.08
C VAL C 3083 26.63 16.98 14.17
N THR C 3084 27.65 16.82 13.32
CA THR C 3084 27.69 15.65 12.44
C THR C 3084 27.79 14.36 13.24
N THR C 3085 28.59 14.37 14.32
CA THR C 3085 28.69 13.18 15.17
C THR C 3085 27.36 12.87 15.84
N LYS C 3086 26.66 13.90 16.32
CA LYS C 3086 25.36 13.68 16.95
C LYS C 3086 24.35 13.11 15.95
N VAL C 3087 24.32 13.65 14.74
CA VAL C 3087 23.38 13.17 13.74
C VAL C 3087 23.73 11.75 13.31
N GLU C 3088 25.02 11.43 13.21
CA GLU C 3088 25.43 10.06 12.90
C GLU C 3088 25.02 9.09 13.99
N LYS C 3089 25.16 9.49 15.25
CA LYS C 3089 24.71 8.65 16.35
C LYS C 3089 23.20 8.44 16.28
N LEU C 3090 22.45 9.49 15.95
CA LEU C 3090 21.00 9.35 15.81
C LEU C 3090 20.64 8.42 14.66
N ILE C 3091 21.39 8.50 13.55
CA ILE C 3091 21.15 7.60 12.42
C ILE C 3091 21.40 6.16 12.82
N HIS C 3092 22.49 5.92 13.57
CA HIS C 3092 22.78 4.57 14.05
C HIS C 3092 21.68 4.08 14.99
N THR C 3093 21.16 4.97 15.83
CA THR C 3093 20.08 4.58 16.73
C THR C 3093 18.84 4.17 15.95
N GLY C 3094 18.52 4.91 14.88
CA GLY C 3094 17.35 4.61 14.07
C GLY C 3094 16.31 5.70 14.09
N ASP C 3095 16.74 6.93 14.40
CA ASP C 3095 15.83 8.07 14.51
C ASP C 3095 15.91 9.04 13.34
N ILE C 3096 16.96 8.97 12.53
CA ILE C 3096 17.13 9.86 11.38
C ILE C 3096 17.51 9.01 10.18
N ASN C 3097 16.84 9.24 9.06
CA ASN C 3097 17.14 8.49 7.85
C ASN C 3097 18.53 8.81 7.33
N LEU C 3098 19.17 7.79 6.74
CA LEU C 3098 20.48 7.97 6.13
C LEU C 3098 20.46 8.95 4.97
N SER C 3099 19.29 9.12 4.34
CA SER C 3099 19.20 9.96 3.15
C SER C 3099 19.70 11.37 3.41
N VAL C 3100 19.58 11.85 4.65
CA VAL C 3100 20.06 13.18 4.99
C VAL C 3100 21.53 13.33 4.61
N MET C 3101 22.35 12.35 5.01
CA MET C 3101 23.76 12.39 4.64
C MET C 3101 23.93 12.43 3.13
N VAL C 3102 23.13 11.65 2.41
CA VAL C 3102 23.21 11.67 0.95
C VAL C 3102 22.97 13.08 0.43
N LYS C 3103 21.96 13.76 0.96
CA LYS C 3103 21.73 15.14 0.56
C LYS C 3103 22.93 16.01 0.89
N SER C 3104 23.51 15.81 2.08
CA SER C 3104 24.67 16.59 2.46
C SER C 3104 25.85 16.34 1.53
N LEU C 3105 25.88 15.18 0.88
CA LEU C 3105 26.98 14.86 -0.03
C LEU C 3105 26.76 15.43 -1.42
N MET C 3106 25.60 16.03 -1.68
CA MET C 3106 25.32 16.61 -3.00
C MET C 3106 25.70 18.07 -3.08
N TYR C 3107 26.30 18.64 -2.04
CA TYR C 3107 26.74 20.03 -2.02
C TYR C 3107 28.23 20.08 -1.77
N ALA C 3108 28.93 20.90 -2.54
CA ALA C 3108 30.39 21.02 -2.42
C ALA C 3108 30.74 22.06 -1.37
N ALA C 3109 32.02 22.41 -1.29
CA ALA C 3109 32.56 23.43 -0.38
C ALA C 3109 32.31 23.09 1.09
N ASP C 3110 32.03 21.83 1.40
CA ASP C 3110 31.87 21.37 2.77
C ASP C 3110 33.13 20.65 3.20
N PRO C 3111 33.91 21.17 4.15
CA PRO C 3111 35.17 20.54 4.51
C PRO C 3111 35.05 19.33 5.44
N THR C 3112 33.84 18.81 5.65
CA THR C 3112 33.64 17.63 6.50
C THR C 3112 32.88 16.54 5.76
N TRP C 3113 33.07 16.43 4.46
CA TRP C 3113 32.37 15.42 3.69
C TRP C 3113 32.93 14.03 3.91
N GLN C 3114 34.19 13.92 4.33
CA GLN C 3114 34.83 12.61 4.45
C GLN C 3114 34.16 11.76 5.53
N GLN C 3115 33.79 12.36 6.65
CA GLN C 3115 33.13 11.61 7.71
C GLN C 3115 31.79 11.04 7.25
N LYS C 3116 30.98 11.86 6.58
CA LYS C 3116 29.69 11.40 6.11
C LYS C 3116 29.85 10.33 5.02
N LEU C 3117 30.84 10.49 4.15
CA LEU C 3117 31.11 9.47 3.15
C LEU C 3117 31.52 8.16 3.81
N LYS C 3118 32.34 8.25 4.86
CA LYS C 3118 32.74 7.05 5.60
C LYS C 3118 31.52 6.35 6.20
N LEU C 3119 30.62 7.14 6.80
CA LEU C 3119 29.43 6.55 7.41
C LEU C 3119 28.55 5.87 6.36
N LEU C 3120 28.33 6.54 5.23
CA LEU C 3120 27.50 5.96 4.18
C LEU C 3120 28.11 4.68 3.61
N ILE C 3121 29.42 4.70 3.35
CA ILE C 3121 30.08 3.53 2.82
C ILE C 3121 30.02 2.37 3.81
N ARG C 3122 30.24 2.66 5.10
CA ARG C 3122 30.18 1.60 6.11
C ARG C 3122 28.78 1.02 6.21
N LEU C 3123 27.76 1.87 6.18
CA LEU C 3123 26.39 1.36 6.28
C LEU C 3123 26.03 0.51 5.07
N ALA C 3124 26.40 0.95 3.87
CA ALA C 3124 26.14 0.14 2.67
C ALA C 3124 26.91 -1.16 2.71
N MET C 3125 28.12 -1.13 3.26
CA MET C 3125 28.95 -2.32 3.35
C MET C 3125 28.42 -3.33 4.36
N ASP C 3126 27.78 -2.85 5.42
CA ASP C 3126 27.27 -3.74 6.47
C ASP C 3126 25.84 -4.20 6.21
N LYS C 3127 24.90 -3.26 6.12
CA LYS C 3127 23.48 -3.62 6.06
C LYS C 3127 23.14 -4.37 4.78
N ARG C 3128 23.74 -3.99 3.65
CA ARG C 3128 23.42 -4.56 2.34
C ARG C 3128 21.95 -4.35 1.98
N ASP C 3129 21.32 -3.35 2.58
CA ASP C 3129 19.96 -2.98 2.22
C ASP C 3129 19.95 -2.36 0.82
N GLU C 3130 18.83 -2.53 0.12
CA GLU C 3130 18.75 -2.05 -1.26
C GLU C 3130 18.89 -0.53 -1.32
N ASN C 3131 18.26 0.18 -0.39
CA ASN C 3131 18.31 1.64 -0.41
C ASN C 3131 19.71 2.16 -0.12
N CYS C 3132 20.37 1.60 0.90
CA CYS C 3132 21.72 2.05 1.24
C CYS C 3132 22.68 1.79 0.10
N CYS C 3133 22.62 0.59 -0.49
CA CYS C 3133 23.49 0.27 -1.61
C CYS C 3133 23.23 1.17 -2.79
N LEU C 3134 21.95 1.42 -3.11
CA LEU C 3134 21.63 2.29 -4.24
C LEU C 3134 22.16 3.70 -4.01
N GLN C 3135 21.97 4.23 -2.80
CA GLN C 3135 22.44 5.57 -2.48
C GLN C 3135 23.96 5.67 -2.60
N ALA C 3136 24.68 4.69 -2.03
CA ALA C 3136 26.14 4.72 -2.10
C ALA C 3136 26.63 4.62 -3.53
N LEU C 3137 26.03 3.73 -4.32
CA LEU C 3137 26.45 3.57 -5.71
C LEU C 3137 26.20 4.83 -6.51
N MET C 3138 25.05 5.47 -6.31
CA MET C 3138 24.77 6.71 -7.03
C MET C 3138 25.74 7.82 -6.64
N VAL C 3139 26.07 7.92 -5.34
CA VAL C 3139 27.01 8.94 -4.91
C VAL C 3139 28.39 8.71 -5.55
N LEU C 3140 28.86 7.45 -5.55
CA LEU C 3140 30.15 7.15 -6.16
C LEU C 3140 30.14 7.43 -7.66
N SER C 3141 29.04 7.09 -8.34
CA SER C 3141 28.94 7.33 -9.76
C SER C 3141 28.96 8.82 -10.07
N LYS C 3142 28.27 9.63 -9.25
CA LYS C 3142 28.31 11.07 -9.44
C LYS C 3142 29.71 11.62 -9.22
N TYR C 3143 30.40 11.13 -8.19
CA TYR C 3143 31.77 11.56 -7.95
C TYR C 3143 32.67 11.25 -9.13
N LEU C 3144 32.49 10.08 -9.74
CA LEU C 3144 33.30 9.73 -10.91
C LEU C 3144 32.92 10.57 -12.13
N GLU C 3145 31.63 10.83 -12.33
CA GLU C 3145 31.20 11.61 -13.48
C GLU C 3145 31.61 13.07 -13.38
N ALA C 3146 31.83 13.59 -12.18
CA ALA C 3146 32.17 15.00 -12.02
C ALA C 3146 33.52 15.37 -12.62
N THR C 3147 34.36 14.39 -12.97
CA THR C 3147 35.71 14.68 -13.45
C THR C 3147 35.73 15.25 -14.87
N LYS C 3148 34.61 15.25 -15.59
CA LYS C 3148 34.57 15.82 -16.92
C LYS C 3148 34.64 17.35 -16.90
N SER C 3149 34.52 17.98 -15.74
CA SER C 3149 34.52 19.43 -15.65
C SER C 3149 35.92 20.03 -15.55
N VAL C 3150 36.95 19.21 -15.42
CA VAL C 3150 38.32 19.70 -15.31
C VAL C 3150 39.09 19.30 -16.57
N THR C 3151 40.32 19.78 -16.66
CA THR C 3151 41.16 19.52 -17.83
C THR C 3151 41.79 18.14 -17.74
N LEU C 3152 42.43 17.71 -18.83
CA LEU C 3152 43.07 16.41 -18.86
C LEU C 3152 44.31 16.35 -17.99
N ASP C 3153 45.03 17.47 -17.86
CA ASP C 3153 46.23 17.50 -17.04
C ASP C 3153 45.90 17.25 -15.57
N GLU C 3154 44.80 17.83 -15.09
CA GLU C 3154 44.38 17.56 -13.72
C GLU C 3154 43.91 16.11 -13.56
N ARG C 3155 43.20 15.58 -14.57
CA ARG C 3155 42.70 14.21 -14.49
C ARG C 3155 43.85 13.20 -14.50
N LYS C 3156 44.97 13.53 -15.12
CA LYS C 3156 46.11 12.63 -15.21
C LYS C 3156 46.90 12.56 -13.91
N LYS C 3157 46.47 13.26 -12.86
CA LYS C 3157 47.18 13.28 -11.59
C LYS C 3157 46.62 12.29 -10.58
N ILE C 3158 45.78 11.36 -11.02
CA ILE C 3158 45.24 10.34 -10.13
C ILE C 3158 46.36 9.42 -9.68
N LYS C 3159 46.40 9.11 -8.39
CA LYS C 3159 47.41 8.23 -7.81
C LYS C 3159 46.78 6.91 -7.43
N LEU C 3160 47.44 5.82 -7.84
CA LEU C 3160 46.94 4.46 -7.61
C LEU C 3160 47.46 3.96 -6.27
N THR C 3161 46.79 4.39 -5.21
CA THR C 3161 47.17 3.97 -3.86
C THR C 3161 46.81 2.51 -3.63
N PRO C 3162 47.59 1.80 -2.78
CA PRO C 3162 47.27 0.40 -2.49
C PRO C 3162 46.01 0.24 -1.66
N ASN C 3163 45.60 -1.00 -1.41
CA ASN C 3163 44.36 -1.25 -0.68
C ASN C 3163 44.49 -0.90 0.80
N LYS C 3164 45.70 -0.98 1.35
CA LYS C 3164 45.89 -0.70 2.77
C LYS C 3164 45.52 0.73 3.11
N ASN C 3165 45.70 1.65 2.17
CA ASN C 3165 45.34 3.05 2.43
C ASN C 3165 43.84 3.20 2.63
N ILE C 3166 43.04 2.62 1.75
CA ILE C 3166 41.59 2.73 1.89
C ILE C 3166 41.10 1.92 3.08
N THR C 3167 41.78 0.81 3.41
CA THR C 3167 41.43 0.08 4.62
C THR C 3167 41.65 0.93 5.87
N LYS C 3168 42.78 1.62 5.93
CA LYS C 3168 43.04 2.52 7.06
C LYS C 3168 42.04 3.67 7.09
N TRP C 3169 41.68 4.20 5.92
CA TRP C 3169 40.69 5.26 5.86
C TRP C 3169 39.35 4.81 6.42
N LEU C 3170 38.94 3.58 6.09
CA LEU C 3170 37.66 3.08 6.57
C LEU C 3170 37.70 2.77 8.06
N THR C 3171 38.77 2.11 8.52
CA THR C 3171 38.80 1.63 9.90
C THR C 3171 38.99 2.76 10.90
N THR C 3172 39.92 3.68 10.61
CA THR C 3172 40.25 4.74 11.55
C THR C 3172 39.46 6.01 11.22
N ASP C 3173 39.82 7.11 11.87
CA ASP C 3173 39.16 8.40 11.70
C ASP C 3173 40.13 9.47 11.22
N GLU C 3174 41.00 9.12 10.28
CA GLU C 3174 41.97 10.05 9.73
C GLU C 3174 41.52 10.55 8.36
N GLU C 3175 42.05 11.70 7.98
CA GLU C 3175 41.77 12.25 6.65
C GLU C 3175 42.47 11.41 5.58
N TRP C 3176 42.06 11.64 4.34
CA TRP C 3176 42.60 10.85 3.23
C TRP C 3176 44.10 11.09 3.05
N LYS C 3177 44.55 12.34 3.18
CA LYS C 3177 45.95 12.65 2.97
C LYS C 3177 46.85 12.10 4.06
N ASP C 3178 46.29 11.76 5.22
CA ASP C 3178 47.07 11.22 6.33
C ASP C 3178 47.11 9.70 6.35
N CYS C 3179 46.41 9.04 5.42
CA CYS C 3179 46.35 7.58 5.40
C CYS C 3179 47.53 6.95 4.69
N PHE C 3180 48.44 7.73 4.15
CA PHE C 3180 49.59 7.21 3.41
C PHE C 3180 50.60 6.57 4.35
N ALA C 3188 44.88 3.35 16.78
CA ALA C 3188 43.89 2.41 17.31
C ALA C 3188 42.76 2.17 16.31
N PRO C 3189 42.37 0.91 16.14
CA PRO C 3189 41.28 0.57 15.21
C PRO C 3189 39.90 0.83 15.82
N THR C 3190 39.45 2.08 15.70
CA THR C 3190 38.17 2.48 16.30
C THR C 3190 37.01 1.71 15.70
N LYS C 3191 37.01 1.52 14.38
CA LYS C 3191 35.94 0.82 13.69
C LYS C 3191 36.47 -0.48 13.11
N SER C 3192 35.65 -1.53 13.15
CA SER C 3192 36.02 -2.86 12.69
C SER C 3192 35.17 -3.25 11.49
N LEU C 3193 35.83 -3.67 10.41
CA LEU C 3193 35.15 -4.08 9.20
C LEU C 3193 34.65 -5.52 9.34
N PRO C 3194 33.55 -5.86 8.65
CA PRO C 3194 33.05 -7.24 8.68
C PRO C 3194 33.88 -8.18 7.81
N SER C 3195 33.39 -9.40 7.60
CA SER C 3195 34.00 -10.31 6.65
C SER C 3195 34.08 -9.63 5.28
N ASN C 3196 34.82 -10.27 4.35
CA ASN C 3196 35.49 -9.56 3.25
C ASN C 3196 34.59 -8.49 2.66
N PRO C 3197 34.88 -7.23 2.94
CA PRO C 3197 33.88 -6.18 2.79
C PRO C 3197 33.82 -5.54 1.42
N TYR C 3198 34.96 -5.55 0.70
CA TYR C 3198 35.03 -4.85 -0.57
C TYR C 3198 34.27 -5.57 -1.68
N GLN C 3199 33.82 -6.80 -1.45
CA GLN C 3199 33.11 -7.54 -2.49
C GLN C 3199 31.70 -7.00 -2.71
N TRP C 3200 31.18 -6.18 -1.79
CA TRP C 3200 29.79 -5.76 -1.89
C TRP C 3200 29.46 -5.16 -3.24
N ILE C 3201 30.34 -4.29 -3.75
CA ILE C 3201 30.11 -3.67 -5.05
C ILE C 3201 29.88 -4.73 -6.12
N THR C 3202 30.78 -5.71 -6.20
CA THR C 3202 30.63 -6.74 -7.22
C THR C 3202 29.36 -7.56 -6.99
N ASP C 3203 28.98 -7.77 -5.72
CA ASP C 3203 27.71 -8.43 -5.46
C ASP C 3203 26.55 -7.63 -6.05
N CYS C 3204 26.62 -6.30 -5.93
CA CYS C 3204 25.59 -5.45 -6.50
C CYS C 3204 25.50 -5.60 -8.01
N LEU C 3205 26.55 -6.10 -8.65
CA LEU C 3205 26.51 -6.32 -10.09
C LEU C 3205 25.51 -7.40 -10.48
N PHE C 3206 25.08 -8.23 -9.53
CA PHE C 3206 24.13 -9.31 -9.78
C PHE C 3206 23.03 -9.30 -8.74
N SER C 3207 22.60 -8.12 -8.31
CA SER C 3207 21.58 -8.01 -7.27
C SER C 3207 20.22 -8.43 -7.82
N GLN C 3208 19.35 -8.86 -6.92
CA GLN C 3208 18.00 -9.21 -7.32
C GLN C 3208 17.16 -7.98 -7.61
N TRP C 3209 17.48 -6.86 -6.99
CA TRP C 3209 16.82 -5.59 -7.29
C TRP C 3209 17.47 -4.99 -8.53
N MET C 3210 16.67 -4.77 -9.57
CA MET C 3210 17.23 -4.31 -10.83
C MET C 3210 17.76 -2.88 -10.79
N SER C 3211 17.20 -2.02 -9.92
CA SER C 3211 17.77 -0.68 -9.78
C SER C 3211 19.20 -0.74 -9.25
N VAL C 3212 19.45 -1.60 -8.26
CA VAL C 3212 20.80 -1.79 -7.74
C VAL C 3212 21.71 -2.36 -8.83
N ARG C 3213 21.19 -3.32 -9.60
CA ARG C 3213 21.95 -3.90 -10.70
C ARG C 3213 22.39 -2.84 -11.70
N SER C 3214 21.45 -2.01 -12.15
CA SER C 3214 21.76 -0.98 -13.12
C SER C 3214 22.72 0.07 -12.53
N ALA C 3215 22.54 0.41 -11.26
CA ALA C 3215 23.44 1.38 -10.63
C ALA C 3215 24.87 0.86 -10.59
N ALA C 3216 25.03 -0.40 -10.17
CA ALA C 3216 26.38 -0.96 -10.08
C ALA C 3216 27.02 -1.08 -11.45
N ASN C 3217 26.26 -1.48 -12.47
CA ASN C 3217 26.82 -1.60 -13.80
C ASN C 3217 27.16 -0.23 -14.40
N GLN C 3218 26.34 0.78 -14.12
CA GLN C 3218 26.67 2.14 -14.54
C GLN C 3218 27.96 2.62 -13.87
N LEU C 3219 28.12 2.30 -12.59
CA LEU C 3219 29.35 2.65 -11.89
C LEU C 3219 30.55 1.97 -12.52
N LEU C 3220 30.41 0.70 -12.89
CA LEU C 3220 31.51 -0.01 -13.54
C LEU C 3220 31.87 0.62 -14.89
N VAL C 3221 30.86 0.98 -15.68
CA VAL C 3221 31.12 1.62 -16.96
C VAL C 3221 31.81 2.97 -16.75
N ASN C 3222 31.38 3.73 -15.73
CA ASN C 3222 32.04 5.00 -15.43
C ASN C 3222 33.49 4.79 -15.02
N LEU C 3223 33.76 3.75 -14.22
CA LEU C 3223 35.14 3.43 -13.85
C LEU C 3223 35.96 3.11 -15.09
N SER C 3224 35.36 2.42 -16.06
CA SER C 3224 36.05 2.07 -17.29
C SER C 3224 36.52 3.28 -18.09
N ARG C 3225 35.96 4.46 -17.84
CA ARG C 3225 36.27 5.65 -18.61
C ARG C 3225 37.27 6.58 -17.92
N GLN C 3226 37.83 6.16 -16.79
CA GLN C 3226 38.75 7.02 -16.05
C GLN C 3226 40.20 6.79 -16.48
N GLN C 3227 41.08 7.64 -16.00
CA GLN C 3227 42.49 7.58 -16.40
C GLN C 3227 43.18 6.39 -15.75
N PHE C 3228 43.91 5.63 -16.56
CA PHE C 3228 44.69 4.48 -16.10
C PHE C 3228 43.84 3.42 -15.41
N HIS C 3229 42.57 3.34 -15.77
CA HIS C 3229 41.67 2.42 -15.08
C HIS C 3229 40.90 1.48 -16.01
N GLU C 3230 41.15 1.51 -17.31
CA GLU C 3230 40.60 0.48 -18.19
C GLU C 3230 41.06 -0.92 -17.82
N PRO C 3231 42.33 -1.18 -17.51
CA PRO C 3231 42.70 -2.54 -17.06
C PRO C 3231 41.96 -2.99 -15.81
N VAL C 3232 41.65 -2.07 -14.90
CA VAL C 3232 40.92 -2.45 -13.69
C VAL C 3232 39.52 -2.92 -14.03
N ALA C 3233 38.83 -2.20 -14.91
CA ALA C 3233 37.50 -2.62 -15.34
C ALA C 3233 37.56 -3.95 -16.09
N LEU C 3234 38.56 -4.13 -16.95
CA LEU C 3234 38.69 -5.40 -17.66
C LEU C 3234 38.94 -6.55 -16.69
N LEU C 3235 39.76 -6.32 -15.66
CA LEU C 3235 40.02 -7.35 -14.66
C LEU C 3235 38.75 -7.69 -13.89
N ILE C 3236 37.97 -6.68 -13.50
CA ILE C 3236 36.71 -6.94 -12.81
C ILE C 3236 35.78 -7.75 -13.69
N LEU C 3237 35.70 -7.40 -14.97
CA LEU C 3237 34.86 -8.11 -15.92
C LEU C 3237 35.27 -9.58 -16.04
N CYS C 3238 36.58 -9.83 -16.20
CA CYS C 3238 37.06 -11.20 -16.33
C CYS C 3238 36.86 -12.00 -15.05
N GLU C 3239 37.04 -11.37 -13.89
CA GLU C 3239 36.83 -12.07 -12.63
C GLU C 3239 35.37 -12.45 -12.43
N ASN C 3240 34.44 -11.56 -12.80
CA ASN C 3240 33.04 -11.83 -12.59
C ASN C 3240 32.38 -12.58 -13.75
N MET C 3241 33.12 -12.83 -14.83
CA MET C 3241 32.58 -13.64 -15.92
C MET C 3241 32.18 -15.04 -15.42
N SER C 3242 32.88 -15.55 -14.41
CA SER C 3242 32.61 -16.90 -13.94
C SER C 3242 31.27 -17.02 -13.22
N LYS C 3243 30.66 -15.90 -12.84
CA LYS C 3243 29.37 -15.93 -12.16
C LYS C 3243 28.20 -16.22 -13.10
N LEU C 3244 28.43 -16.22 -14.41
CA LEU C 3244 27.33 -16.44 -15.35
C LEU C 3244 26.74 -17.84 -15.20
N SER C 3245 27.53 -18.80 -14.73
CA SER C 3245 27.09 -20.18 -14.60
C SER C 3245 26.47 -20.49 -13.25
N ASP C 3246 26.52 -19.57 -12.29
CA ASP C 3246 25.96 -19.80 -10.97
C ASP C 3246 24.71 -18.99 -10.69
N VAL C 3247 24.42 -17.97 -11.47
CA VAL C 3247 23.29 -17.08 -11.25
C VAL C 3247 22.28 -17.29 -12.38
N PRO C 3248 20.98 -17.15 -12.14
CA PRO C 3248 20.03 -17.17 -13.25
C PRO C 3248 20.35 -16.07 -14.25
N SER C 3249 20.16 -16.38 -15.53
CA SER C 3249 20.52 -15.45 -16.59
C SER C 3249 19.66 -14.20 -16.60
N SER C 3250 18.48 -14.23 -15.96
CA SER C 3250 17.66 -13.04 -15.87
C SER C 3250 18.30 -11.94 -15.03
N VAL C 3251 19.27 -12.28 -14.19
CA VAL C 3251 19.96 -11.31 -13.35
C VAL C 3251 21.22 -10.76 -14.01
N CYS C 3252 21.81 -11.49 -14.95
CA CYS C 3252 23.10 -11.15 -15.51
C CYS C 3252 23.04 -10.15 -16.66
N ASP C 3253 21.84 -9.75 -17.10
CA ASP C 3253 21.71 -9.02 -18.35
C ASP C 3253 22.44 -7.67 -18.32
N GLN C 3254 22.35 -6.95 -17.21
CA GLN C 3254 23.05 -5.67 -17.11
C GLN C 3254 24.56 -5.87 -17.18
N PHE C 3255 25.06 -6.95 -16.59
CA PHE C 3255 26.49 -7.25 -16.68
C PHE C 3255 26.90 -7.52 -18.13
N MET C 3256 26.06 -8.21 -18.89
CA MET C 3256 26.35 -8.46 -20.30
C MET C 3256 26.41 -7.16 -21.08
N CYS C 3257 25.46 -6.24 -20.83
CA CYS C 3257 25.51 -4.95 -21.51
C CYS C 3257 26.76 -4.17 -21.15
N SER C 3258 27.14 -4.18 -19.86
CA SER C 3258 28.34 -3.47 -19.43
C SER C 3258 29.59 -4.06 -20.09
N ALA C 3259 29.66 -5.39 -20.17
CA ALA C 3259 30.80 -6.03 -20.83
C ALA C 3259 30.87 -5.63 -22.30
N HIS C 3260 29.72 -5.62 -22.98
CA HIS C 3260 29.71 -5.21 -24.38
C HIS C 3260 30.25 -3.78 -24.53
N THR C 3261 29.77 -2.86 -23.69
CA THR C 3261 30.20 -1.48 -23.79
C THR C 3261 31.70 -1.34 -23.53
N ILE C 3262 32.19 -1.99 -22.48
CA ILE C 3262 33.60 -1.84 -22.11
C ILE C 3262 34.49 -2.42 -23.18
N ILE C 3263 34.12 -3.55 -23.77
CA ILE C 3263 34.93 -4.13 -24.85
C ILE C 3263 34.85 -3.25 -26.09
N ASP C 3264 33.68 -2.66 -26.37
CA ASP C 3264 33.50 -1.80 -27.53
C ASP C 3264 34.00 -0.37 -27.29
N SER C 3265 34.68 -0.12 -26.18
CA SER C 3265 35.23 1.20 -25.91
C SER C 3265 36.05 1.72 -27.09
N SER C 3266 36.97 0.91 -27.61
CA SER C 3266 37.83 1.36 -28.71
C SER C 3266 38.43 0.15 -29.42
N VAL C 3267 38.98 0.42 -30.61
CA VAL C 3267 39.64 -0.62 -31.39
C VAL C 3267 40.96 -1.04 -30.74
N ASN C 3268 41.69 -0.08 -30.19
CA ASN C 3268 42.95 -0.39 -29.51
C ASN C 3268 42.71 -1.33 -28.34
N THR C 3269 41.61 -1.12 -27.60
CA THR C 3269 41.24 -2.05 -26.54
C THR C 3269 41.00 -3.44 -27.09
N LYS C 3270 40.33 -3.53 -28.24
CA LYS C 3270 40.08 -4.83 -28.87
C LYS C 3270 41.39 -5.53 -29.21
N ALA C 3271 42.34 -4.80 -29.80
CA ALA C 3271 43.61 -5.43 -30.16
C ALA C 3271 44.38 -5.88 -28.91
N ARG C 3272 44.43 -5.03 -27.89
CA ARG C 3272 45.12 -5.39 -26.66
C ARG C 3272 44.49 -6.62 -26.02
N LEU C 3273 43.16 -6.68 -25.99
CA LEU C 3273 42.48 -7.83 -25.41
C LEU C 3273 42.68 -9.08 -26.24
N PHE C 3274 42.75 -8.95 -27.57
CA PHE C 3274 43.03 -10.10 -28.42
C PHE C 3274 44.41 -10.66 -28.16
N VAL C 3275 45.42 -9.79 -28.01
CA VAL C 3275 46.77 -10.28 -27.77
C VAL C 3275 46.87 -11.01 -26.44
N GLN C 3276 45.99 -10.69 -25.50
CA GLN C 3276 45.92 -11.38 -24.22
C GLN C 3276 45.10 -12.67 -24.29
N GLN C 3277 44.67 -13.06 -25.49
CA GLN C 3277 43.98 -14.33 -25.73
C GLN C 3277 42.61 -14.37 -25.05
N PHE C 3278 41.85 -13.28 -25.18
CA PHE C 3278 40.48 -13.27 -24.67
C PHE C 3278 39.55 -14.10 -25.55
N HIS C 3279 39.82 -14.13 -26.87
CA HIS C 3279 39.00 -14.92 -27.77
C HIS C 3279 39.13 -16.41 -27.48
N VAL C 3280 40.31 -16.86 -27.06
CA VAL C 3280 40.47 -18.26 -26.67
C VAL C 3280 39.59 -18.58 -25.48
N TYR C 3281 39.54 -17.67 -24.50
CA TYR C 3281 38.65 -17.86 -23.36
C TYR C 3281 37.19 -17.91 -23.78
N LEU C 3282 36.79 -17.01 -24.69
CA LEU C 3282 35.40 -17.01 -25.15
C LEU C 3282 35.04 -18.30 -25.89
N ILE C 3283 35.94 -18.78 -26.75
CA ILE C 3283 35.67 -20.00 -27.50
C ILE C 3283 35.66 -21.21 -26.56
N LYS C 3284 36.50 -21.20 -25.52
CA LYS C 3284 36.44 -22.28 -24.53
C LYS C 3284 35.12 -22.27 -23.78
N ARG C 3285 34.64 -21.07 -23.41
CA ARG C 3285 33.34 -20.98 -22.74
C ARG C 3285 32.22 -21.49 -23.63
N ILE C 3286 32.25 -21.13 -24.91
CA ILE C 3286 31.23 -21.61 -25.85
C ILE C 3286 31.29 -23.12 -25.99
N HIS C 3287 32.50 -23.68 -26.10
CA HIS C 3287 32.65 -25.13 -26.22
C HIS C 3287 32.12 -25.84 -24.98
N GLU C 3288 32.45 -25.32 -23.80
CA GLU C 3288 31.98 -25.93 -22.56
C GLU C 3288 30.47 -25.85 -22.45
N GLU C 3289 29.89 -24.72 -22.83
CA GLU C 3289 28.43 -24.58 -22.79
C GLU C 3289 27.76 -25.56 -23.73
N CYS C 3290 28.29 -25.73 -24.94
CA CYS C 3290 27.68 -26.63 -25.90
C CYS C 3290 27.84 -28.09 -25.47
N ALA C 3291 28.97 -28.43 -24.85
CA ALA C 3291 29.23 -29.83 -24.52
C ALA C 3291 28.39 -30.34 -23.36
N LYS C 3292 27.90 -29.45 -22.49
CA LYS C 3292 27.18 -29.86 -21.29
C LYS C 3292 25.66 -29.72 -21.44
N LEU C 3293 25.16 -29.53 -22.66
CA LEU C 3293 23.73 -29.32 -22.85
C LEU C 3293 22.92 -30.53 -22.43
N HIS C 3294 23.39 -31.74 -22.77
CA HIS C 3294 22.60 -32.94 -22.52
C HIS C 3294 22.53 -33.33 -21.05
N GLU C 3295 23.31 -32.70 -20.17
CA GLU C 3295 23.19 -32.92 -18.74
C GLU C 3295 22.08 -32.10 -18.11
N GLN C 3296 21.60 -31.06 -18.79
CA GLN C 3296 20.62 -30.16 -18.20
C GLN C 3296 19.22 -30.77 -18.27
N SER C 3297 18.33 -30.24 -17.44
CA SER C 3297 16.94 -30.67 -17.45
C SER C 3297 16.27 -30.25 -18.75
N VAL C 3298 15.27 -31.01 -19.15
CA VAL C 3298 14.54 -30.76 -20.39
C VAL C 3298 13.30 -29.97 -20.02
N ASN C 3299 13.44 -28.64 -20.00
CA ASN C 3299 12.30 -27.75 -19.80
C ASN C 3299 12.62 -26.42 -20.45
N LEU C 3300 11.60 -25.56 -20.50
CA LEU C 3300 11.72 -24.29 -21.21
C LEU C 3300 12.71 -23.36 -20.52
N LEU C 3301 12.70 -23.33 -19.18
CA LEU C 3301 13.55 -22.40 -18.44
C LEU C 3301 15.02 -22.68 -18.68
N SER C 3302 15.43 -23.94 -18.61
CA SER C 3302 16.83 -24.29 -18.79
C SER C 3302 17.29 -23.94 -20.20
N ASP C 3303 16.46 -24.20 -21.20
CA ASP C 3303 16.82 -23.86 -22.57
C ASP C 3303 16.93 -22.34 -22.74
N ASN C 3304 16.05 -21.57 -22.10
CA ASN C 3304 16.16 -20.12 -22.17
C ASN C 3304 17.48 -19.63 -21.56
N MET C 3305 17.84 -20.17 -20.40
CA MET C 3305 19.11 -19.77 -19.78
C MET C 3305 20.30 -20.14 -20.66
N PHE C 3306 20.28 -21.35 -21.22
CA PHE C 3306 21.37 -21.78 -22.09
C PHE C 3306 21.49 -20.86 -23.29
N GLY C 3307 20.34 -20.53 -23.91
CA GLY C 3307 20.37 -19.63 -25.06
C GLY C 3307 20.90 -18.26 -24.72
N GLU C 3308 20.50 -17.72 -23.57
CA GLU C 3308 20.96 -16.38 -23.19
C GLU C 3308 22.46 -16.35 -22.92
N ARG C 3309 22.98 -17.35 -22.20
CA ARG C 3309 24.41 -17.40 -21.96
C ARG C 3309 25.20 -17.55 -23.26
N LEU C 3310 24.74 -18.45 -24.14
CA LEU C 3310 25.41 -18.65 -25.41
C LEU C 3310 25.37 -17.39 -26.25
N ARG C 3311 24.24 -16.69 -26.24
CA ARG C 3311 24.13 -15.45 -27.01
C ARG C 3311 25.09 -14.40 -26.49
N CYS C 3312 25.22 -14.28 -25.16
CA CYS C 3312 26.17 -13.32 -24.62
C CYS C 3312 27.59 -13.62 -25.09
N PHE C 3313 28.01 -14.89 -24.97
CA PHE C 3313 29.36 -15.25 -25.37
C PHE C 3313 29.59 -15.01 -26.87
N VAL C 3314 28.64 -15.42 -27.70
CA VAL C 3314 28.81 -15.27 -29.15
C VAL C 3314 28.82 -13.81 -29.55
N GLU C 3315 27.97 -12.99 -28.92
CA GLU C 3315 27.96 -11.57 -29.22
C GLU C 3315 29.28 -10.91 -28.83
N LEU C 3316 29.83 -11.30 -27.67
CA LEU C 3316 31.14 -10.76 -27.28
C LEU C 3316 32.22 -11.14 -28.28
N LEU C 3317 32.23 -12.41 -28.72
CA LEU C 3317 33.23 -12.84 -29.69
C LEU C 3317 33.10 -12.10 -31.01
N SER C 3318 31.85 -11.96 -31.49
CA SER C 3318 31.63 -11.25 -32.75
C SER C 3318 32.04 -9.79 -32.65
N LEU C 3319 31.74 -9.14 -31.52
CA LEU C 3319 32.16 -7.76 -31.33
C LEU C 3319 33.67 -7.64 -31.31
N LEU C 3320 34.35 -8.59 -30.67
CA LEU C 3320 35.80 -8.55 -30.63
C LEU C 3320 36.41 -8.70 -32.03
N LEU C 3321 35.84 -9.59 -32.85
CA LEU C 3321 36.45 -9.91 -34.13
C LEU C 3321 35.86 -9.16 -35.32
N SER C 3322 34.92 -8.25 -35.11
CA SER C 3322 34.29 -7.52 -36.20
C SER C 3322 34.42 -6.02 -36.01
N GLY C 3323 34.34 -5.30 -37.13
CA GLY C 3323 34.50 -3.87 -37.13
C GLY C 3323 35.27 -3.34 -38.32
N SER C 3324 36.36 -2.62 -38.08
CA SER C 3324 37.17 -2.03 -39.12
C SER C 3324 38.20 -3.05 -39.63
N ASN C 3325 39.16 -2.57 -40.41
CA ASN C 3325 40.17 -3.46 -41.00
C ASN C 3325 41.05 -4.08 -39.93
N VAL C 3326 41.25 -3.39 -38.80
CA VAL C 3326 42.04 -3.96 -37.71
C VAL C 3326 41.40 -5.24 -37.19
N GLU C 3327 40.07 -5.22 -37.03
CA GLU C 3327 39.37 -6.41 -36.58
C GLU C 3327 39.42 -7.52 -37.63
N ASN C 3328 39.40 -7.17 -38.91
CA ASN C 3328 39.58 -8.19 -39.95
C ASN C 3328 40.95 -8.83 -39.86
N VAL C 3329 41.98 -8.03 -39.61
CA VAL C 3329 43.32 -8.58 -39.43
C VAL C 3329 43.37 -9.47 -38.20
N LEU C 3330 42.71 -9.06 -37.12
CA LEU C 3330 42.66 -9.88 -35.91
C LEU C 3330 41.98 -11.22 -36.18
N LEU C 3331 40.87 -11.20 -36.93
CA LEU C 3331 40.18 -12.44 -37.26
C LEU C 3331 41.04 -13.34 -38.13
N LYS C 3332 41.74 -12.75 -39.11
CA LYS C 3332 42.63 -13.53 -39.97
C LYS C 3332 43.75 -14.17 -39.16
N ALA C 3333 44.32 -13.42 -38.22
CA ALA C 3333 45.43 -13.94 -37.43
C ALA C 3333 44.97 -15.00 -36.44
N GLY C 3334 43.75 -14.87 -35.93
CA GLY C 3334 43.28 -15.79 -34.92
C GLY C 3334 42.24 -16.79 -35.41
N ALA C 3335 42.42 -17.29 -36.64
CA ALA C 3335 41.49 -18.25 -37.21
C ALA C 3335 41.93 -19.69 -37.03
N ASP C 3336 43.18 -19.94 -36.67
CA ASP C 3336 43.65 -21.31 -36.50
C ASP C 3336 43.08 -21.93 -35.23
N ASP C 3337 42.85 -21.13 -34.20
CA ASP C 3337 42.46 -21.66 -32.90
C ASP C 3337 40.95 -21.62 -32.64
N LEU C 3338 40.13 -21.27 -33.62
CA LEU C 3338 38.69 -21.28 -33.44
C LEU C 3338 37.90 -21.85 -34.61
N LEU C 3339 38.56 -22.36 -35.66
CA LEU C 3339 37.82 -22.81 -36.84
C LEU C 3339 37.03 -24.08 -36.57
N ILE C 3340 37.66 -25.09 -35.98
CA ILE C 3340 36.98 -26.37 -35.78
C ILE C 3340 35.86 -26.21 -34.75
N PHE C 3341 36.10 -25.40 -33.72
CA PHE C 3341 35.05 -25.13 -32.74
C PHE C 3341 33.87 -24.43 -33.39
N LEU C 3342 34.13 -23.47 -34.27
CA LEU C 3342 33.05 -22.80 -34.99
C LEU C 3342 32.25 -23.80 -35.79
N LEU C 3343 32.92 -24.66 -36.55
CA LEU C 3343 32.22 -25.61 -37.42
C LEU C 3343 31.35 -26.55 -36.59
N HIS C 3344 31.93 -27.16 -35.55
CA HIS C 3344 31.19 -28.15 -34.80
C HIS C 3344 30.07 -27.52 -33.97
N SER C 3345 30.28 -26.33 -33.41
CA SER C 3345 29.21 -25.67 -32.69
C SER C 3345 28.08 -25.27 -33.62
N THR C 3346 28.41 -24.83 -34.84
CA THR C 3346 27.37 -24.51 -35.81
C THR C 3346 26.55 -25.74 -36.16
N ILE C 3347 27.22 -26.87 -36.38
CA ILE C 3347 26.47 -28.11 -36.67
C ILE C 3347 25.58 -28.49 -35.49
N PHE C 3348 26.14 -28.44 -34.27
CA PHE C 3348 25.38 -28.84 -33.09
C PHE C 3348 24.15 -27.97 -32.91
N LEU C 3349 24.29 -26.66 -33.12
CA LEU C 3349 23.14 -25.76 -32.99
C LEU C 3349 22.14 -25.97 -34.12
N LYS C 3350 22.61 -26.26 -35.34
CA LYS C 3350 21.70 -26.52 -36.45
C LYS C 3350 20.94 -27.82 -36.27
N ARG C 3351 21.44 -28.74 -35.46
CA ARG C 3351 20.76 -30.01 -35.25
C ARG C 3351 19.57 -29.93 -34.29
N ILE C 3352 19.33 -28.78 -33.69
CA ILE C 3352 18.22 -28.62 -32.75
C ILE C 3352 16.97 -28.18 -33.52
N MET C 3353 15.86 -28.87 -33.31
CA MET C 3353 14.62 -28.60 -34.03
C MET C 3353 13.45 -28.23 -33.15
N THR C 3354 13.26 -28.91 -32.02
CA THR C 3354 12.09 -28.67 -31.17
C THR C 3354 12.41 -27.82 -29.94
N ARG C 3355 13.63 -27.85 -29.43
CA ARG C 3355 14.02 -27.02 -28.31
C ARG C 3355 14.69 -25.73 -28.81
N ARG C 3356 13.94 -24.97 -29.59
CA ARG C 3356 14.46 -23.77 -30.24
C ARG C 3356 14.00 -22.52 -29.50
N THR C 3357 14.94 -21.63 -29.22
CA THR C 3357 14.65 -20.31 -28.67
C THR C 3357 15.25 -19.26 -29.60
N ARG C 3358 14.80 -18.01 -29.43
CA ARG C 3358 15.29 -16.94 -30.29
C ARG C 3358 16.78 -16.70 -30.08
N ALA C 3359 17.25 -16.79 -28.84
CA ALA C 3359 18.66 -16.56 -28.56
C ALA C 3359 19.53 -17.61 -29.23
N THR C 3360 19.09 -18.87 -29.23
CA THR C 3360 19.84 -19.92 -29.91
C THR C 3360 19.92 -19.67 -31.41
N ASP C 3361 18.82 -19.21 -32.01
CA ASP C 3361 18.83 -18.89 -33.43
C ASP C 3361 19.79 -17.75 -33.73
N SER C 3362 19.79 -16.71 -32.89
CA SER C 3362 20.71 -15.60 -33.08
C SER C 3362 22.16 -16.06 -32.97
N SER C 3363 22.45 -16.92 -31.98
CA SER C 3363 23.80 -17.43 -31.82
C SER C 3363 24.23 -18.25 -33.02
N ARG C 3364 23.34 -19.09 -33.54
CA ARG C 3364 23.66 -19.89 -34.71
C ARG C 3364 23.93 -19.00 -35.91
N ILE C 3365 23.12 -17.96 -36.12
CA ILE C 3365 23.32 -17.08 -37.25
C ILE C 3365 24.66 -16.35 -37.14
N ALA C 3366 25.00 -15.86 -35.94
CA ALA C 3366 26.27 -15.16 -35.77
C ALA C 3366 27.46 -16.09 -35.99
N LEU C 3367 27.39 -17.31 -35.46
CA LEU C 3367 28.47 -18.27 -35.67
C LEU C 3367 28.62 -18.63 -37.14
N GLU C 3368 27.51 -18.78 -37.85
CA GLU C 3368 27.58 -19.05 -39.29
C GLU C 3368 28.21 -17.89 -40.04
N LYS C 3369 27.87 -16.66 -39.66
CA LYS C 3369 28.50 -15.50 -40.28
C LYS C 3369 30.01 -15.52 -40.05
N LEU C 3370 30.43 -15.83 -38.82
CA LEU C 3370 31.86 -15.88 -38.53
C LEU C 3370 32.56 -16.96 -39.36
N LEU C 3371 31.95 -18.14 -39.45
CA LEU C 3371 32.55 -19.24 -40.20
C LEU C 3371 32.66 -18.89 -41.69
N LYS C 3372 31.59 -18.33 -42.25
CA LYS C 3372 31.60 -17.94 -43.66
C LYS C 3372 32.66 -16.88 -43.93
N ARG C 3373 32.78 -15.91 -43.02
CA ARG C 3373 33.78 -14.87 -43.21
C ARG C 3373 35.20 -15.39 -43.05
N VAL C 3374 35.39 -16.41 -42.21
CA VAL C 3374 36.72 -17.01 -42.07
C VAL C 3374 37.10 -17.79 -43.31
N SER C 3375 36.17 -18.58 -43.84
CA SER C 3375 36.50 -19.47 -44.95
C SER C 3375 36.36 -18.82 -46.32
N CYS C 3376 36.17 -17.51 -46.40
CA CYS C 3376 36.00 -16.86 -47.71
C CYS C 3376 37.27 -16.97 -48.55
N ARG C 3377 38.43 -16.75 -47.94
CA ARG C 3377 39.69 -16.75 -48.67
C ARG C 3377 40.68 -17.77 -48.11
N ASP C 3378 40.23 -18.66 -47.24
CA ASP C 3378 41.10 -19.67 -46.64
C ASP C 3378 40.41 -21.03 -46.71
N GLY C 3379 39.90 -21.38 -47.89
CA GLY C 3379 39.19 -22.64 -48.04
C GLY C 3379 40.06 -23.86 -47.78
N THR C 3380 41.36 -23.75 -48.06
CA THR C 3380 42.27 -24.85 -47.80
C THR C 3380 42.36 -25.20 -46.32
N LYS C 3381 42.42 -24.19 -45.44
CA LYS C 3381 42.44 -24.46 -44.01
C LYS C 3381 41.16 -25.14 -43.56
N LEU C 3382 40.01 -24.69 -44.07
CA LEU C 3382 38.74 -25.33 -43.73
C LEU C 3382 38.72 -26.78 -44.19
N MET C 3383 39.24 -27.05 -45.41
CA MET C 3383 39.30 -28.42 -45.90
C MET C 3383 40.18 -29.28 -45.02
N SER C 3384 41.33 -28.74 -44.61
CA SER C 3384 42.24 -29.49 -43.73
C SER C 3384 41.58 -29.78 -42.40
N VAL C 3385 40.87 -28.80 -41.84
CA VAL C 3385 40.19 -29.01 -40.56
C VAL C 3385 39.11 -30.06 -40.69
N CYS C 3386 38.33 -30.01 -41.77
CA CYS C 3386 37.28 -31.01 -41.99
C CYS C 3386 37.87 -32.40 -42.15
N VAL C 3387 39.01 -32.51 -42.84
CA VAL C 3387 39.69 -33.79 -42.98
C VAL C 3387 40.16 -34.30 -41.63
N GLU C 3388 40.73 -33.41 -40.81
CA GLU C 3388 41.20 -33.79 -39.49
C GLU C 3388 40.06 -34.27 -38.61
N SER C 3389 38.91 -33.61 -38.72
CA SER C 3389 37.73 -33.99 -37.93
C SER C 3389 37.05 -35.25 -38.47
N LEU C 3390 37.30 -35.61 -39.73
CA LEU C 3390 36.70 -36.80 -40.31
C LEU C 3390 37.58 -38.01 -40.09
N ASP D 240 -1.26 19.13 -24.73
CA ASP D 240 -1.82 18.67 -23.46
C ASP D 240 -0.83 18.88 -22.32
N PRO D 241 -1.19 19.76 -21.38
CA PRO D 241 -0.26 20.08 -20.28
C PRO D 241 -0.35 19.13 -19.10
N ASN D 242 -1.32 18.22 -19.05
CA ASN D 242 -1.50 17.33 -17.92
C ASN D 242 -0.95 15.93 -18.16
N VAL D 243 -0.20 15.72 -19.24
CA VAL D 243 0.39 14.43 -19.56
C VAL D 243 1.90 14.57 -19.58
N GLN D 244 2.59 13.68 -18.87
CA GLN D 244 4.03 13.70 -18.78
C GLN D 244 4.60 12.39 -19.36
N GLN D 245 5.90 12.41 -19.65
CA GLN D 245 6.61 11.22 -20.09
C GLN D 245 7.34 10.63 -18.89
N VAL D 246 6.85 9.50 -18.39
CA VAL D 246 7.40 8.89 -17.19
C VAL D 246 8.41 7.81 -17.57
N ILE D 247 8.24 7.22 -18.74
CA ILE D 247 9.18 6.23 -19.27
C ILE D 247 9.71 6.78 -20.59
N ARG D 248 11.00 7.10 -20.62
CA ARG D 248 11.60 7.74 -21.79
C ARG D 248 12.68 6.84 -22.38
N PRO D 249 12.46 6.23 -23.55
CA PRO D 249 13.53 5.48 -24.20
C PRO D 249 14.62 6.41 -24.70
N LEU D 250 15.85 5.91 -24.71
CA LEU D 250 17.01 6.63 -25.20
C LEU D 250 17.48 6.01 -26.51
N ALA D 251 18.60 6.53 -27.01
CA ALA D 251 19.14 6.02 -28.27
C ALA D 251 19.66 4.60 -28.10
N THR D 252 19.38 3.76 -29.08
CA THR D 252 19.79 2.36 -29.02
C THR D 252 21.24 2.19 -29.47
N ILE D 253 21.98 1.37 -28.72
CA ILE D 253 23.35 1.03 -29.08
C ILE D 253 23.32 -0.28 -29.87
N PRO D 254 23.68 -0.28 -31.16
CA PRO D 254 23.66 -1.52 -31.93
C PRO D 254 24.70 -2.50 -31.44
N ILE D 255 24.38 -3.78 -31.56
CA ILE D 255 25.26 -4.84 -31.06
C ILE D 255 26.26 -5.28 -32.12
N TYR D 256 25.81 -5.52 -33.34
CA TYR D 256 26.70 -5.95 -34.41
C TYR D 256 27.22 -4.74 -35.16
N PRO D 257 28.53 -4.49 -35.17
CA PRO D 257 29.05 -3.34 -35.92
C PRO D 257 28.81 -3.53 -37.40
N PRO D 258 28.60 -2.43 -38.14
CA PRO D 258 28.33 -2.54 -39.57
C PRO D 258 29.61 -2.74 -40.35
N THR D 259 29.79 -3.94 -40.89
CA THR D 259 30.99 -4.28 -41.67
C THR D 259 30.73 -4.15 -43.16
N GLN D 291 59.11 9.43 -34.15
CA GLN D 291 59.75 8.28 -33.51
C GLN D 291 59.04 6.98 -33.88
N PRO D 292 59.80 5.90 -34.00
CA PRO D 292 59.20 4.60 -34.33
C PRO D 292 58.73 3.86 -33.08
N ILE D 293 57.85 2.88 -33.31
CA ILE D 293 57.32 2.02 -32.26
C ILE D 293 57.87 0.62 -32.48
N VAL D 294 58.52 0.08 -31.45
CA VAL D 294 59.13 -1.24 -31.53
C VAL D 294 58.68 -2.09 -30.35
N GLU D 295 58.80 -3.39 -30.52
CA GLU D 295 58.40 -4.34 -29.48
C GLU D 295 59.38 -4.32 -28.32
N ASP D 296 58.85 -4.54 -27.12
CA ASP D 296 59.68 -4.61 -25.92
C ASP D 296 60.31 -6.00 -25.83
N GLU D 297 61.12 -6.20 -24.79
CA GLU D 297 61.80 -7.47 -24.63
C GLU D 297 60.84 -8.58 -24.21
N ALA D 298 59.86 -8.25 -23.37
CA ALA D 298 58.90 -9.25 -22.92
C ALA D 298 58.05 -9.77 -24.08
N LEU D 299 57.64 -8.87 -24.98
CA LEU D 299 56.80 -9.27 -26.10
C LEU D 299 57.53 -10.23 -27.03
N LYS D 300 58.81 -9.99 -27.28
CA LYS D 300 59.57 -10.87 -28.16
C LYS D 300 59.73 -12.26 -27.57
N LYS D 301 59.67 -12.38 -26.24
CA LYS D 301 59.78 -13.67 -25.57
C LYS D 301 58.43 -14.32 -25.33
N ASP D 302 57.34 -13.68 -25.74
CA ASP D 302 56.00 -14.18 -25.45
C ASP D 302 55.59 -15.20 -26.51
N GLU D 303 55.19 -16.39 -26.06
CA GLU D 303 54.93 -17.50 -26.97
C GLU D 303 53.86 -17.17 -28.00
N PHE D 304 52.74 -16.60 -27.54
CA PHE D 304 51.65 -16.25 -28.46
C PHE D 304 52.08 -15.24 -29.50
N TRP D 305 52.98 -14.33 -29.13
CA TRP D 305 53.45 -13.33 -30.11
C TRP D 305 54.20 -13.99 -31.26
N LYS D 306 55.11 -14.93 -30.95
CA LYS D 306 55.85 -15.60 -32.02
C LYS D 306 54.94 -16.52 -32.82
N THR D 307 53.98 -17.17 -32.16
CA THR D 307 52.99 -17.95 -32.91
C THR D 307 52.18 -17.06 -33.84
N LEU D 308 51.93 -15.81 -33.44
CA LEU D 308 51.21 -14.88 -34.30
C LEU D 308 52.07 -14.42 -35.46
N LYS D 309 53.38 -14.27 -35.24
CA LYS D 309 54.25 -13.77 -36.30
C LYS D 309 54.36 -14.73 -37.47
N THR D 310 54.10 -16.01 -37.25
CA THR D 310 54.15 -17.00 -38.33
C THR D 310 52.80 -17.21 -39.00
N ARG D 311 51.78 -16.42 -38.67
CA ARG D 311 50.46 -16.59 -39.25
C ARG D 311 50.10 -15.51 -40.26
N ILE D 312 50.65 -14.30 -40.14
CA ILE D 312 50.31 -13.18 -40.99
C ILE D 312 51.59 -12.52 -41.49
N SER D 313 51.43 -11.59 -42.42
CA SER D 313 52.55 -10.87 -43.00
C SER D 313 53.12 -9.86 -42.01
N GLU D 314 54.23 -9.23 -42.39
CA GLU D 314 54.90 -8.30 -41.49
C GLU D 314 54.14 -6.98 -41.39
N GLU D 315 53.49 -6.55 -42.47
CA GLU D 315 52.69 -5.33 -42.42
C GLU D 315 51.52 -5.48 -41.45
N ASP D 316 50.88 -6.65 -41.46
CA ASP D 316 49.78 -6.90 -40.53
C ASP D 316 50.26 -6.88 -39.09
N VAL D 317 51.44 -7.45 -38.84
CA VAL D 317 51.99 -7.43 -37.48
C VAL D 317 52.32 -6.01 -37.06
N ASP D 318 52.86 -5.21 -37.98
CA ASP D 318 53.15 -3.82 -37.66
C ASP D 318 51.88 -3.04 -37.33
N LEU D 319 50.82 -3.27 -38.11
CA LEU D 319 49.55 -2.62 -37.83
C LEU D 319 49.00 -3.03 -36.47
N ILE D 320 49.08 -4.33 -36.16
CA ILE D 320 48.58 -4.82 -34.87
C ILE D 320 49.38 -4.20 -33.72
N LEU D 321 50.70 -4.13 -33.87
CA LEU D 321 51.54 -3.53 -32.82
C LEU D 321 51.24 -2.05 -32.65
N GLU D 322 51.07 -1.32 -33.75
CA GLU D 322 50.77 0.10 -33.65
C GLU D 322 49.42 0.32 -32.97
N THR D 323 48.42 -0.50 -33.30
CA THR D 323 47.12 -0.40 -32.63
C THR D 323 47.24 -0.77 -31.16
N MET D 324 48.07 -1.77 -30.84
CA MET D 324 48.25 -2.21 -29.46
C MET D 324 48.83 -1.11 -28.59
N LYS D 325 49.87 -0.44 -29.07
CA LYS D 325 50.63 0.48 -28.25
C LYS D 325 50.05 1.89 -28.21
N SER D 326 48.98 2.17 -28.96
CA SER D 326 48.43 3.50 -29.06
C SER D 326 47.13 3.61 -28.26
N THR D 327 46.82 4.83 -27.83
CA THR D 327 45.63 5.14 -27.08
C THR D 327 44.63 5.88 -27.97
N ALA D 328 43.37 5.48 -27.90
CA ALA D 328 42.34 6.10 -28.72
C ALA D 328 42.15 7.57 -28.34
N LYS D 329 41.94 8.39 -29.35
CA LYS D 329 41.72 9.83 -29.16
C LYS D 329 40.26 10.04 -28.79
N VAL D 330 39.99 10.08 -27.48
CA VAL D 330 38.63 10.25 -26.99
C VAL D 330 38.18 11.69 -27.23
N LYS D 331 37.04 11.85 -27.88
CA LYS D 331 36.51 13.17 -28.19
C LYS D 331 35.93 13.84 -26.94
N ALA D 353 2.85 10.20 -30.71
CA ALA D 353 3.63 9.28 -31.51
C ALA D 353 2.80 8.06 -31.92
N GLN D 354 3.41 7.17 -32.70
CA GLN D 354 2.72 5.98 -33.20
C GLN D 354 3.73 4.88 -33.40
N VAL D 355 3.23 3.65 -33.45
CA VAL D 355 4.07 2.45 -33.59
C VAL D 355 3.89 1.93 -35.00
N THR D 356 4.98 1.87 -35.76
CA THR D 356 4.96 1.38 -37.13
C THR D 356 5.74 0.09 -37.35
N THR D 357 6.70 -0.23 -36.49
CA THR D 357 7.47 -1.47 -36.61
C THR D 357 6.74 -2.57 -35.85
N THR D 358 6.53 -3.70 -36.53
CA THR D 358 5.82 -4.82 -35.92
C THR D 358 6.73 -5.57 -34.95
N SER D 359 6.09 -6.32 -34.04
CA SER D 359 6.84 -7.04 -33.02
C SER D 359 7.72 -8.13 -33.64
N ASP D 360 7.21 -8.83 -34.65
CA ASP D 360 7.92 -9.94 -35.26
C ASP D 360 8.86 -9.51 -36.39
N SER D 361 9.00 -8.20 -36.61
CA SER D 361 9.86 -7.72 -37.67
C SER D 361 11.31 -8.04 -37.39
N GLU D 362 12.08 -8.27 -38.46
CA GLU D 362 13.52 -8.43 -38.33
C GLU D 362 14.20 -7.07 -38.45
N GLY D 363 15.27 -6.91 -37.70
CA GLY D 363 16.02 -5.66 -37.69
C GLY D 363 17.38 -5.84 -37.09
N ASP D 364 17.91 -4.76 -36.51
CA ASP D 364 19.22 -4.74 -35.91
C ASP D 364 19.11 -4.85 -34.41
N PRO D 365 19.62 -5.91 -33.79
CA PRO D 365 19.56 -6.03 -32.33
C PRO D 365 20.45 -4.98 -31.67
N GLY D 366 20.07 -4.64 -30.43
CA GLY D 366 20.83 -3.65 -29.69
C GLY D 366 20.37 -3.57 -28.26
N TRP D 367 21.02 -2.69 -27.51
CA TRP D 367 20.67 -2.41 -26.12
C TRP D 367 19.92 -1.09 -26.06
N LEU D 368 18.73 -1.11 -25.48
CA LEU D 368 17.89 0.08 -25.39
C LEU D 368 17.79 0.52 -23.93
N PRO D 369 18.32 1.68 -23.56
CA PRO D 369 18.15 2.16 -22.19
C PRO D 369 16.88 2.96 -22.00
N LEU D 370 16.24 2.75 -20.85
CA LEU D 370 15.01 3.44 -20.49
C LEU D 370 15.25 4.28 -19.26
N SER D 371 14.92 5.57 -19.33
CA SER D 371 15.00 6.46 -18.20
C SER D 371 13.63 6.61 -17.55
N PHE D 372 13.61 6.64 -16.22
CA PHE D 372 12.37 6.66 -15.45
C PHE D 372 12.26 8.00 -14.73
N GLU D 373 11.47 8.91 -15.29
CA GLU D 373 11.16 10.18 -14.65
C GLU D 373 9.81 10.10 -13.94
N THR D 374 9.73 9.20 -12.96
CA THR D 374 8.53 8.95 -12.20
C THR D 374 8.70 9.45 -10.77
N THR D 375 7.60 9.46 -10.04
CA THR D 375 7.57 9.87 -8.65
C THR D 375 7.12 8.69 -7.79
N PRO D 376 7.80 8.38 -6.70
CA PRO D 376 7.32 7.32 -5.80
C PRO D 376 5.92 7.65 -5.29
N ILE D 377 5.09 6.61 -5.17
CA ILE D 377 3.70 6.84 -4.81
C ILE D 377 3.58 7.37 -3.39
N ARG D 378 4.50 6.98 -2.49
CA ARG D 378 4.48 7.50 -1.14
C ARG D 378 4.84 8.98 -1.07
N SER D 379 5.50 9.51 -2.09
CA SER D 379 5.90 10.91 -2.14
C SER D 379 4.99 11.75 -3.02
N THR D 380 3.77 11.28 -3.29
CA THR D 380 2.84 12.04 -4.12
C THR D 380 2.46 13.35 -3.43
N GLY D 381 2.56 14.45 -4.16
CA GLY D 381 2.23 15.75 -3.60
C GLY D 381 3.16 16.20 -2.48
N CYS D 382 4.44 15.88 -2.59
CA CYS D 382 5.42 16.26 -1.59
C CYS D 382 6.70 16.70 -2.26
N GLY D 383 7.49 17.50 -1.54
CA GLY D 383 8.81 17.89 -1.98
C GLY D 383 8.87 19.09 -2.91
N GLY D 384 7.74 19.74 -3.18
CA GLY D 384 7.75 20.89 -4.07
C GLY D 384 7.01 22.10 -3.53
N TYR D 385 7.09 22.31 -2.21
CA TYR D 385 6.35 23.41 -1.60
C TYR D 385 6.84 24.76 -2.10
N TRP D 386 8.16 24.95 -2.19
CA TRP D 386 8.74 26.18 -2.67
C TRP D 386 9.29 26.04 -4.09
N SER D 387 8.70 25.16 -4.90
CA SER D 387 9.22 24.92 -6.23
C SER D 387 8.95 26.07 -7.19
N ASP D 388 8.03 26.97 -6.87
CA ASP D 388 7.70 28.06 -7.76
C ASP D 388 8.87 29.02 -7.90
N LYS D 389 9.13 29.45 -9.14
CA LYS D 389 10.28 30.29 -9.43
C LYS D 389 10.11 31.72 -8.95
N ARG D 390 8.91 32.11 -8.54
CA ARG D 390 8.67 33.50 -8.13
C ARG D 390 9.05 33.75 -6.68
N PHE D 391 9.38 32.73 -5.91
CA PHE D 391 9.82 32.92 -4.54
C PHE D 391 11.21 33.55 -4.51
N LEU D 392 11.48 34.31 -3.45
CA LEU D 392 12.71 35.08 -3.36
C LEU D 392 13.72 34.55 -2.35
N ARG D 393 13.30 33.67 -1.44
CA ARG D 393 14.21 33.15 -0.44
C ARG D 393 15.35 32.40 -1.11
N PRO D 394 16.57 32.50 -0.60
CA PRO D 394 17.67 31.73 -1.20
C PRO D 394 17.51 30.24 -0.97
N ARG D 395 17.11 29.55 -2.03
CA ARG D 395 16.84 28.12 -1.99
C ARG D 395 18.14 27.31 -2.08
N LYS D 396 18.01 26.04 -2.40
CA LYS D 396 19.12 25.10 -2.42
C LYS D 396 20.06 25.34 -3.59
N MET D 397 20.89 26.39 -3.49
CA MET D 397 21.90 26.66 -4.49
C MET D 397 23.27 26.22 -3.99
N GLN D 398 24.19 26.01 -4.94
CA GLN D 398 25.54 25.57 -4.60
C GLN D 398 26.33 26.70 -3.95
N ARG D 399 27.27 26.30 -3.10
CA ARG D 399 28.11 27.25 -2.39
C ARG D 399 29.12 27.88 -3.33
N GLU D 400 29.65 29.03 -2.92
CA GLU D 400 30.62 29.78 -3.72
C GLU D 400 32.02 29.26 -3.44
N GLN D 401 32.71 28.83 -4.49
CA GLN D 401 34.04 28.24 -4.35
C GLN D 401 34.92 28.69 -5.50
N SER D 402 36.20 28.91 -5.21
CA SER D 402 37.15 29.28 -6.24
C SER D 402 37.47 28.07 -7.13
N VAL D 403 38.07 28.36 -8.30
CA VAL D 403 38.33 27.32 -9.28
C VAL D 403 39.32 26.30 -8.73
N ALA D 404 40.39 26.77 -8.10
CA ALA D 404 41.42 25.86 -7.59
C ALA D 404 40.86 24.94 -6.51
N SER D 405 40.10 25.51 -5.57
CA SER D 405 39.53 24.70 -4.50
C SER D 405 38.54 23.68 -5.05
N SER D 406 37.70 24.10 -6.00
CA SER D 406 36.74 23.20 -6.61
C SER D 406 37.45 22.05 -7.33
N ASN D 407 38.50 22.36 -8.09
CA ASN D 407 39.23 21.32 -8.80
C ASN D 407 39.89 20.36 -7.82
N ALA D 408 40.49 20.88 -6.75
CA ALA D 408 41.13 20.01 -5.77
C ALA D 408 40.11 19.10 -5.10
N GLU D 409 38.94 19.64 -4.72
CA GLU D 409 37.92 18.83 -4.08
C GLU D 409 37.41 17.74 -5.02
N ILE D 410 37.15 18.09 -6.28
CA ILE D 410 36.67 17.12 -7.25
C ILE D 410 37.69 16.00 -7.42
N MET D 411 38.97 16.37 -7.54
CA MET D 411 40.01 15.37 -7.75
C MET D 411 40.13 14.45 -6.53
N GLU D 412 40.05 15.00 -5.32
CA GLU D 412 40.16 14.16 -4.13
C GLU D 412 38.97 13.21 -4.03
N LYS D 413 37.75 13.70 -4.30
CA LYS D 413 36.59 12.83 -4.26
C LYS D 413 36.70 11.71 -5.29
N ALA D 414 37.15 12.04 -6.50
CA ALA D 414 37.32 11.01 -7.52
C ALA D 414 38.38 10.00 -7.11
N GLU D 415 39.46 10.47 -6.49
CA GLU D 415 40.51 9.57 -6.02
C GLU D 415 39.97 8.57 -5.00
N ILE D 416 39.20 9.07 -4.04
CA ILE D 416 38.64 8.18 -3.03
C ILE D 416 37.68 7.17 -3.65
N ALA D 417 36.81 7.64 -4.56
CA ALA D 417 35.89 6.72 -5.21
C ALA D 417 36.62 5.65 -6.02
N LEU D 418 37.65 6.05 -6.76
CA LEU D 418 38.42 5.10 -7.54
C LEU D 418 39.12 4.08 -6.65
N ALA D 419 39.68 4.52 -5.52
CA ALA D 419 40.31 3.58 -4.60
C ALA D 419 39.29 2.59 -4.05
N LEU D 420 38.10 3.07 -3.68
CA LEU D 420 37.07 2.18 -3.16
C LEU D 420 36.67 1.13 -4.18
N ILE D 421 36.47 1.55 -5.44
CA ILE D 421 36.07 0.58 -6.46
C ILE D 421 37.21 -0.39 -6.77
N ARG D 422 38.43 0.13 -6.85
CA ARG D 422 39.58 -0.70 -7.18
C ARG D 422 39.89 -1.73 -6.10
N ALA D 423 39.56 -1.45 -4.84
CA ALA D 423 39.80 -2.43 -3.79
C ALA D 423 38.93 -3.68 -3.94
N SER D 424 37.89 -3.63 -4.78
CA SER D 424 36.97 -4.76 -4.89
C SER D 424 37.51 -5.90 -5.74
N CYS D 425 38.61 -5.68 -6.47
CA CYS D 425 39.17 -6.73 -7.31
C CYS D 425 39.75 -7.85 -6.44
N LEU D 426 39.54 -9.09 -6.88
CA LEU D 426 40.02 -10.24 -6.11
C LEU D 426 41.54 -10.28 -6.05
N HIS D 427 42.20 -9.99 -7.17
CA HIS D 427 43.66 -9.95 -7.25
C HIS D 427 44.06 -8.49 -7.43
N GLU D 428 44.73 -7.93 -6.42
CA GLU D 428 45.08 -6.53 -6.48
C GLU D 428 46.10 -6.29 -7.60
N PRO D 429 45.81 -5.41 -8.55
CA PRO D 429 46.73 -5.19 -9.66
C PRO D 429 47.87 -4.26 -9.26
N VAL D 430 49.05 -4.56 -9.80
CA VAL D 430 50.24 -3.74 -9.59
C VAL D 430 50.68 -3.20 -10.95
N PHE D 431 50.80 -1.89 -11.05
CA PHE D 431 51.14 -1.22 -12.30
C PHE D 431 52.51 -0.56 -12.15
N THR D 432 53.51 -1.11 -12.84
CA THR D 432 54.83 -0.50 -12.83
C THR D 432 54.84 0.78 -13.65
N ASP D 433 54.13 0.80 -14.78
CA ASP D 433 54.04 1.97 -15.64
C ASP D 433 52.63 2.02 -16.22
N PRO D 434 51.76 2.91 -15.72
CA PRO D 434 50.39 2.96 -16.21
C PRO D 434 50.20 3.76 -17.48
N THR D 435 51.22 4.49 -17.96
CA THR D 435 51.07 5.23 -19.20
C THR D 435 51.20 4.35 -20.44
N LYS D 436 51.64 3.10 -20.29
CA LYS D 436 51.70 2.16 -21.39
C LYS D 436 50.50 1.21 -21.29
N PRO D 437 49.55 1.28 -22.23
CA PRO D 437 48.31 0.50 -22.03
C PRO D 437 48.50 -1.00 -22.12
N ASP D 438 49.32 -1.47 -23.07
CA ASP D 438 49.52 -2.90 -23.22
C ASP D 438 50.20 -3.50 -21.99
N ILE D 439 51.21 -2.81 -21.45
CA ILE D 439 51.89 -3.30 -20.27
C ILE D 439 50.94 -3.37 -19.08
N ALA D 440 50.11 -2.33 -18.91
CA ALA D 440 49.16 -2.32 -17.80
C ALA D 440 48.14 -3.45 -17.93
N LEU D 441 47.60 -3.66 -19.13
CA LEU D 441 46.64 -4.73 -19.32
C LEU D 441 47.27 -6.09 -19.09
N LYS D 442 48.51 -6.28 -19.54
CA LYS D 442 49.21 -7.54 -19.30
C LYS D 442 49.40 -7.77 -17.80
N GLU D 443 49.84 -6.74 -17.07
CA GLU D 443 50.05 -6.89 -15.64
C GLU D 443 48.73 -7.18 -14.91
N ALA D 444 47.63 -6.62 -15.41
CA ALA D 444 46.35 -6.85 -14.76
C ALA D 444 45.80 -8.25 -15.04
N LEU D 445 45.95 -8.74 -16.28
CA LEU D 445 45.23 -9.94 -16.70
C LEU D 445 46.11 -11.17 -16.89
N GLN D 446 47.42 -11.10 -16.64
CA GLN D 446 48.27 -12.23 -16.96
C GLN D 446 48.11 -13.40 -15.99
N HIS D 447 47.63 -13.15 -14.77
CA HIS D 447 47.51 -14.22 -13.79
C HIS D 447 46.27 -15.09 -14.02
N LEU D 448 45.30 -14.61 -14.80
CA LEU D 448 44.08 -15.38 -15.03
C LEU D 448 44.29 -16.54 -15.99
N ARG D 449 45.38 -16.53 -16.76
CA ARG D 449 45.69 -17.57 -17.74
C ARG D 449 44.54 -17.73 -18.74
N LEU D 450 44.18 -16.62 -19.38
CA LEU D 450 43.12 -16.63 -20.37
C LEU D 450 43.46 -17.48 -21.58
N GLY D 451 44.75 -17.70 -21.84
CA GLY D 451 45.19 -18.42 -23.00
C GLY D 451 45.20 -19.92 -22.88
N GLU D 452 44.68 -20.47 -21.79
CA GLU D 452 44.64 -21.91 -21.60
C GLU D 452 43.75 -22.56 -22.65
N LYS D 453 44.35 -23.24 -23.61
CA LYS D 453 43.60 -23.83 -24.70
C LYS D 453 42.73 -24.97 -24.19
N PRO D 454 41.51 -25.13 -24.71
CA PRO D 454 40.69 -26.26 -24.30
C PRO D 454 41.35 -27.58 -24.68
N ALA D 455 41.09 -28.61 -23.87
CA ALA D 455 41.72 -29.90 -24.04
C ALA D 455 41.21 -30.56 -25.32
N LYS D 456 41.69 -31.77 -25.60
CA LYS D 456 41.29 -32.51 -26.78
C LYS D 456 39.77 -32.65 -26.83
N MET D 457 39.16 -32.00 -27.80
CA MET D 457 37.71 -31.88 -27.86
C MET D 457 37.10 -33.08 -28.57
N MET D 458 35.89 -33.44 -28.15
CA MET D 458 35.16 -34.58 -28.70
C MET D 458 33.92 -34.08 -29.42
N GLU D 459 33.17 -35.02 -29.99
CA GLU D 459 31.92 -34.71 -30.66
C GLU D 459 30.85 -34.40 -29.63
N TYR D 460 30.12 -33.31 -29.85
CA TYR D 460 29.06 -32.92 -28.93
C TYR D 460 27.94 -33.95 -28.95
N GLN D 461 27.50 -34.38 -27.78
CA GLN D 461 26.38 -35.30 -27.69
C GLN D 461 25.08 -34.52 -27.92
N ALA D 462 24.27 -35.00 -28.86
CA ALA D 462 23.06 -34.26 -29.24
C ALA D 462 22.05 -34.25 -28.11
N ALA D 463 21.43 -33.09 -27.90
CA ALA D 463 20.37 -32.98 -26.89
C ALA D 463 19.13 -33.71 -27.36
N GLU D 464 18.49 -34.43 -26.45
CA GLU D 464 17.32 -35.22 -26.81
C GLU D 464 16.15 -34.33 -27.21
N GLU D 465 15.35 -34.83 -28.15
CA GLU D 465 14.26 -34.06 -28.74
C GLU D 465 12.94 -34.38 -28.05
N LEU D 466 11.98 -33.48 -28.24
CA LEU D 466 10.65 -33.64 -27.68
C LEU D 466 9.82 -34.50 -28.62
N VAL D 467 9.49 -35.72 -28.19
CA VAL D 467 8.69 -36.64 -28.96
C VAL D 467 7.47 -37.04 -28.13
N ASN D 468 6.32 -37.14 -28.79
CA ASN D 468 5.07 -37.54 -28.15
C ASN D 468 4.44 -38.64 -28.99
N MET D 469 4.64 -39.88 -28.58
CA MET D 469 4.07 -41.03 -29.25
C MET D 469 2.93 -41.57 -28.38
N PRO D 470 1.67 -41.37 -28.76
CA PRO D 470 0.57 -41.87 -27.91
C PRO D 470 0.65 -43.38 -27.73
N GLU D 471 0.35 -43.83 -26.52
CA GLU D 471 0.50 -45.23 -26.16
C GLU D 471 -0.62 -46.04 -26.80
N ARG D 472 -0.26 -47.15 -27.44
CA ARG D 472 -1.24 -48.04 -28.03
C ARG D 472 -1.70 -49.08 -27.02
N ASP D 473 -2.89 -49.61 -27.25
CA ASP D 473 -3.37 -50.72 -26.44
C ASP D 473 -2.60 -51.99 -26.80
N PRO D 474 -1.94 -52.64 -25.84
CA PRO D 474 -1.16 -53.83 -26.18
C PRO D 474 -1.98 -54.94 -26.81
N ILE D 475 -3.28 -55.00 -26.52
CA ILE D 475 -4.14 -56.01 -27.14
C ILE D 475 -4.20 -55.80 -28.65
N THR D 476 -4.35 -54.54 -29.09
CA THR D 476 -4.50 -54.26 -30.51
C THR D 476 -3.19 -54.43 -31.27
N THR D 477 -2.06 -54.21 -30.61
CA THR D 477 -0.77 -54.30 -31.29
C THR D 477 -0.29 -55.72 -31.48
N GLY D 478 -0.91 -56.70 -30.81
CA GLY D 478 -0.50 -58.08 -30.94
C GLY D 478 -0.86 -58.69 -32.27
N GLU D 483 -8.90 -63.57 -26.92
CA GLU D 483 -10.25 -64.08 -27.05
C GLU D 483 -11.27 -63.07 -26.53
N ILE D 484 -12.25 -62.75 -27.37
CA ILE D 484 -13.32 -61.81 -27.02
C ILE D 484 -14.50 -62.61 -26.48
N PRO D 485 -14.89 -62.43 -25.22
CA PRO D 485 -16.02 -63.19 -24.69
C PRO D 485 -17.34 -62.74 -25.28
N ASP D 486 -18.30 -63.66 -25.28
CA ASP D 486 -19.66 -63.36 -25.74
C ASP D 486 -20.46 -62.88 -24.54
N PHE D 487 -20.70 -61.57 -24.49
CA PHE D 487 -21.35 -60.98 -23.32
C PHE D 487 -22.81 -61.43 -23.21
N THR D 488 -23.45 -61.72 -24.33
CA THR D 488 -24.87 -62.08 -24.34
C THR D 488 -25.12 -63.56 -24.07
N ALA D 489 -24.08 -64.35 -23.84
CA ALA D 489 -24.27 -65.78 -23.66
C ALA D 489 -24.88 -66.10 -22.29
N ARG D 490 -24.16 -65.79 -21.22
CA ARG D 490 -24.62 -66.10 -19.87
C ARG D 490 -25.25 -64.87 -19.23
N GLY D 491 -25.73 -65.05 -18.00
CA GLY D 491 -26.33 -63.96 -17.25
C GLY D 491 -27.83 -63.88 -17.38
N TYR D 492 -28.51 -65.01 -17.21
CA TYR D 492 -29.95 -65.05 -17.35
C TYR D 492 -30.59 -65.88 -16.23
ZN ZN E . 1.89 -21.66 -10.71
ZN ZN F . -6.36 22.76 5.24
#